data_5VKV
#
_entry.id   5VKV
#
_entity_poly.entity_id   1
_entity_poly.type   'polypeptide(L)'
_entity_poly.pdbx_seq_one_letter_code
;MSLSLTAAFLAGVLSFLSPCVLPLVPTYLFYLGGARGRPLFNALFFILGFGAVFFLLGLPFTLLGGLLFEHRQTLARVGG
VVLVLFGLYMLGLRPRWGVSLRYEGETSRPLGAFLLGATLALGWTPCIGPILGAILTLTAVGGGVGFLLAYILGLAVPFF
VVALFADRIKGWLRRAGRISHYVEVLAGVVLVLVGVLLFTGTFTALNTFFLRITPEWLQRYLPSHHHHHHHH
;
_entity_poly.pdbx_strand_id   A
#
# COMPACT_ATOMS: atom_id res chain seq x y z
N MET A 1 4.45 24.51 -19.10
CA MET A 1 5.77 24.82 -18.48
C MET A 1 5.85 24.24 -17.08
N SER A 2 4.70 23.85 -16.54
CA SER A 2 4.62 23.27 -15.21
C SER A 2 4.58 21.75 -15.30
N LEU A 3 5.34 21.08 -14.43
CA LEU A 3 5.37 19.62 -14.43
C LEU A 3 4.82 19.06 -13.12
N SER A 4 3.57 18.58 -13.17
CA SER A 4 2.93 18.01 -12.00
C SER A 4 3.50 16.63 -11.67
N LEU A 5 4.17 16.03 -12.66
CA LEU A 5 4.78 14.71 -12.49
C LEU A 5 5.88 14.76 -11.43
N THR A 6 6.50 15.93 -11.26
CA THR A 6 7.56 16.10 -10.27
C THR A 6 7.02 15.81 -8.86
N ALA A 7 5.88 16.41 -8.54
CA ALA A 7 5.23 16.20 -7.25
C ALA A 7 4.85 14.75 -7.06
N ALA A 8 4.24 14.15 -8.09
CA ALA A 8 3.83 12.76 -8.05
C ALA A 8 5.03 11.84 -7.91
N PHE A 9 6.14 12.23 -8.52
CA PHE A 9 7.37 11.46 -8.47
C PHE A 9 7.92 11.42 -7.04
N LEU A 10 8.07 12.61 -6.44
CA LEU A 10 8.56 12.70 -5.08
C LEU A 10 7.60 11.99 -4.12
N ALA A 11 6.30 12.12 -4.40
CA ALA A 11 5.28 11.47 -3.59
C ALA A 11 5.43 9.96 -3.67
N GLY A 12 5.67 9.45 -4.87
CA GLY A 12 5.85 8.01 -5.06
C GLY A 12 7.03 7.48 -4.27
N VAL A 13 8.12 8.24 -4.26
CA VAL A 13 9.31 7.85 -3.51
C VAL A 13 9.00 7.85 -2.01
N LEU A 14 8.21 8.82 -1.59
CA LEU A 14 7.82 8.93 -0.19
C LEU A 14 6.99 7.72 0.23
N SER A 15 6.08 7.28 -0.65
CA SER A 15 5.24 6.12 -0.37
C SER A 15 6.09 4.84 -0.28
N PHE A 16 7.16 4.80 -1.07
CA PHE A 16 8.05 3.65 -1.07
C PHE A 16 8.84 3.56 0.24
N LEU A 17 9.22 4.71 0.77
CA LEU A 17 9.97 4.74 2.02
C LEU A 17 9.02 4.84 3.23
N SER A 18 7.73 4.95 2.95
CA SER A 18 6.72 5.03 4.00
C SER A 18 6.42 3.65 4.55
N PRO A 19 6.58 3.47 5.88
CA PRO A 19 6.33 2.17 6.53
C PRO A 19 4.86 1.77 6.51
N CYS A 20 4.00 2.70 6.08
CA CYS A 20 2.57 2.46 5.99
C CYS A 20 2.21 1.84 4.65
N VAL A 21 3.12 1.90 3.69
CA VAL A 21 2.89 1.35 2.37
C VAL A 21 3.87 0.22 2.09
N LEU A 22 5.10 0.60 1.72
CA LEU A 22 6.17 -0.37 1.42
C LEU A 22 5.71 -1.42 0.41
N PRO A 23 5.74 -1.12 -0.90
CA PRO A 23 5.31 -2.04 -1.96
C PRO A 23 6.02 -3.39 -1.91
N LEU A 24 7.22 -3.41 -1.32
CA LEU A 24 7.98 -4.65 -1.20
C LEU A 24 7.26 -5.67 -0.31
N VAL A 25 6.42 -5.17 0.61
CA VAL A 25 5.66 -6.03 1.51
C VAL A 25 4.61 -6.86 0.74
N PRO A 26 3.63 -6.21 0.06
CA PRO A 26 2.60 -6.94 -0.71
C PRO A 26 3.22 -7.81 -1.82
N THR A 27 4.30 -7.33 -2.42
CA THR A 27 4.98 -8.08 -3.48
C THR A 27 5.58 -9.38 -2.94
N TYR A 28 6.08 -9.33 -1.71
CA TYR A 28 6.66 -10.52 -1.09
C TYR A 28 5.59 -11.57 -0.83
N LEU A 29 4.36 -11.12 -0.63
CA LEU A 29 3.25 -12.03 -0.40
C LEU A 29 2.68 -12.51 -1.73
N PHE A 30 2.67 -11.62 -2.72
CA PHE A 30 2.18 -11.95 -4.06
C PHE A 30 3.05 -13.03 -4.69
N TYR A 31 4.37 -12.89 -4.55
CA TYR A 31 5.30 -13.87 -5.10
C TYR A 31 5.30 -15.14 -4.27
N LEU A 32 4.85 -15.03 -3.01
CA LEU A 32 4.79 -16.18 -2.12
C LEU A 32 3.59 -17.06 -2.48
N GLY A 33 2.64 -16.48 -3.22
CA GLY A 33 1.47 -17.23 -3.64
C GLY A 33 1.69 -17.92 -4.97
N GLY A 34 2.85 -17.66 -5.57
CA GLY A 34 3.18 -18.27 -6.85
C GLY A 34 2.61 -17.50 -8.02
N ALA A 35 1.28 -17.37 -8.04
CA ALA A 35 0.57 -16.67 -9.10
C ALA A 35 0.88 -17.28 -10.47
N ARG A 36 1.56 -16.54 -11.33
CA ARG A 36 1.93 -17.03 -12.66
C ARG A 36 3.40 -16.76 -12.95
N GLY A 37 3.89 -15.62 -12.48
CA GLY A 37 5.27 -15.26 -12.70
C GLY A 37 5.43 -14.16 -13.74
N ARG A 38 4.33 -13.46 -14.00
CA ARG A 38 4.32 -12.37 -14.98
C ARG A 38 4.14 -11.02 -14.28
N PRO A 39 5.25 -10.30 -14.03
CA PRO A 39 5.19 -9.00 -13.35
C PRO A 39 4.57 -7.91 -14.22
N LEU A 40 4.76 -8.01 -15.53
CA LEU A 40 4.20 -7.03 -16.47
C LEU A 40 2.68 -7.05 -16.45
N PHE A 41 2.11 -8.25 -16.46
CA PHE A 41 0.66 -8.40 -16.45
C PHE A 41 0.09 -8.08 -15.07
N ASN A 42 0.83 -8.44 -14.03
CA ASN A 42 0.40 -8.17 -12.66
C ASN A 42 0.36 -6.66 -12.41
N ALA A 43 1.38 -5.96 -12.91
CA ALA A 43 1.47 -4.52 -12.77
C ALA A 43 0.34 -3.84 -13.53
N LEU A 44 0.20 -4.18 -14.81
CA LEU A 44 -0.84 -3.61 -15.65
C LEU A 44 -2.22 -3.82 -15.03
N PHE A 45 -2.45 -5.01 -14.49
CA PHE A 45 -3.73 -5.33 -13.86
C PHE A 45 -3.96 -4.46 -12.63
N PHE A 46 -2.93 -4.31 -11.81
CA PHE A 46 -3.03 -3.48 -10.61
C PHE A 46 -3.22 -2.01 -10.98
N ILE A 47 -2.50 -1.58 -12.01
CA ILE A 47 -2.59 -0.20 -12.48
C ILE A 47 -4.01 0.12 -12.94
N LEU A 48 -4.58 -0.76 -13.77
CA LEU A 48 -5.93 -0.59 -14.28
C LEU A 48 -6.95 -0.65 -13.14
N GLY A 49 -6.80 -1.66 -12.28
CA GLY A 49 -7.71 -1.81 -11.16
C GLY A 49 -7.70 -0.60 -10.24
N PHE A 50 -6.52 -0.15 -9.87
CA PHE A 50 -6.38 1.00 -8.98
C PHE A 50 -6.88 2.28 -9.66
N GLY A 51 -6.54 2.44 -10.95
CA GLY A 51 -6.97 3.60 -11.69
C GLY A 51 -8.48 3.69 -11.78
N ALA A 52 -9.12 2.55 -12.07
CA ALA A 52 -10.57 2.50 -12.19
C ALA A 52 -11.24 2.90 -10.88
N VAL A 53 -10.74 2.36 -9.77
CA VAL A 53 -11.29 2.67 -8.45
C VAL A 53 -11.07 4.14 -8.09
N PHE A 54 -9.88 4.66 -8.39
CA PHE A 54 -9.55 6.05 -8.10
C PHE A 54 -10.43 7.01 -8.90
N PHE A 55 -10.88 6.58 -10.07
CA PHE A 55 -11.73 7.40 -10.91
C PHE A 55 -13.19 7.27 -10.50
N LEU A 56 -13.65 6.03 -10.30
CA LEU A 56 -15.03 5.78 -9.91
C LEU A 56 -15.32 6.36 -8.52
N LEU A 57 -14.36 6.24 -7.62
CA LEU A 57 -14.52 6.77 -6.26
C LEU A 57 -14.13 8.24 -6.21
N GLY A 58 -13.36 8.68 -7.21
CA GLY A 58 -12.94 10.07 -7.27
C GLY A 58 -14.06 10.99 -7.69
N LEU A 59 -15.02 10.45 -8.45
CA LEU A 59 -16.17 11.22 -8.92
C LEU A 59 -17.03 11.76 -7.75
N PRO A 60 -17.52 10.88 -6.84
CA PRO A 60 -18.36 11.31 -5.71
C PRO A 60 -17.59 12.17 -4.71
N PHE A 61 -16.27 12.20 -4.81
CA PHE A 61 -15.42 13.00 -3.92
C PHE A 61 -15.75 14.48 -4.04
N THR A 62 -16.40 14.87 -5.13
CA THR A 62 -16.79 16.25 -5.34
C THR A 62 -17.92 16.64 -4.40
N LEU A 63 -18.87 15.73 -4.23
CA LEU A 63 -20.01 15.95 -3.36
C LEU A 63 -19.71 15.51 -1.93
N LEU A 64 -18.71 14.63 -1.79
CA LEU A 64 -18.31 14.13 -0.47
C LEU A 64 -17.64 15.24 0.35
N GLY A 65 -17.21 16.30 -0.33
CA GLY A 65 -16.58 17.41 0.35
C GLY A 65 -17.52 18.09 1.32
N GLY A 66 -18.83 17.97 1.05
CA GLY A 66 -19.84 18.56 1.91
C GLY A 66 -20.01 17.80 3.20
N LEU A 67 -19.62 16.52 3.19
CA LEU A 67 -19.74 15.66 4.37
C LEU A 67 -18.60 15.93 5.35
N LEU A 68 -17.51 16.52 4.83
CA LEU A 68 -16.34 16.83 5.64
C LEU A 68 -16.68 17.87 6.71
N PHE A 69 -17.78 18.59 6.49
CA PHE A 69 -18.24 19.61 7.44
C PHE A 69 -18.76 18.95 8.72
N GLU A 70 -19.05 17.66 8.65
CA GLU A 70 -19.53 16.91 9.81
C GLU A 70 -18.36 16.17 10.48
N HIS A 71 -18.56 14.89 10.80
CA HIS A 71 -17.51 14.10 11.42
C HIS A 71 -17.65 12.63 11.06
N ARG A 72 -16.57 12.06 10.54
CA ARG A 72 -16.56 10.65 10.13
C ARG A 72 -15.29 9.96 10.63
N GLN A 73 -14.86 10.33 11.83
CA GLN A 73 -13.65 9.75 12.42
C GLN A 73 -13.83 8.27 12.75
N THR A 74 -15.09 7.83 12.81
CA THR A 74 -15.41 6.44 13.09
C THR A 74 -14.93 5.51 11.98
N LEU A 75 -14.65 6.09 10.81
CA LEU A 75 -14.16 5.30 9.68
C LEU A 75 -12.70 4.91 9.88
N ALA A 76 -12.00 5.66 10.72
CA ALA A 76 -10.60 5.38 11.02
C ALA A 76 -10.48 4.20 11.98
N ARG A 77 -11.54 3.98 12.75
CA ARG A 77 -11.57 2.88 13.72
C ARG A 77 -11.69 1.54 13.02
N VAL A 78 -12.39 1.53 11.88
CA VAL A 78 -12.58 0.30 11.10
C VAL A 78 -11.23 -0.23 10.59
N GLY A 79 -10.34 0.70 10.23
CA GLY A 79 -9.03 0.32 9.74
C GLY A 79 -8.21 -0.40 10.80
N GLY A 80 -8.36 0.04 12.05
CA GLY A 80 -7.64 -0.58 13.15
C GLY A 80 -8.10 -1.99 13.39
N VAL A 81 -9.41 -2.22 13.32
CA VAL A 81 -9.98 -3.54 13.52
C VAL A 81 -9.45 -4.53 12.48
N VAL A 82 -9.40 -4.07 11.21
CA VAL A 82 -8.89 -4.90 10.13
C VAL A 82 -7.42 -5.24 10.34
N LEU A 83 -6.65 -4.25 10.79
CA LEU A 83 -5.22 -4.45 11.04
C LEU A 83 -5.00 -5.48 12.16
N VAL A 84 -5.81 -5.39 13.22
CA VAL A 84 -5.70 -6.33 14.32
C VAL A 84 -6.03 -7.76 13.85
N LEU A 85 -7.10 -7.88 13.06
CA LEU A 85 -7.52 -9.18 12.53
C LEU A 85 -6.42 -9.76 11.64
N PHE A 86 -5.81 -8.90 10.82
CA PHE A 86 -4.75 -9.34 9.91
C PHE A 86 -3.53 -9.77 10.71
N GLY A 87 -3.21 -9.03 11.76
CA GLY A 87 -2.08 -9.37 12.61
C GLY A 87 -2.24 -10.73 13.26
N LEU A 88 -3.47 -11.04 13.68
CA LEU A 88 -3.76 -12.32 14.31
C LEU A 88 -3.53 -13.46 13.33
N TYR A 89 -3.94 -13.25 12.09
CA TYR A 89 -3.77 -14.26 11.04
C TYR A 89 -2.30 -14.38 10.65
N MET A 90 -1.58 -13.27 10.74
CA MET A 90 -0.15 -13.24 10.41
C MET A 90 0.64 -14.06 11.43
N LEU A 91 0.11 -14.16 12.65
CA LEU A 91 0.75 -14.93 13.71
C LEU A 91 0.69 -16.43 13.41
N GLY A 92 -0.07 -16.79 12.38
CA GLY A 92 -0.20 -18.19 12.01
C GLY A 92 -1.20 -18.94 12.86
N LEU A 93 -1.97 -18.21 13.64
CA LEU A 93 -2.97 -18.82 14.50
C LEU A 93 -4.35 -18.83 13.84
N ARG A 94 -5.11 -19.87 14.10
CA ARG A 94 -6.44 -20.01 13.52
C ARG A 94 -7.51 -19.77 14.59
N PRO A 95 -8.60 -19.08 14.22
CA PRO A 95 -9.70 -18.79 15.15
C PRO A 95 -10.46 -20.04 15.58
N ARG A 96 -10.62 -20.97 14.65
CA ARG A 96 -11.32 -22.21 14.94
C ARG A 96 -10.33 -23.33 15.25
N TRP A 97 -10.22 -23.68 16.52
CA TRP A 97 -9.30 -24.74 16.95
C TRP A 97 -9.93 -26.12 16.76
N GLY A 98 -10.21 -26.45 15.52
CA GLY A 98 -10.80 -27.74 15.19
C GLY A 98 -10.77 -28.01 13.70
N VAL A 99 -9.58 -27.94 13.13
CA VAL A 99 -9.41 -28.16 11.69
C VAL A 99 -9.35 -29.65 11.37
N SER A 100 -10.25 -30.09 10.50
CA SER A 100 -10.30 -31.49 10.09
C SER A 100 -9.34 -31.75 8.93
N LEU A 101 -9.26 -33.02 8.53
CA LEU A 101 -8.39 -33.40 7.43
C LEU A 101 -9.22 -33.80 6.21
N ARG A 102 -8.55 -34.08 5.09
CA ARG A 102 -9.23 -34.46 3.84
C ARG A 102 -10.13 -33.33 3.36
N TYR A 103 -9.53 -32.16 3.21
CA TYR A 103 -10.26 -30.97 2.77
C TYR A 103 -10.04 -30.72 1.27
N GLU A 104 -10.68 -29.67 0.76
CA GLU A 104 -10.56 -29.33 -0.65
C GLU A 104 -9.80 -28.01 -0.81
N GLY A 105 -9.21 -27.82 -1.97
CA GLY A 105 -8.46 -26.61 -2.24
C GLY A 105 -8.12 -26.46 -3.72
N GLU A 106 -7.23 -27.33 -4.19
CA GLU A 106 -6.79 -27.33 -5.60
C GLU A 106 -6.09 -26.02 -5.97
N THR A 107 -6.86 -25.08 -6.50
CA THR A 107 -6.32 -23.80 -6.90
C THR A 107 -6.33 -22.80 -5.74
N SER A 108 -5.59 -23.13 -4.68
CA SER A 108 -5.52 -22.28 -3.50
C SER A 108 -4.43 -21.21 -3.65
N ARG A 109 -3.56 -21.40 -4.64
CA ARG A 109 -2.46 -20.45 -4.89
C ARG A 109 -2.99 -19.08 -5.36
N PRO A 110 -3.85 -19.02 -6.43
CA PRO A 110 -4.39 -17.75 -6.92
C PRO A 110 -5.30 -17.06 -5.91
N LEU A 111 -5.73 -17.81 -4.89
CA LEU A 111 -6.60 -17.27 -3.85
C LEU A 111 -5.86 -16.24 -3.00
N GLY A 112 -4.59 -16.52 -2.71
CA GLY A 112 -3.78 -15.59 -1.93
C GLY A 112 -3.48 -14.33 -2.70
N ALA A 113 -3.36 -14.47 -4.02
CA ALA A 113 -3.08 -13.34 -4.89
C ALA A 113 -4.30 -12.42 -5.00
N PHE A 114 -5.47 -13.02 -5.22
CA PHE A 114 -6.71 -12.26 -5.34
C PHE A 114 -7.08 -11.62 -4.01
N LEU A 115 -6.87 -12.35 -2.91
CA LEU A 115 -7.19 -11.84 -1.58
C LEU A 115 -6.30 -10.65 -1.24
N LEU A 116 -5.01 -10.74 -1.61
CA LEU A 116 -4.07 -9.66 -1.34
C LEU A 116 -4.46 -8.40 -2.11
N GLY A 117 -5.03 -8.58 -3.30
CA GLY A 117 -5.48 -7.46 -4.10
C GLY A 117 -6.63 -6.73 -3.44
N ALA A 118 -7.64 -7.51 -3.02
CA ALA A 118 -8.81 -6.95 -2.35
C ALA A 118 -8.41 -6.35 -1.00
N THR A 119 -7.37 -6.92 -0.38
CA THR A 119 -6.87 -6.44 0.90
C THR A 119 -6.39 -4.99 0.79
N LEU A 120 -5.64 -4.70 -0.27
CA LEU A 120 -5.11 -3.35 -0.48
C LEU A 120 -6.23 -2.38 -0.85
N ALA A 121 -7.35 -2.91 -1.35
CA ALA A 121 -8.48 -2.08 -1.72
C ALA A 121 -9.38 -1.78 -0.51
N LEU A 122 -9.60 -2.78 0.32
CA LEU A 122 -10.44 -2.63 1.51
C LEU A 122 -9.66 -2.08 2.69
N GLY A 123 -8.39 -2.44 2.79
CA GLY A 123 -7.56 -1.97 3.88
C GLY A 123 -7.04 -0.57 3.65
N TRP A 124 -7.78 0.41 4.16
CA TRP A 124 -7.38 1.81 4.00
C TRP A 124 -6.35 2.19 5.05
N THR A 125 -5.29 2.85 4.60
CA THR A 125 -4.23 3.29 5.48
C THR A 125 -4.58 4.63 6.14
N PRO A 126 -4.79 4.63 7.47
CA PRO A 126 -5.16 5.84 8.22
C PRO A 126 -4.07 6.92 8.19
N CYS A 127 -2.84 6.49 7.93
CA CYS A 127 -1.70 7.39 7.87
C CYS A 127 -1.76 8.27 6.63
N ILE A 128 -2.45 7.79 5.59
CA ILE A 128 -2.58 8.53 4.35
C ILE A 128 -3.97 9.17 4.26
N GLY A 129 -4.77 8.98 5.30
CA GLY A 129 -6.11 9.54 5.34
C GLY A 129 -6.12 11.06 5.28
N PRO A 130 -5.47 11.74 6.25
CA PRO A 130 -5.38 13.22 6.26
C PRO A 130 -4.76 13.78 4.99
N ILE A 131 -3.80 13.04 4.43
CA ILE A 131 -3.12 13.46 3.22
C ILE A 131 -4.07 13.41 2.02
N LEU A 132 -4.86 12.34 1.93
CA LEU A 132 -5.81 12.19 0.84
C LEU A 132 -7.00 13.14 1.04
N GLY A 133 -7.41 13.31 2.29
CA GLY A 133 -8.51 14.21 2.60
C GLY A 133 -8.21 15.65 2.20
N ALA A 134 -6.93 16.01 2.26
CA ALA A 134 -6.49 17.36 1.90
C ALA A 134 -6.60 17.57 0.38
N ILE A 135 -6.60 16.47 -0.36
CA ILE A 135 -6.71 16.52 -1.81
C ILE A 135 -8.15 16.75 -2.25
N LEU A 136 -9.10 16.25 -1.44
CA LEU A 136 -10.52 16.41 -1.75
C LEU A 136 -10.91 17.88 -1.74
N THR A 137 -10.35 18.64 -0.81
CA THR A 137 -10.62 20.07 -0.70
C THR A 137 -10.08 20.81 -1.93
N LEU A 138 -9.10 20.22 -2.60
CA LEU A 138 -8.50 20.82 -3.79
C LEU A 138 -9.29 20.42 -5.04
N THR A 139 -9.84 19.22 -5.04
CA THR A 139 -10.62 18.74 -6.18
C THR A 139 -12.05 19.30 -6.15
N ALA A 140 -12.46 19.79 -4.99
CA ALA A 140 -13.79 20.37 -4.83
C ALA A 140 -13.87 21.75 -5.47
N VAL A 141 -12.73 22.45 -5.49
CA VAL A 141 -12.67 23.79 -6.07
C VAL A 141 -12.09 23.75 -7.48
N GLY A 142 -11.80 22.55 -7.97
CA GLY A 142 -11.24 22.41 -9.30
C GLY A 142 -11.13 20.96 -9.73
N GLY A 143 -10.00 20.34 -9.43
CA GLY A 143 -9.80 18.96 -9.81
C GLY A 143 -8.34 18.62 -10.04
N GLY A 144 -8.09 17.62 -10.88
CA GLY A 144 -6.74 17.22 -11.18
C GLY A 144 -6.68 15.90 -11.91
N VAL A 145 -7.24 15.87 -13.12
CA VAL A 145 -7.26 14.65 -13.93
C VAL A 145 -5.84 14.22 -14.28
N GLY A 146 -5.04 15.17 -14.77
CA GLY A 146 -3.66 14.87 -15.11
C GLY A 146 -2.84 14.51 -13.89
N PHE A 147 -3.22 15.07 -12.75
CA PHE A 147 -2.53 14.80 -11.49
C PHE A 147 -2.69 13.34 -11.08
N LEU A 148 -3.92 12.84 -11.21
CA LEU A 148 -4.20 11.45 -10.87
C LEU A 148 -3.41 10.51 -11.76
N LEU A 149 -3.35 10.84 -13.05
CA LEU A 149 -2.61 10.04 -14.01
C LEU A 149 -1.11 10.08 -13.71
N ALA A 150 -0.63 11.27 -13.32
CA ALA A 150 0.77 11.46 -12.97
C ALA A 150 1.14 10.58 -11.77
N TYR A 151 0.22 10.48 -10.82
CA TYR A 151 0.45 9.66 -9.62
C TYR A 151 0.63 8.19 -10.01
N ILE A 152 -0.27 7.69 -10.84
CA ILE A 152 -0.20 6.30 -11.30
C ILE A 152 1.06 6.07 -12.13
N LEU A 153 1.31 6.98 -13.07
CA LEU A 153 2.50 6.90 -13.92
C LEU A 153 3.77 6.98 -13.08
N GLY A 154 3.76 7.83 -12.05
CA GLY A 154 4.90 7.98 -11.17
C GLY A 154 5.26 6.68 -10.49
N LEU A 155 4.26 5.91 -10.09
CA LEU A 155 4.48 4.61 -9.45
C LEU A 155 4.80 3.53 -10.48
N ALA A 156 4.31 3.74 -11.71
CA ALA A 156 4.54 2.79 -12.80
C ALA A 156 6.03 2.71 -13.15
N VAL A 157 6.70 3.87 -13.10
CA VAL A 157 8.13 3.94 -13.42
C VAL A 157 8.97 2.97 -12.56
N PRO A 158 8.99 3.13 -11.20
CA PRO A 158 9.75 2.24 -10.32
C PRO A 158 9.29 0.79 -10.44
N PHE A 159 7.99 0.58 -10.61
CA PHE A 159 7.42 -0.75 -10.73
C PHE A 159 7.99 -1.49 -11.94
N PHE A 160 8.07 -0.80 -13.08
CA PHE A 160 8.61 -1.40 -14.29
C PHE A 160 10.09 -1.71 -14.13
N VAL A 161 10.82 -0.80 -13.50
CA VAL A 161 12.25 -0.99 -13.26
C VAL A 161 12.49 -2.19 -12.35
N VAL A 162 11.72 -2.28 -11.27
CA VAL A 162 11.83 -3.39 -10.33
C VAL A 162 11.45 -4.71 -11.00
N ALA A 163 10.40 -4.68 -11.82
CA ALA A 163 9.93 -5.87 -12.53
C ALA A 163 11.03 -6.46 -13.42
N LEU A 164 11.76 -5.58 -14.11
CA LEU A 164 12.84 -6.01 -14.99
C LEU A 164 14.06 -6.48 -14.19
N PHE A 165 14.36 -5.78 -13.11
CA PHE A 165 15.50 -6.13 -12.28
C PHE A 165 15.22 -7.43 -11.51
N ALA A 166 13.95 -7.69 -11.23
CA ALA A 166 13.52 -8.89 -10.53
C ALA A 166 13.85 -10.15 -11.31
N ASP A 167 14.07 -10.01 -12.62
CA ASP A 167 14.40 -11.14 -13.48
C ASP A 167 15.72 -11.79 -13.05
N ARG A 168 16.73 -10.97 -12.83
CA ARG A 168 18.05 -11.46 -12.40
C ARG A 168 18.04 -11.82 -10.92
N ILE A 169 17.27 -11.06 -10.14
CA ILE A 169 17.17 -11.30 -8.70
C ILE A 169 16.40 -12.60 -8.41
N LYS A 170 15.58 -13.02 -9.37
CA LYS A 170 14.79 -14.25 -9.24
C LYS A 170 15.70 -15.46 -9.04
N GLY A 171 16.83 -15.48 -9.76
CA GLY A 171 17.77 -16.57 -9.64
C GLY A 171 18.50 -16.52 -8.31
N TRP A 172 18.57 -15.34 -7.72
CA TRP A 172 19.23 -15.15 -6.44
C TRP A 172 18.32 -15.54 -5.27
N LEU A 173 17.04 -15.23 -5.40
CA LEU A 173 16.05 -15.56 -4.36
C LEU A 173 16.11 -17.05 -3.97
N ARG A 174 16.32 -17.90 -4.96
CA ARG A 174 16.40 -19.35 -4.72
C ARG A 174 17.82 -19.77 -4.35
N ARG A 175 18.79 -18.90 -4.63
CA ARG A 175 20.19 -19.19 -4.34
C ARG A 175 20.58 -18.70 -2.95
N ALA A 176 19.89 -17.66 -2.47
CA ALA A 176 20.15 -17.10 -1.14
C ALA A 176 20.11 -18.16 -0.05
N GLY A 177 18.93 -18.73 0.17
CA GLY A 177 18.78 -19.76 1.19
C GLY A 177 17.60 -19.52 2.10
N ARG A 178 17.87 -19.48 3.40
CA ARG A 178 16.83 -19.27 4.40
C ARG A 178 16.80 -17.82 4.88
N ILE A 179 17.69 -16.99 4.33
CA ILE A 179 17.77 -15.58 4.70
C ILE A 179 16.50 -14.84 4.25
N SER A 180 15.96 -15.26 3.11
CA SER A 180 14.75 -14.65 2.57
C SER A 180 13.55 -14.87 3.49
N HIS A 181 13.65 -15.86 4.37
CA HIS A 181 12.57 -16.16 5.31
C HIS A 181 12.66 -15.28 6.54
N TYR A 182 13.86 -14.74 6.80
CA TYR A 182 14.07 -13.86 7.94
C TYR A 182 13.42 -12.51 7.72
N VAL A 183 13.63 -11.95 6.53
CA VAL A 183 13.06 -10.65 6.18
C VAL A 183 11.56 -10.76 5.92
N GLU A 184 11.10 -11.98 5.66
CA GLU A 184 9.68 -12.24 5.39
C GLU A 184 8.84 -11.94 6.63
N VAL A 185 9.26 -12.52 7.76
CA VAL A 185 8.54 -12.32 9.01
C VAL A 185 8.92 -11.00 9.68
N LEU A 186 10.15 -10.53 9.43
CA LEU A 186 10.64 -9.28 10.00
C LEU A 186 9.75 -8.11 9.62
N ALA A 187 9.48 -7.98 8.31
CA ALA A 187 8.64 -6.91 7.79
C ALA A 187 7.23 -7.02 8.37
N GLY A 188 6.76 -8.25 8.55
CA GLY A 188 5.44 -8.48 9.11
C GLY A 188 5.32 -7.99 10.53
N VAL A 189 6.34 -8.26 11.33
CA VAL A 189 6.36 -7.83 12.74
C VAL A 189 6.32 -6.31 12.84
N VAL A 190 7.17 -5.65 12.06
CA VAL A 190 7.22 -4.18 12.07
C VAL A 190 5.90 -3.58 11.62
N LEU A 191 5.27 -4.20 10.62
CA LEU A 191 3.99 -3.74 10.10
C LEU A 191 2.93 -3.73 11.20
N VAL A 192 2.87 -4.82 11.96
CA VAL A 192 1.90 -4.93 13.05
C VAL A 192 2.23 -3.93 14.15
N LEU A 193 3.52 -3.77 14.44
CA LEU A 193 3.98 -2.84 15.47
C LEU A 193 3.58 -1.40 15.12
N VAL A 194 3.81 -1.00 13.86
CA VAL A 194 3.46 0.34 13.43
C VAL A 194 1.95 0.51 13.41
N GLY A 195 1.24 -0.52 12.96
CA GLY A 195 -0.21 -0.47 12.92
C GLY A 195 -0.84 -0.32 14.29
N VAL A 196 -0.33 -1.08 15.27
CA VAL A 196 -0.86 -1.02 16.62
C VAL A 196 -0.45 0.28 17.32
N LEU A 197 0.73 0.79 16.99
CA LEU A 197 1.23 2.03 17.58
C LEU A 197 0.51 3.25 17.01
N LEU A 198 -0.06 3.09 15.82
CA LEU A 198 -0.79 4.18 15.19
C LEU A 198 -2.23 4.22 15.70
N PHE A 199 -2.82 3.04 15.88
CA PHE A 199 -4.19 2.94 16.36
C PHE A 199 -4.31 3.42 17.80
N THR A 200 -3.40 2.95 18.65
CA THR A 200 -3.41 3.34 20.06
C THR A 200 -2.67 4.67 20.27
N GLY A 201 -1.81 5.02 19.31
CA GLY A 201 -1.06 6.25 19.41
C GLY A 201 -1.90 7.46 19.03
N THR A 202 -2.59 7.37 17.90
CA THR A 202 -3.44 8.46 17.41
C THR A 202 -2.64 9.76 17.24
N PHE A 203 -3.20 10.87 17.73
CA PHE A 203 -2.57 12.17 17.65
C PHE A 203 -1.51 12.35 18.74
N THR A 204 -0.31 11.86 18.50
CA THR A 204 0.77 11.97 19.47
C THR A 204 2.13 12.02 18.76
N ALA A 205 3.21 11.74 19.51
CA ALA A 205 4.57 11.74 18.96
C ALA A 205 4.72 10.72 17.82
N LEU A 206 3.75 9.83 17.70
CA LEU A 206 3.77 8.81 16.64
C LEU A 206 3.60 9.46 15.27
N ASN A 207 2.83 10.55 15.22
CA ASN A 207 2.61 11.28 13.97
C ASN A 207 3.88 12.01 13.54
N THR A 208 4.69 12.39 14.54
CA THR A 208 5.94 13.08 14.28
C THR A 208 7.06 12.10 13.95
N PHE A 209 6.87 10.84 14.37
CA PHE A 209 7.85 9.79 14.13
C PHE A 209 7.96 9.48 12.63
N PHE A 210 6.91 9.82 11.89
CA PHE A 210 6.88 9.60 10.45
C PHE A 210 7.91 10.48 9.74
N LEU A 211 8.34 11.54 10.42
CA LEU A 211 9.33 12.46 9.88
C LEU A 211 10.74 11.97 10.16
N ARG A 212 10.86 10.94 11.00
CA ARG A 212 12.15 10.37 11.34
C ARG A 212 12.59 9.38 10.27
N ILE A 213 11.62 8.87 9.51
CA ILE A 213 11.90 7.91 8.44
C ILE A 213 12.21 8.65 7.13
N THR A 214 11.70 9.89 7.03
CA THR A 214 11.95 10.70 5.84
C THR A 214 13.40 11.17 5.81
N PRO A 215 14.14 10.82 4.74
CA PRO A 215 15.55 11.19 4.60
C PRO A 215 15.74 12.69 4.42
N GLU A 216 16.65 13.26 5.23
CA GLU A 216 16.94 14.69 5.17
C GLU A 216 17.64 15.06 3.87
N TRP A 217 18.22 14.07 3.21
CA TRP A 217 18.92 14.29 1.94
C TRP A 217 17.95 14.63 0.81
N LEU A 218 16.67 14.31 1.02
CA LEU A 218 15.65 14.61 0.03
C LEU A 218 15.04 15.98 0.29
N GLN A 219 14.97 16.37 1.56
CA GLN A 219 14.42 17.66 1.95
C GLN A 219 15.41 18.79 1.63
N ARG A 220 16.70 18.49 1.75
CA ARG A 220 17.74 19.46 1.46
C ARG A 220 17.93 19.63 -0.05
N TYR A 221 17.26 18.77 -0.82
CA TYR A 221 17.35 18.81 -2.28
C TYR A 221 16.22 19.64 -2.88
N LEU A 222 15.50 20.35 -2.03
CA LEU A 222 14.40 21.18 -2.49
C LEU A 222 14.88 22.61 -2.75
N PRO A 223 14.64 23.12 -3.97
CA PRO A 223 15.05 24.49 -4.34
C PRO A 223 14.24 25.56 -3.61
N SER A 224 12.98 25.26 -3.35
CA SER A 224 12.09 26.18 -2.66
C SER A 224 12.26 26.07 -1.15
N MET A 1 6.62 26.50 -17.20
CA MET A 1 6.27 25.08 -17.00
C MET A 1 5.67 24.86 -15.60
N SER A 2 5.29 23.63 -15.32
CA SER A 2 4.72 23.29 -14.02
C SER A 2 5.61 22.31 -13.26
N LEU A 3 5.17 21.94 -12.06
CA LEU A 3 5.92 21.01 -11.21
C LEU A 3 5.08 19.81 -10.82
N SER A 4 4.02 19.56 -11.58
CA SER A 4 3.12 18.44 -11.32
C SER A 4 3.83 17.11 -11.54
N LEU A 5 4.73 17.08 -12.51
CA LEU A 5 5.49 15.88 -12.83
C LEU A 5 6.54 15.60 -11.76
N THR A 6 7.30 16.64 -11.40
CA THR A 6 8.33 16.53 -10.38
C THR A 6 7.72 16.11 -9.04
N ALA A 7 6.56 16.68 -8.73
CA ALA A 7 5.85 16.36 -7.49
C ALA A 7 5.42 14.90 -7.48
N ALA A 8 4.80 14.47 -8.59
CA ALA A 8 4.34 13.09 -8.73
C ALA A 8 5.50 12.11 -8.58
N PHE A 9 6.66 12.49 -9.10
CA PHE A 9 7.84 11.65 -9.03
C PHE A 9 8.33 11.55 -7.58
N LEU A 10 8.52 12.71 -6.94
CA LEU A 10 8.97 12.75 -5.56
C LEU A 10 7.98 12.02 -4.65
N ALA A 11 6.68 12.17 -4.94
CA ALA A 11 5.64 11.52 -4.16
C ALA A 11 5.79 10.00 -4.24
N GLY A 12 6.03 9.48 -5.45
CA GLY A 12 6.21 8.05 -5.62
C GLY A 12 7.36 7.51 -4.80
N VAL A 13 8.47 8.23 -4.81
CA VAL A 13 9.65 7.81 -4.03
C VAL A 13 9.38 7.97 -2.54
N LEU A 14 8.62 9.01 -2.18
CA LEU A 14 8.28 9.28 -0.79
C LEU A 14 7.42 8.15 -0.22
N SER A 15 6.44 7.68 -1.01
CA SER A 15 5.57 6.60 -0.58
C SER A 15 6.37 5.30 -0.44
N PHE A 16 7.37 5.12 -1.30
CA PHE A 16 8.20 3.93 -1.28
C PHE A 16 9.18 3.96 -0.11
N LEU A 17 9.64 5.14 0.27
CA LEU A 17 10.58 5.28 1.38
C LEU A 17 9.85 5.58 2.68
N SER A 18 8.53 5.68 2.60
CA SER A 18 7.72 5.94 3.79
C SER A 18 7.85 4.80 4.79
N PRO A 19 7.84 5.12 6.10
CA PRO A 19 7.98 4.11 7.16
C PRO A 19 6.78 3.15 7.22
N CYS A 20 5.75 3.46 6.44
CA CYS A 20 4.55 2.64 6.39
C CYS A 20 4.86 1.25 5.84
N VAL A 21 5.61 1.21 4.73
CA VAL A 21 5.99 -0.04 4.08
C VAL A 21 4.78 -0.70 3.41
N LEU A 22 4.97 -1.20 2.19
CA LEU A 22 3.90 -1.84 1.46
C LEU A 22 4.08 -3.36 1.46
N PRO A 23 3.02 -4.11 1.83
CA PRO A 23 3.08 -5.57 1.89
C PRO A 23 3.27 -6.19 0.52
N LEU A 24 2.97 -5.41 -0.52
CA LEU A 24 3.11 -5.88 -1.89
C LEU A 24 4.57 -5.95 -2.31
N VAL A 25 5.46 -5.36 -1.51
CA VAL A 25 6.88 -5.36 -1.82
C VAL A 25 7.53 -6.74 -1.53
N PRO A 26 7.50 -7.24 -0.27
CA PRO A 26 8.11 -8.54 0.06
C PRO A 26 7.31 -9.74 -0.46
N THR A 27 5.98 -9.61 -0.48
CA THR A 27 5.11 -10.68 -0.95
C THR A 27 5.22 -10.89 -2.46
N TYR A 28 5.73 -9.89 -3.17
CA TYR A 28 5.87 -9.98 -4.62
C TYR A 28 6.89 -11.05 -5.01
N LEU A 29 7.76 -11.39 -4.08
CA LEU A 29 8.78 -12.41 -4.33
C LEU A 29 8.21 -13.81 -4.15
N PHE A 30 7.59 -14.05 -2.99
CA PHE A 30 6.99 -15.34 -2.70
C PHE A 30 5.87 -15.64 -3.69
N TYR A 31 5.24 -14.58 -4.19
CA TYR A 31 4.18 -14.73 -5.18
C TYR A 31 4.69 -15.41 -6.44
N LEU A 32 5.87 -15.01 -6.90
CA LEU A 32 6.48 -15.58 -8.10
C LEU A 32 7.00 -16.98 -7.82
N GLY A 33 7.27 -17.28 -6.56
CA GLY A 33 7.74 -18.60 -6.19
C GLY A 33 6.59 -19.55 -5.95
N GLY A 34 5.39 -19.00 -5.92
CA GLY A 34 4.19 -19.80 -5.71
C GLY A 34 3.36 -19.93 -6.97
N ALA A 35 3.14 -18.79 -7.64
CA ALA A 35 2.35 -18.79 -8.87
C ALA A 35 3.21 -18.32 -10.04
N ARG A 36 3.28 -19.14 -11.09
CA ARG A 36 4.06 -18.81 -12.27
C ARG A 36 3.33 -17.80 -13.14
N GLY A 37 3.53 -16.53 -12.83
CA GLY A 37 2.90 -15.46 -13.60
C GLY A 37 3.84 -14.32 -13.86
N ARG A 38 3.42 -13.37 -14.68
CA ARG A 38 4.24 -12.22 -15.01
C ARG A 38 3.88 -11.02 -14.13
N PRO A 39 4.88 -10.46 -13.43
CA PRO A 39 4.67 -9.30 -12.54
C PRO A 39 4.04 -8.11 -13.27
N LEU A 40 4.34 -7.99 -14.57
CA LEU A 40 3.81 -6.91 -15.38
C LEU A 40 2.28 -7.00 -15.49
N PHE A 41 1.77 -8.23 -15.62
CA PHE A 41 0.33 -8.45 -15.73
C PHE A 41 -0.34 -8.22 -14.38
N ASN A 42 0.35 -8.61 -13.31
CA ASN A 42 -0.16 -8.43 -11.95
C ASN A 42 -0.26 -6.95 -11.63
N ALA A 43 0.78 -6.20 -12.00
CA ALA A 43 0.82 -4.76 -11.76
C ALA A 43 -0.29 -4.06 -12.55
N LEU A 44 -0.38 -4.38 -13.83
CA LEU A 44 -1.41 -3.80 -14.70
C LEU A 44 -2.81 -4.03 -14.13
N PHE A 45 -3.06 -5.26 -13.69
CA PHE A 45 -4.36 -5.63 -13.13
C PHE A 45 -4.62 -4.88 -11.83
N PHE A 46 -3.60 -4.83 -10.96
CA PHE A 46 -3.73 -4.14 -9.68
C PHE A 46 -3.98 -2.65 -9.87
N ILE A 47 -3.25 -2.05 -10.82
CA ILE A 47 -3.41 -0.64 -11.12
C ILE A 47 -4.80 -0.35 -11.68
N LEU A 48 -5.27 -1.20 -12.58
CA LEU A 48 -6.60 -1.04 -13.17
C LEU A 48 -7.67 -1.14 -12.09
N GLY A 49 -7.52 -2.13 -11.21
CA GLY A 49 -8.46 -2.31 -10.12
C GLY A 49 -8.52 -1.11 -9.19
N PHE A 50 -7.34 -0.59 -8.84
CA PHE A 50 -7.25 0.57 -7.96
C PHE A 50 -7.76 1.82 -8.68
N GLY A 51 -7.49 1.92 -9.97
CA GLY A 51 -7.95 3.04 -10.76
C GLY A 51 -9.46 3.10 -10.80
N ALA A 52 -10.09 1.94 -10.99
CA ALA A 52 -11.54 1.84 -11.02
C ALA A 52 -12.15 2.28 -9.69
N VAL A 53 -11.54 1.83 -8.60
CA VAL A 53 -12.01 2.19 -7.26
C VAL A 53 -11.87 3.69 -7.02
N PHE A 54 -10.73 4.25 -7.43
CA PHE A 54 -10.48 5.68 -7.26
C PHE A 54 -11.47 6.52 -8.06
N PHE A 55 -11.84 6.03 -9.24
CA PHE A 55 -12.80 6.74 -10.08
C PHE A 55 -14.21 6.57 -9.57
N LEU A 56 -14.56 5.35 -9.20
CA LEU A 56 -15.90 5.04 -8.68
C LEU A 56 -16.16 5.79 -7.38
N LEU A 57 -15.10 6.02 -6.61
CA LEU A 57 -15.21 6.75 -5.35
C LEU A 57 -15.05 8.24 -5.58
N GLY A 58 -14.42 8.60 -6.71
CA GLY A 58 -14.21 10.01 -7.03
C GLY A 58 -15.49 10.70 -7.44
N LEU A 59 -16.40 9.96 -8.05
CA LEU A 59 -17.69 10.51 -8.48
C LEU A 59 -18.51 11.02 -7.29
N PRO A 60 -18.81 10.16 -6.28
CA PRO A 60 -19.59 10.57 -5.11
C PRO A 60 -18.78 11.44 -4.15
N PHE A 61 -17.46 11.47 -4.34
CA PHE A 61 -16.56 12.26 -3.49
C PHE A 61 -16.97 13.73 -3.50
N THR A 62 -17.51 14.20 -4.62
CA THR A 62 -17.96 15.59 -4.74
C THR A 62 -19.11 15.87 -3.77
N LEU A 63 -19.93 14.86 -3.51
CA LEU A 63 -21.06 15.01 -2.60
C LEU A 63 -20.60 14.73 -1.16
N LEU A 64 -19.51 13.98 -1.03
CA LEU A 64 -18.96 13.65 0.28
C LEU A 64 -18.37 14.88 0.94
N GLY A 65 -18.10 15.91 0.15
CA GLY A 65 -17.54 17.14 0.68
C GLY A 65 -18.46 17.79 1.72
N GLY A 66 -19.76 17.56 1.56
CA GLY A 66 -20.72 18.09 2.50
C GLY A 66 -20.71 17.34 3.82
N LEU A 67 -20.37 16.06 3.75
CA LEU A 67 -20.32 15.21 4.94
C LEU A 67 -18.98 15.38 5.66
N LEU A 68 -17.98 15.85 4.92
CA LEU A 68 -16.65 16.09 5.46
C LEU A 68 -16.69 17.19 6.51
N PHE A 69 -17.75 18.00 6.47
CA PHE A 69 -17.94 19.09 7.42
C PHE A 69 -18.18 18.54 8.83
N GLU A 70 -18.55 17.28 8.91
CA GLU A 70 -18.78 16.63 10.19
C GLU A 70 -17.51 15.91 10.65
N HIS A 71 -17.54 14.58 10.65
CA HIS A 71 -16.38 13.79 11.07
C HIS A 71 -16.50 12.36 10.57
N ARG A 72 -15.36 11.75 10.29
CA ARG A 72 -15.32 10.38 9.80
C ARG A 72 -14.45 9.50 10.69
N GLN A 73 -14.74 9.52 11.99
CA GLN A 73 -13.98 8.73 12.96
C GLN A 73 -14.37 7.25 12.88
N THR A 74 -15.52 6.99 12.28
CA THR A 74 -16.01 5.63 12.13
C THR A 74 -15.12 4.82 11.19
N LEU A 75 -14.45 5.53 10.27
CA LEU A 75 -13.57 4.89 9.30
C LEU A 75 -12.25 4.51 9.95
N ALA A 76 -11.91 5.17 11.04
CA ALA A 76 -10.67 4.90 11.77
C ALA A 76 -10.74 3.52 12.42
N ARG A 77 -11.95 3.13 12.83
CA ARG A 77 -12.16 1.84 13.47
C ARG A 77 -12.08 0.71 12.44
N VAL A 78 -12.57 0.97 11.24
CA VAL A 78 -12.55 -0.02 10.17
C VAL A 78 -11.12 -0.48 9.87
N GLY A 79 -10.20 0.48 9.78
CA GLY A 79 -8.81 0.16 9.53
C GLY A 79 -8.22 -0.72 10.61
N GLY A 80 -8.59 -0.44 11.86
CA GLY A 80 -8.11 -1.23 12.98
C GLY A 80 -8.63 -2.66 12.94
N VAL A 81 -9.90 -2.80 12.53
CA VAL A 81 -10.52 -4.12 12.43
C VAL A 81 -9.79 -5.00 11.40
N VAL A 82 -9.44 -4.40 10.27
CA VAL A 82 -8.74 -5.12 9.21
C VAL A 82 -7.37 -5.58 9.71
N LEU A 83 -6.71 -4.74 10.50
CA LEU A 83 -5.40 -5.07 11.05
C LEU A 83 -5.50 -6.26 11.99
N VAL A 84 -6.52 -6.26 12.84
CA VAL A 84 -6.74 -7.36 13.78
C VAL A 84 -7.09 -8.65 13.03
N LEU A 85 -7.88 -8.52 11.97
CA LEU A 85 -8.27 -9.66 11.14
C LEU A 85 -7.04 -10.30 10.50
N PHE A 86 -6.14 -9.47 9.99
CA PHE A 86 -4.92 -9.96 9.37
C PHE A 86 -4.01 -10.63 10.41
N GLY A 87 -4.00 -10.06 11.62
CA GLY A 87 -3.20 -10.63 12.70
C GLY A 87 -3.69 -12.01 13.09
N LEU A 88 -5.01 -12.17 13.12
CA LEU A 88 -5.62 -13.46 13.47
C LEU A 88 -5.28 -14.52 12.43
N TYR A 89 -5.22 -14.10 11.16
CA TYR A 89 -4.89 -15.02 10.08
C TYR A 89 -3.39 -15.31 10.08
N MET A 90 -2.60 -14.33 10.50
CA MET A 90 -1.15 -14.49 10.57
C MET A 90 -0.76 -15.47 11.66
N LEU A 91 -1.63 -15.61 12.67
CA LEU A 91 -1.41 -16.53 13.78
C LEU A 91 -1.50 -18.00 13.30
N GLY A 92 -1.99 -18.18 12.08
CA GLY A 92 -2.12 -19.51 11.53
C GLY A 92 -3.38 -20.21 11.96
N LEU A 93 -4.39 -19.43 12.34
CA LEU A 93 -5.66 -19.98 12.79
C LEU A 93 -6.47 -20.49 11.60
N ARG A 94 -6.69 -21.80 11.57
CA ARG A 94 -7.45 -22.42 10.50
C ARG A 94 -8.93 -22.04 10.60
N PRO A 95 -9.57 -21.75 9.46
CA PRO A 95 -10.99 -21.38 9.42
C PRO A 95 -11.91 -22.55 9.76
N ARG A 96 -13.17 -22.24 10.07
CA ARG A 96 -14.13 -23.28 10.41
C ARG A 96 -14.83 -23.79 9.15
N TRP A 97 -15.40 -24.99 9.26
CA TRP A 97 -16.11 -25.63 8.14
C TRP A 97 -15.17 -25.90 6.97
N GLY A 98 -13.91 -26.22 7.30
CA GLY A 98 -12.91 -26.51 6.28
C GLY A 98 -11.97 -27.61 6.72
N VAL A 99 -12.53 -28.70 7.25
CA VAL A 99 -11.73 -29.82 7.71
C VAL A 99 -11.89 -31.03 6.78
N SER A 100 -13.10 -31.22 6.27
CA SER A 100 -13.37 -32.33 5.36
C SER A 100 -13.07 -31.94 3.91
N LEU A 101 -13.12 -30.64 3.64
CA LEU A 101 -12.87 -30.12 2.31
C LEU A 101 -11.96 -28.90 2.39
N ARG A 102 -10.95 -28.86 1.53
CA ARG A 102 -10.01 -27.75 1.52
C ARG A 102 -10.01 -27.04 0.17
N TYR A 103 -9.16 -26.04 0.03
CA TYR A 103 -9.05 -25.30 -1.23
C TYR A 103 -7.87 -25.79 -2.05
N GLU A 104 -8.05 -26.94 -2.69
CA GLU A 104 -7.00 -27.53 -3.51
C GLU A 104 -7.10 -27.03 -4.95
N GLY A 105 -5.96 -26.70 -5.53
CA GLY A 105 -5.93 -26.20 -6.89
C GLY A 105 -4.62 -25.51 -7.21
N GLU A 106 -4.61 -24.77 -8.32
CA GLU A 106 -3.41 -24.05 -8.73
C GLU A 106 -3.64 -22.55 -8.70
N THR A 107 -4.91 -22.16 -8.71
CA THR A 107 -5.29 -20.74 -8.70
C THR A 107 -5.47 -20.22 -7.27
N SER A 108 -5.01 -21.01 -6.30
CA SER A 108 -5.11 -20.62 -4.90
C SER A 108 -4.14 -19.49 -4.55
N ARG A 109 -2.98 -19.49 -5.22
CA ARG A 109 -1.97 -18.46 -5.00
C ARG A 109 -2.37 -17.11 -5.60
N PRO A 110 -2.74 -17.05 -6.92
CA PRO A 110 -3.15 -15.80 -7.56
C PRO A 110 -4.36 -15.16 -6.88
N LEU A 111 -5.21 -15.98 -6.29
CA LEU A 111 -6.40 -15.50 -5.59
C LEU A 111 -6.04 -14.85 -4.26
N GLY A 112 -4.92 -15.28 -3.67
CA GLY A 112 -4.48 -14.72 -2.41
C GLY A 112 -4.02 -13.28 -2.57
N ALA A 113 -3.46 -12.99 -3.74
CA ALA A 113 -2.99 -11.64 -4.05
C ALA A 113 -4.17 -10.69 -4.22
N PHE A 114 -5.28 -11.22 -4.73
CA PHE A 114 -6.48 -10.43 -4.95
C PHE A 114 -7.14 -10.07 -3.62
N LEU A 115 -7.08 -10.99 -2.66
CA LEU A 115 -7.66 -10.76 -1.36
C LEU A 115 -6.89 -9.69 -0.60
N LEU A 116 -5.57 -9.65 -0.82
CA LEU A 116 -4.71 -8.66 -0.17
C LEU A 116 -5.00 -7.26 -0.71
N GLY A 117 -5.57 -7.21 -1.91
CA GLY A 117 -5.91 -5.94 -2.52
C GLY A 117 -7.25 -5.42 -2.02
N ALA A 118 -8.17 -6.35 -1.76
CA ALA A 118 -9.49 -6.00 -1.28
C ALA A 118 -9.44 -5.47 0.15
N THR A 119 -8.63 -6.12 1.00
CA THR A 119 -8.49 -5.71 2.39
C THR A 119 -7.84 -4.33 2.50
N LEU A 120 -6.84 -4.08 1.66
CA LEU A 120 -6.14 -2.79 1.66
C LEU A 120 -7.05 -1.67 1.15
N ALA A 121 -8.07 -2.06 0.39
CA ALA A 121 -9.03 -1.09 -0.15
C ALA A 121 -10.11 -0.77 0.88
N LEU A 122 -10.51 -1.77 1.64
CA LEU A 122 -11.53 -1.60 2.66
C LEU A 122 -10.96 -1.00 3.94
N GLY A 123 -9.75 -1.42 4.31
CA GLY A 123 -9.13 -0.89 5.51
C GLY A 123 -8.45 0.43 5.24
N TRP A 124 -8.18 0.70 3.96
CA TRP A 124 -7.54 1.94 3.51
C TRP A 124 -6.11 2.04 4.08
N THR A 125 -5.50 3.20 3.89
CA THR A 125 -4.15 3.43 4.39
C THR A 125 -4.06 4.77 5.10
N PRO A 126 -3.94 4.75 6.45
CA PRO A 126 -3.83 5.96 7.27
C PRO A 126 -2.66 6.85 6.87
N CYS A 127 -1.66 6.25 6.23
CA CYS A 127 -0.48 7.00 5.80
C CYS A 127 -0.82 7.96 4.66
N ILE A 128 -1.94 7.70 4.00
CA ILE A 128 -2.39 8.56 2.91
C ILE A 128 -3.53 9.45 3.38
N GLY A 129 -3.82 9.39 4.68
CA GLY A 129 -4.88 10.21 5.26
C GLY A 129 -4.65 11.70 5.03
N PRO A 130 -3.57 12.28 5.59
CA PRO A 130 -3.26 13.69 5.40
C PRO A 130 -3.09 14.07 3.93
N ILE A 131 -2.49 13.15 3.16
CA ILE A 131 -2.27 13.37 1.74
C ILE A 131 -3.59 13.47 0.99
N LEU A 132 -4.53 12.58 1.31
CA LEU A 132 -5.85 12.59 0.68
C LEU A 132 -6.62 13.83 1.10
N GLY A 133 -6.55 14.16 2.39
CA GLY A 133 -7.23 15.33 2.89
C GLY A 133 -6.72 16.61 2.24
N ALA A 134 -5.40 16.69 2.09
CA ALA A 134 -4.78 17.86 1.47
C ALA A 134 -5.11 17.92 -0.03
N ILE A 135 -5.22 16.75 -0.64
CA ILE A 135 -5.54 16.66 -2.07
C ILE A 135 -7.00 17.04 -2.33
N LEU A 136 -7.86 16.86 -1.32
CA LEU A 136 -9.27 17.18 -1.45
C LEU A 136 -9.48 18.68 -1.59
N THR A 137 -8.65 19.46 -0.91
CA THR A 137 -8.73 20.92 -0.98
C THR A 137 -8.41 21.40 -2.39
N LEU A 138 -7.70 20.58 -3.17
CA LEU A 138 -7.35 20.91 -4.54
C LEU A 138 -8.54 20.63 -5.46
N THR A 139 -9.20 19.49 -5.25
CA THR A 139 -10.35 19.11 -6.06
C THR A 139 -11.55 20.01 -5.77
N ALA A 140 -11.49 20.73 -4.65
CA ALA A 140 -12.55 21.64 -4.26
C ALA A 140 -12.56 22.88 -5.15
N VAL A 141 -11.38 23.21 -5.69
CA VAL A 141 -11.25 24.38 -6.57
C VAL A 141 -11.29 23.96 -8.04
N GLY A 142 -11.06 22.67 -8.29
CA GLY A 142 -11.07 22.16 -9.65
C GLY A 142 -10.19 20.94 -9.80
N GLY A 143 -9.26 20.99 -10.75
CA GLY A 143 -8.37 19.87 -10.97
C GLY A 143 -8.39 19.40 -12.41
N GLY A 144 -8.10 18.12 -12.62
CA GLY A 144 -8.10 17.57 -13.97
C GLY A 144 -7.60 16.15 -14.00
N VAL A 145 -7.77 15.49 -15.14
CA VAL A 145 -7.32 14.10 -15.30
C VAL A 145 -5.82 14.02 -15.45
N GLY A 146 -5.19 15.12 -15.90
CA GLY A 146 -3.76 15.15 -16.07
C GLY A 146 -3.01 14.95 -14.76
N PHE A 147 -3.61 15.39 -13.67
CA PHE A 147 -3.00 15.25 -12.34
C PHE A 147 -2.86 13.78 -11.97
N LEU A 148 -3.93 13.03 -12.12
CA LEU A 148 -3.93 11.60 -11.80
C LEU A 148 -2.96 10.86 -12.72
N LEU A 149 -2.98 11.20 -14.00
CA LEU A 149 -2.09 10.57 -14.98
C LEU A 149 -0.63 10.83 -14.64
N ALA A 150 -0.32 12.06 -14.22
CA ALA A 150 1.03 12.42 -13.83
C ALA A 150 1.51 11.59 -12.65
N TYR A 151 0.63 11.43 -11.66
CA TYR A 151 0.94 10.65 -10.47
C TYR A 151 1.15 9.17 -10.82
N ILE A 152 0.33 8.68 -11.74
CA ILE A 152 0.44 7.29 -12.19
C ILE A 152 1.80 7.05 -12.84
N LEU A 153 2.22 7.95 -13.73
CA LEU A 153 3.50 7.84 -14.40
C LEU A 153 4.65 7.95 -13.39
N GLY A 154 4.48 8.84 -12.41
CA GLY A 154 5.49 9.03 -11.39
C GLY A 154 5.77 7.75 -10.61
N LEU A 155 4.72 6.99 -10.32
CA LEU A 155 4.87 5.73 -9.59
C LEU A 155 5.22 4.59 -10.55
N ALA A 156 4.90 4.78 -11.82
CA ALA A 156 5.20 3.79 -12.86
C ALA A 156 6.70 3.55 -12.98
N VAL A 157 7.49 4.64 -12.96
CA VAL A 157 8.95 4.54 -13.08
C VAL A 157 9.55 3.60 -12.01
N PRO A 158 9.32 3.85 -10.71
CA PRO A 158 9.86 2.99 -9.64
C PRO A 158 9.34 1.56 -9.71
N PHE A 159 8.05 1.41 -10.01
CA PHE A 159 7.43 0.09 -10.09
C PHE A 159 8.09 -0.77 -11.15
N PHE A 160 8.37 -0.18 -12.31
CA PHE A 160 9.01 -0.92 -13.41
C PHE A 160 10.44 -1.30 -13.04
N VAL A 161 11.18 -0.36 -12.46
CA VAL A 161 12.56 -0.60 -12.05
C VAL A 161 12.62 -1.73 -11.02
N VAL A 162 11.73 -1.67 -10.03
CA VAL A 162 11.68 -2.68 -8.99
C VAL A 162 11.28 -4.04 -9.55
N ALA A 163 10.23 -4.05 -10.39
CA ALA A 163 9.75 -5.30 -11.01
C ALA A 163 10.86 -6.03 -11.75
N LEU A 164 11.73 -5.28 -12.41
CA LEU A 164 12.84 -5.86 -13.16
C LEU A 164 13.95 -6.36 -12.24
N PHE A 165 14.34 -5.51 -11.27
CA PHE A 165 15.41 -5.88 -10.34
C PHE A 165 14.96 -6.97 -9.37
N ALA A 166 13.65 -7.05 -9.13
CA ALA A 166 13.08 -8.06 -8.25
C ALA A 166 13.30 -9.46 -8.79
N ASP A 167 13.43 -9.56 -10.11
CA ASP A 167 13.65 -10.85 -10.76
C ASP A 167 15.10 -11.31 -10.61
N ARG A 168 16.03 -10.37 -10.77
CA ARG A 168 17.45 -10.66 -10.64
C ARG A 168 17.80 -11.12 -9.22
N ILE A 169 17.28 -10.41 -8.24
CA ILE A 169 17.53 -10.74 -6.85
C ILE A 169 16.72 -11.96 -6.39
N LYS A 170 15.64 -12.26 -7.12
CA LYS A 170 14.78 -13.39 -6.80
C LYS A 170 15.55 -14.70 -6.90
N GLY A 171 16.39 -14.82 -7.92
CA GLY A 171 17.19 -16.02 -8.10
C GLY A 171 18.19 -16.22 -6.97
N TRP A 172 18.78 -15.12 -6.52
CA TRP A 172 19.76 -15.16 -5.44
C TRP A 172 19.07 -15.36 -4.09
N LEU A 173 17.85 -14.87 -3.97
CA LEU A 173 17.07 -15.01 -2.73
C LEU A 173 16.85 -16.49 -2.40
N ARG A 174 16.72 -17.31 -3.43
CA ARG A 174 16.50 -18.74 -3.24
C ARG A 174 17.83 -19.47 -3.05
N ARG A 175 18.92 -18.82 -3.44
CA ARG A 175 20.25 -19.40 -3.31
C ARG A 175 20.88 -19.02 -1.97
N ALA A 176 20.43 -17.90 -1.40
CA ALA A 176 20.94 -17.44 -0.10
C ALA A 176 20.70 -18.48 0.99
N GLY A 177 19.48 -18.99 1.06
CA GLY A 177 19.16 -20.00 2.06
C GLY A 177 17.87 -19.70 2.79
N ARG A 178 17.91 -19.76 4.11
CA ARG A 178 16.74 -19.51 4.94
C ARG A 178 16.76 -18.08 5.49
N ILE A 179 17.84 -17.36 5.21
CA ILE A 179 17.99 -15.99 5.69
C ILE A 179 17.01 -15.04 4.99
N SER A 180 16.69 -15.34 3.74
CA SER A 180 15.76 -14.53 2.96
C SER A 180 14.37 -14.53 3.59
N HIS A 181 14.05 -15.60 4.32
CA HIS A 181 12.76 -15.71 4.98
C HIS A 181 12.66 -14.75 6.16
N TYR A 182 13.80 -14.46 6.77
CA TYR A 182 13.84 -13.54 7.91
C TYR A 182 13.52 -12.12 7.48
N VAL A 183 13.91 -11.77 6.25
CA VAL A 183 13.66 -10.45 5.71
C VAL A 183 12.19 -10.31 5.28
N GLU A 184 11.55 -11.45 5.02
CA GLU A 184 10.15 -11.47 4.60
C GLU A 184 9.24 -11.24 5.80
N VAL A 185 9.51 -11.94 6.91
CA VAL A 185 8.70 -11.80 8.11
C VAL A 185 9.00 -10.50 8.85
N LEU A 186 10.21 -9.98 8.67
CA LEU A 186 10.63 -8.74 9.33
C LEU A 186 9.72 -7.58 8.92
N ALA A 187 9.48 -7.45 7.62
CA ALA A 187 8.63 -6.38 7.09
C ALA A 187 7.20 -6.53 7.60
N GLY A 188 6.77 -7.79 7.76
CA GLY A 188 5.43 -8.06 8.25
C GLY A 188 5.24 -7.62 9.70
N VAL A 189 6.24 -7.92 10.52
CA VAL A 189 6.20 -7.55 11.94
C VAL A 189 6.11 -6.04 12.10
N VAL A 190 6.91 -5.31 11.33
CA VAL A 190 6.92 -3.86 11.39
C VAL A 190 5.56 -3.28 10.97
N LEU A 191 4.97 -3.86 9.92
CA LEU A 191 3.67 -3.41 9.44
C LEU A 191 2.62 -3.55 10.52
N VAL A 192 2.64 -4.69 11.23
CA VAL A 192 1.70 -4.93 12.30
C VAL A 192 1.94 -3.97 13.46
N LEU A 193 3.21 -3.78 13.81
CA LEU A 193 3.59 -2.87 14.89
C LEU A 193 3.09 -1.46 14.61
N VAL A 194 3.30 -0.99 13.38
CA VAL A 194 2.86 0.35 12.99
C VAL A 194 1.33 0.45 13.09
N GLY A 195 0.64 -0.59 12.62
CA GLY A 195 -0.81 -0.61 12.68
C GLY A 195 -1.34 -0.54 14.10
N VAL A 196 -0.69 -1.27 15.00
CA VAL A 196 -1.10 -1.29 16.40
C VAL A 196 -0.69 0.00 17.11
N LEU A 197 0.52 0.48 16.82
CA LEU A 197 1.03 1.71 17.43
C LEU A 197 0.20 2.92 17.01
N LEU A 198 -0.45 2.81 15.86
CA LEU A 198 -1.28 3.91 15.37
C LEU A 198 -2.68 3.84 15.99
N PHE A 199 -3.27 2.65 16.01
CA PHE A 199 -4.61 2.46 16.57
C PHE A 199 -4.62 2.63 18.08
N THR A 200 -3.70 1.96 18.77
CA THR A 200 -3.63 2.05 20.22
C THR A 200 -2.82 3.26 20.67
N GLY A 201 -2.11 3.86 19.72
CA GLY A 201 -1.30 5.02 20.03
C GLY A 201 -2.08 6.31 19.88
N THR A 202 -2.52 6.60 18.65
CA THR A 202 -3.28 7.82 18.35
C THR A 202 -2.58 9.07 18.89
N PHE A 203 -1.28 9.19 18.60
CA PHE A 203 -0.51 10.33 19.07
C PHE A 203 0.08 11.12 17.91
N THR A 204 0.26 12.41 18.13
CA THR A 204 0.80 13.31 17.12
C THR A 204 2.30 13.11 16.94
N ALA A 205 3.00 12.84 18.05
CA ALA A 205 4.45 12.62 18.05
C ALA A 205 4.83 11.45 17.16
N LEU A 206 3.91 10.51 17.01
CA LEU A 206 4.13 9.33 16.18
C LEU A 206 4.23 9.73 14.71
N ASN A 207 3.40 10.69 14.31
CA ASN A 207 3.41 11.19 12.94
C ASN A 207 4.62 12.08 12.70
N THR A 208 5.09 12.74 13.76
CA THR A 208 6.26 13.61 13.67
C THR A 208 7.51 12.80 13.42
N PHE A 209 7.62 11.66 14.10
CA PHE A 209 8.77 10.78 13.95
C PHE A 209 8.76 10.11 12.58
N PHE A 210 7.57 9.94 12.02
CA PHE A 210 7.42 9.32 10.71
C PHE A 210 7.88 10.26 9.61
N LEU A 211 7.86 11.56 9.90
CA LEU A 211 8.29 12.57 8.93
C LEU A 211 9.82 12.68 8.94
N ARG A 212 10.44 12.28 10.05
CA ARG A 212 11.89 12.33 10.17
C ARG A 212 12.54 11.15 9.45
N ILE A 213 11.72 10.23 8.97
CA ILE A 213 12.19 9.07 8.24
C ILE A 213 12.45 9.43 6.78
N THR A 214 11.92 10.59 6.36
CA THR A 214 12.11 11.07 5.00
C THR A 214 13.57 11.41 4.75
N PRO A 215 14.22 10.72 3.79
CA PRO A 215 15.62 10.95 3.46
C PRO A 215 15.88 12.40 3.05
N GLU A 216 16.86 13.03 3.68
CA GLU A 216 17.20 14.42 3.38
C GLU A 216 17.69 14.58 1.95
N TRP A 217 18.07 13.47 1.33
CA TRP A 217 18.54 13.47 -0.06
C TRP A 217 17.40 13.77 -1.02
N LEU A 218 16.18 13.54 -0.57
CA LEU A 218 14.99 13.80 -1.39
C LEU A 218 14.52 15.22 -1.18
N GLN A 219 14.73 15.75 0.03
CA GLN A 219 14.34 17.12 0.34
C GLN A 219 15.36 18.11 -0.20
N ARG A 220 16.59 17.64 -0.38
CA ARG A 220 17.66 18.47 -0.91
C ARG A 220 17.56 18.60 -2.43
N TYR A 221 16.56 17.95 -3.00
CA TYR A 221 16.33 17.99 -4.44
C TYR A 221 15.43 19.16 -4.82
N LEU A 222 15.24 20.07 -3.87
CA LEU A 222 14.42 21.25 -4.08
C LEU A 222 15.05 22.17 -5.13
N PRO A 223 14.24 22.79 -5.99
CA PRO A 223 14.73 23.69 -7.03
C PRO A 223 15.06 25.09 -6.49
N SER A 224 15.87 25.13 -5.43
CA SER A 224 16.27 26.38 -4.79
C SER A 224 15.07 27.20 -4.35
N MET A 1 4.66 25.35 -14.11
CA MET A 1 3.72 24.39 -13.47
C MET A 1 4.06 22.96 -13.87
N SER A 2 5.09 22.83 -14.71
CA SER A 2 5.54 21.52 -15.17
C SER A 2 6.41 20.85 -14.11
N LEU A 3 5.84 20.63 -12.93
CA LEU A 3 6.56 20.01 -11.82
C LEU A 3 5.74 18.87 -11.22
N SER A 4 4.78 18.37 -11.97
CA SER A 4 3.91 17.29 -11.53
C SER A 4 4.70 15.99 -11.38
N LEU A 5 5.67 15.79 -12.26
CA LEU A 5 6.51 14.59 -12.24
C LEU A 5 7.39 14.57 -11.00
N THR A 6 7.99 15.71 -10.67
CA THR A 6 8.85 15.82 -9.50
C THR A 6 8.07 15.54 -8.23
N ALA A 7 6.85 16.07 -8.16
CA ALA A 7 5.98 15.86 -7.01
C ALA A 7 5.63 14.39 -6.85
N ALA A 8 5.27 13.75 -7.97
CA ALA A 8 4.91 12.34 -7.96
C ALA A 8 6.11 11.47 -7.61
N PHE A 9 7.30 11.92 -8.04
CA PHE A 9 8.53 11.18 -7.77
C PHE A 9 8.88 11.23 -6.29
N LEU A 10 8.86 12.44 -5.72
CA LEU A 10 9.15 12.61 -4.30
C LEU A 10 8.18 11.79 -3.45
N ALA A 11 6.91 11.80 -3.83
CA ALA A 11 5.89 11.04 -3.12
C ALA A 11 6.19 9.54 -3.22
N GLY A 12 6.59 9.10 -4.41
CA GLY A 12 6.93 7.71 -4.62
C GLY A 12 8.11 7.26 -3.79
N VAL A 13 9.15 8.09 -3.75
CA VAL A 13 10.34 7.79 -2.98
C VAL A 13 10.00 7.69 -1.48
N LEU A 14 9.17 8.62 -1.02
CA LEU A 14 8.74 8.64 0.37
C LEU A 14 7.92 7.39 0.69
N SER A 15 7.04 7.01 -0.23
CA SER A 15 6.21 5.82 -0.05
C SER A 15 7.08 4.56 -0.05
N PHE A 16 8.05 4.52 -0.95
CA PHE A 16 8.95 3.36 -1.05
C PHE A 16 9.76 3.19 0.23
N LEU A 17 10.19 4.30 0.81
CA LEU A 17 10.96 4.27 2.04
C LEU A 17 10.04 4.10 3.25
N SER A 18 8.74 4.29 3.04
CA SER A 18 7.77 4.15 4.12
C SER A 18 7.37 2.68 4.28
N PRO A 19 7.27 2.20 5.54
CA PRO A 19 6.88 0.82 5.83
C PRO A 19 5.45 0.50 5.40
N CYS A 20 4.72 1.54 4.99
CA CYS A 20 3.34 1.38 4.55
C CYS A 20 3.27 0.57 3.27
N VAL A 21 4.35 0.56 2.51
CA VAL A 21 4.41 -0.20 1.27
C VAL A 21 5.37 -1.38 1.40
N LEU A 22 5.69 -1.73 2.64
CA LEU A 22 6.58 -2.85 2.94
C LEU A 22 5.91 -4.20 2.63
N PRO A 23 4.66 -4.44 3.11
CA PRO A 23 3.94 -5.70 2.85
C PRO A 23 3.74 -5.96 1.36
N LEU A 24 3.94 -4.93 0.53
CA LEU A 24 3.79 -5.06 -0.91
C LEU A 24 4.98 -5.81 -1.53
N VAL A 25 6.04 -5.99 -0.74
CA VAL A 25 7.22 -6.70 -1.23
C VAL A 25 6.99 -8.22 -1.25
N PRO A 26 6.66 -8.85 -0.07
CA PRO A 26 6.41 -10.30 -0.01
C PRO A 26 5.20 -10.73 -0.85
N THR A 27 4.22 -9.85 -0.99
CA THR A 27 3.03 -10.15 -1.77
C THR A 27 3.36 -10.31 -3.25
N TYR A 28 4.37 -9.57 -3.70
CA TYR A 28 4.78 -9.66 -5.10
C TYR A 28 5.34 -11.03 -5.40
N LEU A 29 6.10 -11.58 -4.45
CA LEU A 29 6.69 -12.90 -4.62
C LEU A 29 5.59 -13.96 -4.62
N PHE A 30 4.57 -13.75 -3.79
CA PHE A 30 3.45 -14.69 -3.72
C PHE A 30 2.65 -14.64 -5.02
N TYR A 31 2.51 -13.45 -5.58
CA TYR A 31 1.80 -13.27 -6.85
C TYR A 31 2.60 -13.87 -7.99
N LEU A 32 3.93 -13.71 -7.94
CA LEU A 32 4.81 -14.26 -8.97
C LEU A 32 4.79 -15.79 -8.94
N GLY A 33 4.66 -16.34 -7.73
CA GLY A 33 4.60 -17.79 -7.57
C GLY A 33 3.19 -18.31 -7.72
N GLY A 34 2.26 -17.41 -8.05
CA GLY A 34 0.86 -17.78 -8.21
C GLY A 34 0.55 -18.15 -9.64
N ALA A 35 1.29 -19.13 -10.17
CA ALA A 35 1.12 -19.60 -11.55
C ALA A 35 1.40 -18.51 -12.57
N ARG A 36 0.35 -17.90 -13.11
CA ARG A 36 0.49 -16.84 -14.10
C ARG A 36 0.55 -15.47 -13.44
N GLY A 37 1.57 -15.28 -12.58
CA GLY A 37 1.74 -14.02 -11.90
C GLY A 37 2.84 -13.18 -12.50
N ARG A 38 2.56 -12.57 -13.64
CA ARG A 38 3.54 -11.74 -14.33
C ARG A 38 3.54 -10.32 -13.75
N PRO A 39 4.75 -9.75 -13.55
CA PRO A 39 4.90 -8.39 -12.99
C PRO A 39 4.17 -7.32 -13.81
N LEU A 40 4.35 -7.39 -15.13
CA LEU A 40 3.72 -6.44 -16.03
C LEU A 40 2.19 -6.54 -15.96
N PHE A 41 1.69 -7.76 -15.84
CA PHE A 41 0.25 -7.99 -15.76
C PHE A 41 -0.29 -7.50 -14.42
N ASN A 42 0.48 -7.72 -13.36
CA ASN A 42 0.11 -7.29 -12.02
C ASN A 42 0.06 -5.76 -11.96
N ALA A 43 1.08 -5.13 -12.51
CA ALA A 43 1.16 -3.67 -12.53
C ALA A 43 0.06 -3.08 -13.40
N LEU A 44 -0.26 -3.78 -14.49
CA LEU A 44 -1.29 -3.32 -15.42
C LEU A 44 -2.67 -3.39 -14.76
N PHE A 45 -2.96 -4.52 -14.13
CA PHE A 45 -4.24 -4.71 -13.46
C PHE A 45 -4.36 -3.78 -12.26
N PHE A 46 -3.21 -3.43 -11.68
CA PHE A 46 -3.18 -2.52 -10.54
C PHE A 46 -3.69 -1.14 -10.94
N ILE A 47 -3.13 -0.59 -12.02
CA ILE A 47 -3.54 0.72 -12.51
C ILE A 47 -4.99 0.71 -12.97
N LEU A 48 -5.39 -0.37 -13.63
CA LEU A 48 -6.76 -0.51 -14.12
C LEU A 48 -7.75 -0.66 -12.95
N GLY A 49 -7.48 -1.60 -12.06
CA GLY A 49 -8.34 -1.80 -10.91
C GLY A 49 -8.46 -0.56 -10.05
N PHE A 50 -7.32 0.11 -9.82
CA PHE A 50 -7.31 1.32 -9.01
C PHE A 50 -8.01 2.46 -9.75
N GLY A 51 -7.84 2.50 -11.07
CA GLY A 51 -8.48 3.52 -11.88
C GLY A 51 -9.99 3.45 -11.78
N ALA A 52 -10.52 2.23 -11.90
CA ALA A 52 -11.96 2.00 -11.80
C ALA A 52 -12.48 2.44 -10.45
N VAL A 53 -11.76 2.08 -9.38
CA VAL A 53 -12.16 2.45 -8.03
C VAL A 53 -12.07 3.96 -7.82
N PHE A 54 -10.99 4.57 -8.29
CA PHE A 54 -10.80 6.01 -8.16
C PHE A 54 -11.86 6.78 -8.93
N PHE A 55 -12.36 6.20 -10.01
CA PHE A 55 -13.39 6.84 -10.81
C PHE A 55 -14.75 6.67 -10.16
N LEU A 56 -15.04 5.46 -9.69
CA LEU A 56 -16.32 5.18 -9.03
C LEU A 56 -16.42 5.94 -7.71
N LEU A 57 -15.28 6.18 -7.07
CA LEU A 57 -15.26 6.92 -5.81
C LEU A 57 -15.11 8.42 -6.09
N GLY A 58 -14.65 8.74 -7.30
CA GLY A 58 -14.46 10.12 -7.69
C GLY A 58 -15.78 10.81 -7.98
N LEU A 59 -16.76 10.03 -8.45
CA LEU A 59 -18.09 10.56 -8.76
C LEU A 59 -18.75 11.15 -7.50
N PRO A 60 -18.88 10.37 -6.40
CA PRO A 60 -19.49 10.86 -5.16
C PRO A 60 -18.60 11.88 -4.44
N PHE A 61 -17.34 12.00 -4.87
CA PHE A 61 -16.38 12.94 -4.27
C PHE A 61 -16.96 14.35 -4.18
N THR A 62 -17.77 14.74 -5.16
CA THR A 62 -18.41 16.05 -5.17
C THR A 62 -19.30 16.25 -3.95
N LEU A 63 -20.02 15.19 -3.59
CA LEU A 63 -20.91 15.22 -2.43
C LEU A 63 -20.13 14.92 -1.15
N LEU A 64 -18.97 14.30 -1.30
CA LEU A 64 -18.14 13.95 -0.15
C LEU A 64 -17.51 15.19 0.46
N GLY A 65 -17.47 16.29 -0.31
CA GLY A 65 -16.92 17.53 0.17
C GLY A 65 -17.71 18.09 1.34
N GLY A 66 -19.02 17.83 1.33
CA GLY A 66 -19.87 18.29 2.41
C GLY A 66 -19.81 17.38 3.61
N LEU A 67 -19.42 16.12 3.38
CA LEU A 67 -19.30 15.13 4.44
C LEU A 67 -17.98 15.26 5.18
N LEU A 68 -17.00 15.90 4.53
CA LEU A 68 -15.69 16.12 5.14
C LEU A 68 -15.79 17.07 6.33
N PHE A 69 -16.83 17.88 6.34
CA PHE A 69 -17.05 18.84 7.42
C PHE A 69 -17.44 18.13 8.71
N GLU A 70 -18.24 17.07 8.59
CA GLU A 70 -18.68 16.30 9.73
C GLU A 70 -18.29 14.84 9.55
N HIS A 71 -16.99 14.58 9.47
CA HIS A 71 -16.50 13.22 9.28
C HIS A 71 -16.54 12.45 10.60
N ARG A 72 -16.65 11.13 10.51
CA ARG A 72 -16.71 10.28 11.68
C ARG A 72 -15.43 9.47 11.84
N GLN A 73 -14.87 9.50 13.04
CA GLN A 73 -13.64 8.77 13.33
C GLN A 73 -13.93 7.27 13.44
N THR A 74 -15.18 6.92 13.72
CA THR A 74 -15.59 5.54 13.85
C THR A 74 -15.44 4.78 12.53
N LEU A 75 -15.50 5.51 11.43
CA LEU A 75 -15.36 4.92 10.10
C LEU A 75 -13.89 4.69 9.77
N ALA A 76 -13.02 5.53 10.31
CA ALA A 76 -11.59 5.41 10.08
C ALA A 76 -10.98 4.30 10.93
N ARG A 77 -11.68 3.96 12.02
CA ARG A 77 -11.22 2.91 12.92
C ARG A 77 -11.31 1.54 12.27
N VAL A 78 -12.18 1.41 11.26
CA VAL A 78 -12.35 0.15 10.55
C VAL A 78 -11.06 -0.23 9.84
N GLY A 79 -10.35 0.77 9.32
CA GLY A 79 -9.09 0.52 8.64
C GLY A 79 -8.04 -0.02 9.59
N GLY A 80 -8.07 0.46 10.82
CA GLY A 80 -7.12 -0.01 11.82
C GLY A 80 -7.36 -1.46 12.16
N VAL A 81 -8.63 -1.85 12.23
CA VAL A 81 -9.01 -3.23 12.51
C VAL A 81 -8.43 -4.17 11.45
N VAL A 82 -8.54 -3.75 10.19
CA VAL A 82 -8.00 -4.53 9.07
C VAL A 82 -6.49 -4.69 9.21
N LEU A 83 -5.82 -3.62 9.63
CA LEU A 83 -4.37 -3.64 9.81
C LEU A 83 -3.99 -4.65 10.90
N VAL A 84 -4.74 -4.64 12.00
CA VAL A 84 -4.49 -5.56 13.10
C VAL A 84 -4.70 -7.00 12.62
N LEU A 85 -5.78 -7.21 11.87
CA LEU A 85 -6.08 -8.54 11.33
C LEU A 85 -4.97 -9.00 10.38
N PHE A 86 -4.46 -8.07 9.57
CA PHE A 86 -3.38 -8.38 8.64
C PHE A 86 -2.13 -8.79 9.41
N GLY A 87 -1.85 -8.05 10.49
CA GLY A 87 -0.70 -8.35 11.33
C GLY A 87 -0.77 -9.76 11.89
N LEU A 88 -1.97 -10.17 12.30
CA LEU A 88 -2.18 -11.50 12.85
C LEU A 88 -1.95 -12.57 11.78
N TYR A 89 -2.35 -12.27 10.55
CA TYR A 89 -2.17 -13.19 9.44
C TYR A 89 -0.70 -13.28 9.04
N MET A 90 0.00 -12.14 9.13
CA MET A 90 1.42 -12.08 8.79
C MET A 90 2.26 -12.81 9.84
N LEU A 91 1.69 -12.96 11.04
CA LEU A 91 2.38 -13.66 12.12
C LEU A 91 2.45 -15.17 11.85
N GLY A 92 1.85 -15.59 10.73
CA GLY A 92 1.87 -16.99 10.37
C GLY A 92 0.71 -17.76 10.95
N LEU A 93 -0.26 -17.05 11.51
CA LEU A 93 -1.43 -17.70 12.10
C LEU A 93 -2.40 -18.13 11.01
N ARG A 94 -2.70 -19.43 10.97
CA ARG A 94 -3.60 -19.96 9.96
C ARG A 94 -4.85 -20.56 10.63
N PRO A 95 -6.04 -20.27 10.08
CA PRO A 95 -7.30 -20.79 10.62
C PRO A 95 -7.46 -22.30 10.39
N ARG A 96 -7.28 -23.07 11.47
CA ARG A 96 -7.41 -24.53 11.39
C ARG A 96 -8.87 -24.94 11.43
N TRP A 97 -9.71 -24.06 11.99
CA TRP A 97 -11.14 -24.33 12.08
C TRP A 97 -11.94 -23.14 11.58
N GLY A 98 -12.78 -23.38 10.57
CA GLY A 98 -13.58 -22.33 10.00
C GLY A 98 -14.44 -22.84 8.86
N VAL A 99 -14.41 -22.12 7.74
CA VAL A 99 -15.19 -22.51 6.57
C VAL A 99 -14.33 -23.29 5.58
N SER A 100 -14.34 -24.61 5.69
CA SER A 100 -13.57 -25.47 4.81
C SER A 100 -14.37 -25.85 3.56
N LEU A 101 -14.90 -24.85 2.87
CA LEU A 101 -15.68 -25.09 1.67
C LEU A 101 -14.92 -24.62 0.43
N ARG A 102 -13.96 -25.43 0.01
CA ARG A 102 -13.15 -25.11 -1.15
C ARG A 102 -12.99 -26.33 -2.05
N TYR A 103 -12.37 -26.13 -3.22
CA TYR A 103 -12.16 -27.22 -4.16
C TYR A 103 -10.81 -27.88 -3.94
N GLU A 104 -10.01 -27.29 -3.05
CA GLU A 104 -8.68 -27.80 -2.71
C GLU A 104 -7.75 -27.79 -3.94
N GLY A 105 -6.72 -28.61 -3.91
CA GLY A 105 -5.79 -28.67 -5.02
C GLY A 105 -4.62 -27.71 -4.84
N GLU A 106 -4.32 -26.96 -5.89
CA GLU A 106 -3.21 -26.00 -5.83
C GLU A 106 -3.69 -24.60 -6.20
N THR A 107 -5.00 -24.41 -6.19
CA THR A 107 -5.60 -23.12 -6.51
C THR A 107 -5.71 -22.24 -5.28
N SER A 108 -5.23 -22.74 -4.15
CA SER A 108 -5.27 -22.02 -2.89
C SER A 108 -4.16 -20.97 -2.84
N ARG A 109 -3.12 -21.15 -3.66
CA ARG A 109 -2.00 -20.21 -3.71
C ARG A 109 -2.35 -18.94 -4.49
N PRO A 110 -2.78 -19.05 -5.78
CA PRO A 110 -3.15 -17.87 -6.58
C PRO A 110 -4.32 -17.11 -5.99
N LEU A 111 -5.26 -17.83 -5.40
CA LEU A 111 -6.44 -17.23 -4.79
C LEU A 111 -6.12 -16.69 -3.39
N GLY A 112 -5.06 -17.23 -2.79
CA GLY A 112 -4.67 -16.77 -1.46
C GLY A 112 -4.13 -15.35 -1.50
N ALA A 113 -3.34 -15.07 -2.53
CA ALA A 113 -2.77 -13.73 -2.72
C ALA A 113 -3.85 -12.75 -3.15
N PHE A 114 -4.81 -13.24 -3.94
CA PHE A 114 -5.90 -12.39 -4.42
C PHE A 114 -6.85 -12.02 -3.28
N LEU A 115 -7.07 -12.95 -2.36
CA LEU A 115 -7.94 -12.71 -1.22
C LEU A 115 -7.34 -11.65 -0.30
N LEU A 116 -6.06 -11.83 0.05
CA LEU A 116 -5.38 -10.89 0.92
C LEU A 116 -5.20 -9.54 0.22
N GLY A 117 -5.11 -9.57 -1.11
CA GLY A 117 -4.97 -8.35 -1.87
C GLY A 117 -6.27 -7.58 -1.92
N ALA A 118 -7.36 -8.28 -2.24
CA ALA A 118 -8.68 -7.67 -2.29
C ALA A 118 -9.09 -7.13 -0.93
N THR A 119 -8.70 -7.84 0.13
CA THR A 119 -9.02 -7.42 1.49
C THR A 119 -8.31 -6.11 1.83
N LEU A 120 -7.04 -5.99 1.44
CA LEU A 120 -6.27 -4.78 1.70
C LEU A 120 -6.80 -3.62 0.86
N ALA A 121 -7.35 -3.93 -0.31
CA ALA A 121 -7.91 -2.91 -1.18
C ALA A 121 -9.27 -2.44 -0.69
N LEU A 122 -10.01 -3.36 -0.05
CA LEU A 122 -11.33 -3.04 0.48
C LEU A 122 -11.22 -2.30 1.80
N GLY A 123 -10.11 -2.49 2.49
CA GLY A 123 -9.90 -1.82 3.76
C GLY A 123 -9.28 -0.45 3.58
N TRP A 124 -9.40 0.40 4.58
CA TRP A 124 -8.84 1.74 4.49
C TRP A 124 -7.48 1.80 5.16
N THR A 125 -6.46 2.18 4.39
CA THR A 125 -5.11 2.29 4.91
C THR A 125 -4.91 3.61 5.64
N PRO A 126 -4.68 3.56 6.97
CA PRO A 126 -4.48 4.76 7.79
C PRO A 126 -3.28 5.59 7.34
N CYS A 127 -2.40 4.98 6.55
CA CYS A 127 -1.21 5.67 6.06
C CYS A 127 -1.56 6.62 4.91
N ILE A 128 -2.64 6.30 4.20
CA ILE A 128 -3.06 7.13 3.07
C ILE A 128 -4.21 8.06 3.47
N GLY A 129 -4.68 7.90 4.71
CA GLY A 129 -5.77 8.73 5.22
C GLY A 129 -5.47 10.22 5.15
N PRO A 130 -4.45 10.72 5.90
CA PRO A 130 -4.08 12.13 5.89
C PRO A 130 -3.70 12.62 4.49
N ILE A 131 -3.03 11.77 3.73
CA ILE A 131 -2.62 12.11 2.37
C ILE A 131 -3.83 12.38 1.49
N LEU A 132 -4.83 11.50 1.57
CA LEU A 132 -6.05 11.65 0.78
C LEU A 132 -6.81 12.92 1.17
N GLY A 133 -6.84 13.21 2.46
CA GLY A 133 -7.51 14.41 2.94
C GLY A 133 -6.85 15.68 2.40
N ALA A 134 -5.53 15.63 2.29
CA ALA A 134 -4.76 16.76 1.79
C ALA A 134 -5.03 16.99 0.30
N ILE A 135 -5.14 15.89 -0.45
CA ILE A 135 -5.40 15.96 -1.89
C ILE A 135 -6.76 16.59 -2.17
N LEU A 136 -7.72 16.36 -1.27
CA LEU A 136 -9.07 16.91 -1.41
C LEU A 136 -9.04 18.44 -1.33
N THR A 137 -8.15 18.98 -0.50
CA THR A 137 -8.02 20.43 -0.37
C THR A 137 -7.10 21.00 -1.45
N LEU A 138 -6.25 20.14 -2.01
CA LEU A 138 -5.33 20.56 -3.06
C LEU A 138 -6.06 20.72 -4.40
N THR A 139 -7.13 19.95 -4.59
CA THR A 139 -7.91 20.03 -5.82
C THR A 139 -8.89 21.20 -5.77
N ALA A 140 -9.11 21.71 -4.57
CA ALA A 140 -10.02 22.83 -4.36
C ALA A 140 -9.34 24.14 -4.76
N VAL A 141 -8.03 24.17 -4.62
CA VAL A 141 -7.24 25.35 -4.96
C VAL A 141 -6.55 25.19 -6.32
N GLY A 142 -6.84 24.07 -6.98
CA GLY A 142 -6.24 23.80 -8.28
C GLY A 142 -6.89 22.61 -8.97
N GLY A 143 -7.83 22.89 -9.87
CA GLY A 143 -8.51 21.83 -10.58
C GLY A 143 -7.76 21.36 -11.81
N GLY A 144 -6.77 20.50 -11.59
CA GLY A 144 -5.98 19.98 -12.70
C GLY A 144 -5.98 18.47 -12.75
N VAL A 145 -6.71 17.91 -13.72
CA VAL A 145 -6.79 16.45 -13.88
C VAL A 145 -5.46 15.88 -14.36
N GLY A 146 -4.65 16.72 -15.00
CA GLY A 146 -3.36 16.29 -15.49
C GLY A 146 -2.41 15.94 -14.35
N PHE A 147 -2.58 16.60 -13.21
CA PHE A 147 -1.74 16.35 -12.04
C PHE A 147 -1.98 14.94 -11.50
N LEU A 148 -3.25 14.54 -11.43
CA LEU A 148 -3.61 13.23 -10.93
C LEU A 148 -3.10 12.14 -11.86
N LEU A 149 -3.20 12.37 -13.17
CA LEU A 149 -2.71 11.41 -14.16
C LEU A 149 -1.20 11.29 -14.08
N ALA A 150 -0.52 12.43 -13.94
CA ALA A 150 0.93 12.46 -13.83
C ALA A 150 1.39 11.72 -12.57
N TYR A 151 0.58 11.80 -11.53
CA TYR A 151 0.89 11.13 -10.27
C TYR A 151 0.93 9.62 -10.46
N ILE A 152 -0.10 9.07 -11.09
CA ILE A 152 -0.19 7.64 -11.34
C ILE A 152 0.99 7.19 -12.22
N LEU A 153 1.26 7.96 -13.26
CA LEU A 153 2.34 7.63 -14.17
C LEU A 153 3.70 7.80 -13.51
N GLY A 154 3.81 8.79 -12.62
CA GLY A 154 5.05 9.04 -11.90
C GLY A 154 5.48 7.84 -11.08
N LEU A 155 4.51 7.14 -10.51
CA LEU A 155 4.79 5.96 -9.70
C LEU A 155 4.86 4.71 -10.59
N ALA A 156 4.23 4.79 -11.76
CA ALA A 156 4.21 3.68 -12.71
C ALA A 156 5.62 3.33 -13.19
N VAL A 157 6.39 4.34 -13.61
CA VAL A 157 7.75 4.10 -14.11
C VAL A 157 8.64 3.34 -13.09
N PRO A 158 8.72 3.78 -11.82
CA PRO A 158 9.52 3.08 -10.79
C PRO A 158 9.06 1.65 -10.60
N PHE A 159 7.75 1.43 -10.60
CA PHE A 159 7.19 0.10 -10.41
C PHE A 159 7.65 -0.86 -11.49
N PHE A 160 7.69 -0.38 -12.74
CA PHE A 160 8.12 -1.20 -13.86
C PHE A 160 9.60 -1.58 -13.72
N VAL A 161 10.42 -0.61 -13.33
CA VAL A 161 11.85 -0.86 -13.15
C VAL A 161 12.09 -1.88 -12.05
N VAL A 162 11.38 -1.72 -10.93
CA VAL A 162 11.51 -2.62 -9.80
C VAL A 162 10.99 -4.02 -10.15
N ALA A 163 9.78 -4.07 -10.72
CA ALA A 163 9.16 -5.34 -11.10
C ALA A 163 10.04 -6.12 -12.09
N LEU A 164 10.77 -5.40 -12.92
CA LEU A 164 11.64 -6.02 -13.91
C LEU A 164 12.84 -6.67 -13.24
N PHE A 165 13.51 -5.94 -12.36
CA PHE A 165 14.68 -6.46 -11.66
C PHE A 165 14.28 -7.52 -10.65
N ALA A 166 13.11 -7.35 -10.04
CA ALA A 166 12.59 -8.29 -9.06
C ALA A 166 12.22 -9.62 -9.72
N ASP A 167 11.99 -9.58 -11.03
CA ASP A 167 11.63 -10.78 -11.78
C ASP A 167 12.82 -11.71 -11.93
N ARG A 168 14.00 -11.13 -12.09
CA ARG A 168 15.22 -11.92 -12.25
C ARG A 168 15.80 -12.33 -10.91
N ILE A 169 15.80 -11.40 -9.96
CA ILE A 169 16.34 -11.68 -8.63
C ILE A 169 15.46 -12.68 -7.87
N LYS A 170 14.20 -12.80 -8.31
CA LYS A 170 13.24 -13.71 -7.69
C LYS A 170 13.77 -15.15 -7.69
N GLY A 171 14.46 -15.52 -8.77
CA GLY A 171 15.01 -16.87 -8.87
C GLY A 171 16.15 -17.11 -7.90
N TRP A 172 16.88 -16.05 -7.59
CA TRP A 172 18.02 -16.15 -6.66
C TRP A 172 17.57 -15.98 -5.22
N LEU A 173 16.75 -14.96 -4.96
CA LEU A 173 16.25 -14.68 -3.61
C LEU A 173 15.31 -15.77 -3.13
N ARG A 174 14.82 -16.60 -4.05
CA ARG A 174 13.93 -17.70 -3.70
C ARG A 174 14.58 -18.63 -2.68
N ARG A 175 15.78 -19.10 -3.00
CA ARG A 175 16.51 -20.00 -2.11
C ARG A 175 17.46 -19.23 -1.20
N ALA A 176 17.74 -17.98 -1.54
CA ALA A 176 18.64 -17.15 -0.75
C ALA A 176 17.87 -16.30 0.25
N GLY A 177 16.56 -16.50 0.32
CA GLY A 177 15.72 -15.74 1.24
C GLY A 177 15.73 -16.31 2.64
N ARG A 178 16.60 -17.28 2.87
CA ARG A 178 16.72 -17.91 4.18
C ARG A 178 17.26 -16.92 5.21
N ILE A 179 18.21 -16.10 4.79
CA ILE A 179 18.80 -15.09 5.67
C ILE A 179 17.91 -13.87 5.77
N SER A 180 17.16 -13.60 4.70
CA SER A 180 16.25 -12.47 4.64
C SER A 180 15.07 -12.66 5.61
N HIS A 181 14.88 -13.90 6.05
CA HIS A 181 13.80 -14.23 6.98
C HIS A 181 13.91 -13.40 8.26
N TYR A 182 15.13 -13.07 8.65
CA TYR A 182 15.36 -12.27 9.86
C TYR A 182 14.78 -10.87 9.68
N VAL A 183 15.04 -10.29 8.51
CA VAL A 183 14.56 -8.95 8.19
C VAL A 183 13.04 -8.97 7.95
N GLU A 184 12.51 -10.15 7.67
CA GLU A 184 11.09 -10.31 7.41
C GLU A 184 10.32 -10.28 8.72
N VAL A 185 10.83 -11.01 9.72
CA VAL A 185 10.20 -11.06 11.04
C VAL A 185 10.30 -9.70 11.73
N LEU A 186 11.46 -9.05 11.60
CA LEU A 186 11.67 -7.73 12.20
C LEU A 186 10.69 -6.72 11.64
N ALA A 187 10.57 -6.69 10.31
CA ALA A 187 9.64 -5.77 9.66
C ALA A 187 8.21 -6.07 10.07
N GLY A 188 7.92 -7.36 10.25
CA GLY A 188 6.59 -7.77 10.67
C GLY A 188 6.25 -7.26 12.06
N VAL A 189 7.18 -7.42 12.98
CA VAL A 189 6.99 -6.95 14.36
C VAL A 189 6.81 -5.44 14.39
N VAL A 190 7.71 -4.71 13.72
CA VAL A 190 7.63 -3.26 13.66
C VAL A 190 6.30 -2.80 13.05
N LEU A 191 5.84 -3.53 12.03
CA LEU A 191 4.58 -3.20 11.37
C LEU A 191 3.41 -3.31 12.35
N VAL A 192 3.38 -4.40 13.12
CA VAL A 192 2.33 -4.60 14.11
C VAL A 192 2.42 -3.54 15.21
N LEU A 193 3.66 -3.21 15.59
CA LEU A 193 3.90 -2.21 16.62
C LEU A 193 3.31 -0.86 16.24
N VAL A 194 3.68 -0.36 15.05
CA VAL A 194 3.17 0.92 14.60
C VAL A 194 1.67 0.84 14.30
N GLY A 195 1.22 -0.34 13.88
CA GLY A 195 -0.18 -0.54 13.58
C GLY A 195 -1.05 -0.43 14.81
N VAL A 196 -0.66 -1.09 15.89
CA VAL A 196 -1.43 -1.05 17.13
C VAL A 196 -1.31 0.32 17.80
N LEU A 197 -0.14 0.96 17.63
CA LEU A 197 0.10 2.27 18.20
C LEU A 197 -0.78 3.34 17.57
N LEU A 198 -0.99 3.23 16.26
CA LEU A 198 -1.84 4.19 15.55
C LEU A 198 -3.31 3.92 15.84
N PHE A 199 -3.67 2.65 16.02
CA PHE A 199 -5.04 2.28 16.31
C PHE A 199 -5.47 2.80 17.68
N THR A 200 -4.62 2.59 18.68
CA THR A 200 -4.92 3.06 20.03
C THR A 200 -4.59 4.54 20.19
N GLY A 201 -3.88 5.09 19.21
CA GLY A 201 -3.51 6.49 19.27
C GLY A 201 -4.57 7.40 18.68
N THR A 202 -5.00 7.09 17.46
CA THR A 202 -6.01 7.88 16.76
C THR A 202 -5.62 9.35 16.69
N PHE A 203 -4.33 9.60 16.50
CA PHE A 203 -3.81 10.96 16.43
C PHE A 203 -2.76 11.08 15.34
N THR A 204 -2.03 12.20 15.34
CA THR A 204 -1.00 12.46 14.35
C THR A 204 0.28 11.68 14.67
N ALA A 205 0.14 10.36 14.78
CA ALA A 205 1.28 9.48 15.06
C ALA A 205 2.06 9.17 13.79
N LEU A 206 1.42 9.36 12.65
CA LEU A 206 2.07 9.10 11.37
C LEU A 206 3.15 10.14 11.08
N ASN A 207 2.91 11.37 11.54
CA ASN A 207 3.87 12.44 11.33
C ASN A 207 5.13 12.23 12.16
N THR A 208 4.96 11.78 13.40
CA THR A 208 6.08 11.54 14.29
C THR A 208 6.91 10.35 13.82
N PHE A 209 6.24 9.39 13.20
CA PHE A 209 6.91 8.21 12.69
C PHE A 209 7.58 8.48 11.35
N PHE A 210 6.86 9.17 10.46
CA PHE A 210 7.40 9.50 9.14
C PHE A 210 8.64 10.38 9.24
N LEU A 211 8.68 11.23 10.25
CA LEU A 211 9.83 12.13 10.45
C LEU A 211 11.09 11.33 10.81
N ARG A 212 10.90 10.09 11.24
CA ARG A 212 12.02 9.23 11.60
C ARG A 212 12.47 8.39 10.41
N ILE A 213 11.56 8.17 9.47
CA ILE A 213 11.86 7.38 8.28
C ILE A 213 12.34 8.26 7.13
N THR A 214 12.04 9.55 7.21
CA THR A 214 12.45 10.51 6.19
C THR A 214 13.96 10.72 6.23
N PRO A 215 14.66 10.42 5.12
CA PRO A 215 16.11 10.59 5.04
C PRO A 215 16.51 12.07 4.95
N GLU A 216 17.70 12.39 5.46
CA GLU A 216 18.19 13.76 5.44
C GLU A 216 18.51 14.22 4.02
N TRP A 217 18.62 13.27 3.10
CA TRP A 217 18.90 13.58 1.71
C TRP A 217 17.71 14.25 1.04
N LEU A 218 16.52 13.99 1.56
CA LEU A 218 15.31 14.59 1.01
C LEU A 218 15.12 16.01 1.56
N GLN A 219 15.71 16.26 2.73
CA GLN A 219 15.63 17.56 3.37
C GLN A 219 16.59 18.54 2.70
N ARG A 220 17.60 18.00 2.03
CA ARG A 220 18.59 18.83 1.33
C ARG A 220 18.06 19.27 -0.04
N TYR A 221 16.86 18.80 -0.39
CA TYR A 221 16.24 19.16 -1.65
C TYR A 221 15.32 20.36 -1.49
N LEU A 222 15.08 20.74 -0.24
CA LEU A 222 14.23 21.88 0.06
C LEU A 222 15.05 23.15 0.24
N PRO A 223 14.61 24.27 -0.36
CA PRO A 223 15.32 25.56 -0.26
C PRO A 223 15.25 26.16 1.14
N SER A 224 16.06 25.63 2.05
CA SER A 224 16.09 26.12 3.42
C SER A 224 17.10 27.26 3.57
N MET A 1 3.74 23.45 -18.68
CA MET A 1 4.51 23.41 -17.41
C MET A 1 4.97 21.99 -17.11
N SER A 2 6.06 21.87 -16.35
CA SER A 2 6.59 20.56 -15.99
C SER A 2 6.49 20.32 -14.48
N LEU A 3 5.55 21.02 -13.85
CA LEU A 3 5.36 20.89 -12.40
C LEU A 3 4.69 19.56 -12.05
N SER A 4 3.99 18.97 -13.02
CA SER A 4 3.33 17.69 -12.81
C SER A 4 4.34 16.58 -12.62
N LEU A 5 5.50 16.73 -13.24
CA LEU A 5 6.57 15.74 -13.13
C LEU A 5 7.25 15.81 -11.77
N THR A 6 7.52 17.03 -11.31
CA THR A 6 8.15 17.23 -10.00
C THR A 6 7.30 16.62 -8.89
N ALA A 7 6.00 16.89 -8.94
CA ALA A 7 5.07 16.36 -7.96
C ALA A 7 5.00 14.83 -8.03
N ALA A 8 4.85 14.32 -9.25
CA ALA A 8 4.79 12.87 -9.48
C ALA A 8 6.05 12.17 -8.97
N PHE A 9 7.20 12.80 -9.20
CA PHE A 9 8.46 12.24 -8.77
C PHE A 9 8.55 12.23 -7.24
N LEU A 10 8.24 13.38 -6.63
CA LEU A 10 8.25 13.48 -5.17
C LEU A 10 7.31 12.46 -4.54
N ALA A 11 6.11 12.34 -5.12
CA ALA A 11 5.13 11.38 -4.63
C ALA A 11 5.64 9.96 -4.72
N GLY A 12 6.23 9.61 -5.87
CA GLY A 12 6.77 8.28 -6.08
C GLY A 12 7.85 7.95 -5.07
N VAL A 13 8.76 8.90 -4.84
CA VAL A 13 9.84 8.69 -3.87
C VAL A 13 9.29 8.63 -2.45
N LEU A 14 8.30 9.47 -2.15
CA LEU A 14 7.69 9.51 -0.83
C LEU A 14 7.05 8.16 -0.49
N SER A 15 6.29 7.61 -1.45
CA SER A 15 5.62 6.32 -1.24
C SER A 15 6.64 5.20 -1.08
N PHE A 16 7.75 5.30 -1.81
CA PHE A 16 8.80 4.28 -1.76
C PHE A 16 9.58 4.36 -0.44
N LEU A 17 9.83 5.58 0.05
CA LEU A 17 10.55 5.77 1.30
C LEU A 17 9.62 5.60 2.50
N SER A 18 8.33 5.54 2.25
CA SER A 18 7.35 5.37 3.30
C SER A 18 7.12 3.89 3.58
N PRO A 19 7.10 3.49 4.86
CA PRO A 19 6.89 2.09 5.25
C PRO A 19 5.46 1.63 5.04
N CYS A 20 4.59 2.57 4.70
CA CYS A 20 3.18 2.27 4.47
C CYS A 20 2.87 2.32 2.98
N VAL A 21 1.92 1.47 2.55
CA VAL A 21 1.51 1.38 1.14
C VAL A 21 2.70 0.99 0.25
N LEU A 22 3.19 -0.23 0.44
CA LEU A 22 4.31 -0.73 -0.34
C LEU A 22 3.84 -1.81 -1.30
N PRO A 23 3.96 -1.56 -2.62
CA PRO A 23 3.53 -2.52 -3.65
C PRO A 23 4.38 -3.79 -3.66
N LEU A 24 5.60 -3.68 -3.17
CA LEU A 24 6.53 -4.81 -3.09
C LEU A 24 6.05 -5.86 -2.10
N VAL A 25 5.16 -5.46 -1.18
CA VAL A 25 4.61 -6.37 -0.17
C VAL A 25 3.78 -7.49 -0.82
N PRO A 26 2.68 -7.16 -1.55
CA PRO A 26 1.85 -8.18 -2.21
C PRO A 26 2.64 -9.01 -3.22
N THR A 27 3.72 -8.44 -3.76
CA THR A 27 4.57 -9.14 -4.72
C THR A 27 5.24 -10.35 -4.07
N TYR A 28 5.68 -10.18 -2.82
CA TYR A 28 6.34 -11.26 -2.11
C TYR A 28 5.35 -12.37 -1.76
N LEU A 29 4.10 -11.99 -1.55
CA LEU A 29 3.06 -12.96 -1.23
C LEU A 29 2.62 -13.70 -2.49
N PHE A 30 2.48 -12.97 -3.59
CA PHE A 30 2.09 -13.55 -4.87
C PHE A 30 3.09 -14.62 -5.31
N TYR A 31 4.38 -14.34 -5.13
CA TYR A 31 5.43 -15.28 -5.50
C TYR A 31 5.49 -16.44 -4.50
N LEU A 32 5.11 -16.16 -3.26
CA LEU A 32 5.10 -17.18 -2.21
C LEU A 32 3.98 -18.18 -2.44
N GLY A 33 2.91 -17.70 -3.08
CA GLY A 33 1.78 -18.56 -3.38
C GLY A 33 2.08 -19.52 -4.51
N GLY A 34 2.90 -19.08 -5.45
CA GLY A 34 3.26 -19.92 -6.58
C GLY A 34 2.35 -19.69 -7.77
N ALA A 35 2.66 -18.67 -8.56
CA ALA A 35 1.86 -18.36 -9.74
C ALA A 35 2.72 -18.34 -11.00
N ARG A 36 3.61 -17.34 -11.09
CA ARG A 36 4.49 -17.17 -12.24
C ARG A 36 3.70 -17.03 -13.54
N GLY A 37 2.58 -16.32 -13.47
CA GLY A 37 1.74 -16.13 -14.64
C GLY A 37 1.88 -14.74 -15.24
N ARG A 38 3.11 -14.42 -15.67
CA ARG A 38 3.42 -13.11 -16.27
C ARG A 38 3.10 -11.97 -15.30
N PRO A 39 4.04 -11.66 -14.37
CA PRO A 39 3.86 -10.59 -13.38
C PRO A 39 3.61 -9.23 -14.04
N LEU A 40 4.16 -9.04 -15.23
CA LEU A 40 4.00 -7.79 -15.96
C LEU A 40 2.53 -7.54 -16.33
N PHE A 41 1.82 -8.60 -16.68
CA PHE A 41 0.41 -8.49 -17.04
C PHE A 41 -0.45 -8.33 -15.79
N ASN A 42 -0.06 -9.04 -14.73
CA ASN A 42 -0.79 -8.96 -13.46
C ASN A 42 -0.67 -7.56 -12.87
N ALA A 43 0.50 -6.95 -13.06
CA ALA A 43 0.76 -5.60 -12.57
C ALA A 43 -0.19 -4.60 -13.21
N LEU A 44 -0.20 -4.59 -14.55
CA LEU A 44 -1.08 -3.70 -15.30
C LEU A 44 -2.55 -3.89 -14.91
N PHE A 45 -2.94 -5.14 -14.69
CA PHE A 45 -4.31 -5.45 -14.30
C PHE A 45 -4.64 -4.85 -12.94
N PHE A 46 -3.72 -5.03 -11.99
CA PHE A 46 -3.90 -4.50 -10.63
C PHE A 46 -3.95 -2.98 -10.65
N ILE A 47 -3.06 -2.37 -11.43
CA ILE A 47 -3.02 -0.91 -11.52
C ILE A 47 -4.30 -0.38 -12.16
N LEU A 48 -4.79 -1.06 -13.20
CA LEU A 48 -6.02 -0.65 -13.87
C LEU A 48 -7.20 -0.78 -12.91
N GLY A 49 -7.28 -1.91 -12.22
CA GLY A 49 -8.35 -2.12 -11.27
C GLY A 49 -8.35 -1.09 -10.17
N PHE A 50 -7.15 -0.78 -9.65
CA PHE A 50 -7.01 0.22 -8.60
C PHE A 50 -7.35 1.61 -9.11
N GLY A 51 -6.92 1.92 -10.32
CA GLY A 51 -7.21 3.22 -10.92
C GLY A 51 -8.69 3.44 -11.10
N ALA A 52 -9.40 2.38 -11.49
CA ALA A 52 -10.84 2.44 -11.68
C ALA A 52 -11.56 2.69 -10.35
N VAL A 53 -11.19 1.91 -9.33
CA VAL A 53 -11.80 2.05 -8.01
C VAL A 53 -11.53 3.43 -7.41
N PHE A 54 -10.31 3.95 -7.62
CA PHE A 54 -9.95 5.26 -7.11
C PHE A 54 -10.75 6.37 -7.80
N PHE A 55 -10.85 6.30 -9.12
CA PHE A 55 -11.58 7.30 -9.89
C PHE A 55 -13.08 7.22 -9.61
N LEU A 56 -13.60 6.00 -9.47
CA LEU A 56 -15.02 5.79 -9.21
C LEU A 56 -15.40 6.33 -7.82
N LEU A 57 -14.48 6.24 -6.87
CA LEU A 57 -14.72 6.74 -5.52
C LEU A 57 -14.32 8.21 -5.40
N GLY A 58 -13.50 8.67 -6.33
CA GLY A 58 -13.06 10.05 -6.33
C GLY A 58 -14.12 11.00 -6.90
N LEU A 59 -14.99 10.45 -7.75
CA LEU A 59 -16.06 11.24 -8.36
C LEU A 59 -17.04 11.77 -7.30
N PRO A 60 -17.66 10.88 -6.46
CA PRO A 60 -18.59 11.32 -5.41
C PRO A 60 -17.90 12.06 -4.27
N PHE A 61 -16.56 11.95 -4.22
CA PHE A 61 -15.78 12.62 -3.18
C PHE A 61 -15.90 14.14 -3.27
N THR A 62 -16.31 14.64 -4.44
CA THR A 62 -16.49 16.07 -4.64
C THR A 62 -17.59 16.61 -3.72
N LEU A 63 -18.70 15.89 -3.66
CA LEU A 63 -19.83 16.30 -2.82
C LEU A 63 -19.69 15.73 -1.40
N LEU A 64 -18.89 14.67 -1.26
CA LEU A 64 -18.67 14.05 0.05
C LEU A 64 -17.70 14.87 0.88
N GLY A 65 -16.94 15.74 0.22
CA GLY A 65 -16.00 16.60 0.92
C GLY A 65 -16.68 17.54 1.90
N GLY A 66 -17.94 17.86 1.61
CA GLY A 66 -18.70 18.73 2.49
C GLY A 66 -19.22 18.00 3.71
N LEU A 67 -19.37 16.68 3.58
CA LEU A 67 -19.86 15.85 4.67
C LEU A 67 -18.70 15.39 5.56
N LEU A 68 -17.49 15.44 5.00
CA LEU A 68 -16.28 15.04 5.73
C LEU A 68 -16.05 15.99 6.92
N PHE A 69 -16.67 17.16 6.86
CA PHE A 69 -16.57 18.15 7.92
C PHE A 69 -17.21 17.63 9.21
N GLU A 70 -18.02 16.60 9.08
CA GLU A 70 -18.69 15.98 10.23
C GLU A 70 -17.76 14.96 10.89
N HIS A 71 -18.23 14.36 11.96
CA HIS A 71 -17.46 13.36 12.71
C HIS A 71 -17.51 11.99 12.02
N ARG A 72 -16.82 11.87 10.89
CA ARG A 72 -16.79 10.61 10.15
C ARG A 72 -15.40 10.00 10.15
N GLN A 73 -14.60 10.33 11.17
CA GLN A 73 -13.24 9.81 11.29
C GLN A 73 -13.25 8.38 11.82
N THR A 74 -14.37 7.99 12.43
CA THR A 74 -14.51 6.66 12.99
C THR A 74 -14.47 5.59 11.90
N LEU A 75 -14.73 5.99 10.66
CA LEU A 75 -14.70 5.07 9.53
C LEU A 75 -13.29 4.57 9.26
N ALA A 76 -12.30 5.39 9.63
CA ALA A 76 -10.91 5.02 9.43
C ALA A 76 -10.41 4.20 10.63
N ARG A 77 -11.08 4.36 11.76
CA ARG A 77 -10.73 3.64 12.98
C ARG A 77 -10.94 2.14 12.82
N VAL A 78 -11.89 1.77 11.96
CA VAL A 78 -12.20 0.37 11.70
C VAL A 78 -11.00 -0.32 11.05
N GLY A 79 -10.12 0.46 10.45
CA GLY A 79 -8.93 -0.07 9.81
C GLY A 79 -7.98 -0.67 10.83
N GLY A 80 -7.99 -0.13 12.05
CA GLY A 80 -7.14 -0.65 13.09
C GLY A 80 -7.65 -1.97 13.61
N VAL A 81 -8.98 -2.07 13.72
CA VAL A 81 -9.62 -3.30 14.20
C VAL A 81 -9.27 -4.48 13.31
N VAL A 82 -9.41 -4.31 12.00
CA VAL A 82 -9.11 -5.37 11.05
C VAL A 82 -7.61 -5.65 11.01
N LEU A 83 -6.80 -4.62 11.23
CA LEU A 83 -5.35 -4.76 11.24
C LEU A 83 -4.90 -5.66 12.39
N VAL A 84 -5.50 -5.47 13.56
CA VAL A 84 -5.16 -6.28 14.73
C VAL A 84 -5.59 -7.73 14.50
N LEU A 85 -6.75 -7.91 13.88
CA LEU A 85 -7.27 -9.25 13.59
C LEU A 85 -6.32 -10.00 12.66
N PHE A 86 -5.77 -9.28 11.66
CA PHE A 86 -4.83 -9.88 10.73
C PHE A 86 -3.54 -10.27 11.44
N GLY A 87 -3.11 -9.44 12.39
CA GLY A 87 -1.92 -9.72 13.16
C GLY A 87 -2.08 -10.96 14.02
N LEU A 88 -3.27 -11.11 14.60
CA LEU A 88 -3.57 -12.28 15.44
C LEU A 88 -3.52 -13.56 14.62
N TYR A 89 -4.03 -13.49 13.39
CA TYR A 89 -4.04 -14.65 12.51
C TYR A 89 -2.62 -14.94 12.00
N MET A 90 -1.82 -13.89 11.85
CA MET A 90 -0.44 -14.03 11.39
C MET A 90 0.44 -14.63 12.50
N LEU A 91 -0.03 -14.54 13.75
CA LEU A 91 0.68 -15.10 14.90
C LEU A 91 0.71 -16.63 14.86
N GLY A 92 0.05 -17.20 13.86
CA GLY A 92 0.01 -18.64 13.72
C GLY A 92 -1.34 -19.23 14.05
N LEU A 93 -2.34 -18.38 14.29
CA LEU A 93 -3.69 -18.85 14.60
C LEU A 93 -4.25 -19.65 13.43
N ARG A 94 -4.60 -20.91 13.71
CA ARG A 94 -5.14 -21.77 12.68
C ARG A 94 -6.48 -22.36 13.12
N PRO A 95 -7.43 -22.51 12.18
CA PRO A 95 -8.74 -23.07 12.49
C PRO A 95 -8.69 -24.59 12.62
N ARG A 96 -9.84 -25.20 12.86
CA ARG A 96 -9.93 -26.65 13.03
C ARG A 96 -10.07 -27.36 11.69
N TRP A 97 -10.96 -26.84 10.85
CA TRP A 97 -11.22 -27.42 9.54
C TRP A 97 -10.99 -26.39 8.44
N GLY A 98 -10.88 -26.86 7.20
CA GLY A 98 -10.67 -25.96 6.09
C GLY A 98 -10.74 -26.67 4.75
N VAL A 99 -9.59 -26.84 4.12
CA VAL A 99 -9.52 -27.51 2.82
C VAL A 99 -8.61 -28.74 2.89
N SER A 100 -7.46 -28.58 3.53
CA SER A 100 -6.49 -29.66 3.68
C SER A 100 -6.90 -30.64 4.78
N LEU A 101 -7.76 -31.59 4.44
CA LEU A 101 -8.22 -32.58 5.41
C LEU A 101 -7.29 -33.78 5.45
N ARG A 102 -6.07 -33.56 5.96
CA ARG A 102 -5.04 -34.60 6.07
C ARG A 102 -4.49 -34.99 4.69
N TYR A 103 -5.30 -35.69 3.92
CA TYR A 103 -4.92 -36.12 2.59
C TYR A 103 -5.57 -35.25 1.53
N GLU A 104 -5.08 -35.34 0.29
CA GLU A 104 -5.60 -34.54 -0.82
C GLU A 104 -5.40 -33.05 -0.57
N GLY A 105 -4.15 -32.67 -0.30
CA GLY A 105 -3.83 -31.28 -0.05
C GLY A 105 -3.57 -30.52 -1.32
N GLU A 106 -4.32 -29.43 -1.53
CA GLU A 106 -4.15 -28.63 -2.73
C GLU A 106 -3.51 -27.29 -2.42
N THR A 107 -2.97 -26.64 -3.46
CA THR A 107 -2.32 -25.35 -3.31
C THR A 107 -3.32 -24.21 -3.26
N SER A 108 -3.78 -23.88 -2.06
CA SER A 108 -4.75 -22.80 -1.87
C SER A 108 -4.05 -21.45 -1.70
N ARG A 109 -2.72 -21.49 -1.68
CA ARG A 109 -1.91 -20.28 -1.52
C ARG A 109 -2.08 -19.28 -2.69
N PRO A 110 -1.90 -19.73 -3.97
CA PRO A 110 -2.06 -18.83 -5.13
C PRO A 110 -3.45 -18.20 -5.20
N LEU A 111 -4.46 -18.98 -4.81
CA LEU A 111 -5.84 -18.49 -4.82
C LEU A 111 -6.08 -17.54 -3.66
N GLY A 112 -5.37 -17.76 -2.56
CA GLY A 112 -5.49 -16.90 -1.40
C GLY A 112 -4.80 -15.57 -1.62
N ALA A 113 -3.80 -15.58 -2.51
CA ALA A 113 -3.04 -14.39 -2.84
C ALA A 113 -3.93 -13.35 -3.51
N PHE A 114 -4.86 -13.83 -4.34
CA PHE A 114 -5.79 -12.94 -5.04
C PHE A 114 -6.79 -12.34 -4.07
N LEU A 115 -7.28 -13.17 -3.14
CA LEU A 115 -8.25 -12.71 -2.15
C LEU A 115 -7.58 -11.73 -1.17
N LEU A 116 -6.31 -11.99 -0.86
CA LEU A 116 -5.56 -11.12 0.05
C LEU A 116 -5.20 -9.81 -0.66
N GLY A 117 -5.21 -9.85 -1.98
CA GLY A 117 -4.93 -8.65 -2.75
C GLY A 117 -6.16 -7.76 -2.84
N ALA A 118 -7.30 -8.39 -3.11
CA ALA A 118 -8.57 -7.66 -3.21
C ALA A 118 -8.93 -7.00 -1.87
N THR A 119 -8.68 -7.71 -0.77
CA THR A 119 -8.97 -7.18 0.55
C THR A 119 -8.10 -5.97 0.87
N LEU A 120 -6.83 -6.04 0.45
CA LEU A 120 -5.89 -4.93 0.68
C LEU A 120 -6.24 -3.75 -0.21
N ALA A 121 -6.90 -4.02 -1.33
CA ALA A 121 -7.31 -2.97 -2.25
C ALA A 121 -8.57 -2.27 -1.76
N LEU A 122 -9.44 -3.06 -1.13
CA LEU A 122 -10.69 -2.53 -0.58
C LEU A 122 -10.44 -1.83 0.74
N GLY A 123 -9.37 -2.24 1.41
CA GLY A 123 -9.01 -1.64 2.68
C GLY A 123 -8.35 -0.29 2.47
N TRP A 124 -8.34 0.53 3.52
CA TRP A 124 -7.75 1.86 3.44
C TRP A 124 -6.50 1.94 4.32
N THR A 125 -5.60 2.85 3.95
CA THR A 125 -4.38 3.05 4.71
C THR A 125 -4.42 4.37 5.46
N PRO A 126 -4.65 4.33 6.78
CA PRO A 126 -4.72 5.54 7.63
C PRO A 126 -3.42 6.36 7.63
N CYS A 127 -2.34 5.74 7.21
CA CYS A 127 -1.03 6.38 7.16
C CYS A 127 -1.03 7.52 6.14
N ILE A 128 -1.72 7.30 5.03
CA ILE A 128 -1.79 8.30 3.97
C ILE A 128 -3.13 9.03 4.00
N GLY A 129 -3.95 8.72 4.99
CA GLY A 129 -5.26 9.35 5.12
C GLY A 129 -5.18 10.86 5.24
N PRO A 130 -4.64 11.39 6.36
CA PRO A 130 -4.50 12.83 6.56
C PRO A 130 -3.61 13.47 5.50
N ILE A 131 -2.63 12.70 5.02
CA ILE A 131 -1.71 13.18 4.00
C ILE A 131 -2.45 13.48 2.70
N LEU A 132 -3.16 12.49 2.17
CA LEU A 132 -3.91 12.66 0.94
C LEU A 132 -5.06 13.64 1.13
N GLY A 133 -5.66 13.61 2.32
CA GLY A 133 -6.76 14.52 2.61
C GLY A 133 -6.33 15.97 2.55
N ALA A 134 -5.10 16.25 2.97
CA ALA A 134 -4.56 17.61 2.96
C ALA A 134 -4.18 18.02 1.54
N ILE A 135 -3.66 17.07 0.77
CA ILE A 135 -3.25 17.34 -0.62
C ILE A 135 -4.47 17.57 -1.51
N LEU A 136 -5.56 16.84 -1.23
CA LEU A 136 -6.79 16.98 -2.02
C LEU A 136 -7.35 18.40 -1.91
N THR A 137 -7.12 19.05 -0.77
CA THR A 137 -7.59 20.42 -0.57
C THR A 137 -6.83 21.40 -1.44
N LEU A 138 -5.60 21.04 -1.79
CA LEU A 138 -4.75 21.88 -2.63
C LEU A 138 -5.05 21.65 -4.11
N THR A 139 -5.29 20.39 -4.48
CA THR A 139 -5.59 20.04 -5.86
C THR A 139 -6.97 20.55 -6.28
N ALA A 140 -7.80 20.91 -5.29
CA ALA A 140 -9.13 21.42 -5.56
C ALA A 140 -9.06 22.87 -6.05
N VAL A 141 -8.04 23.59 -5.59
CA VAL A 141 -7.85 24.98 -5.99
C VAL A 141 -6.86 25.08 -7.15
N GLY A 142 -5.89 24.17 -7.17
CA GLY A 142 -4.90 24.17 -8.24
C GLY A 142 -4.38 22.78 -8.53
N GLY A 143 -5.03 22.08 -9.46
CA GLY A 143 -4.60 20.74 -9.82
C GLY A 143 -5.17 20.28 -11.15
N GLY A 144 -6.26 19.52 -11.08
CA GLY A 144 -6.88 19.03 -12.31
C GLY A 144 -6.74 17.53 -12.47
N VAL A 145 -7.29 17.00 -13.56
CA VAL A 145 -7.22 15.56 -13.84
C VAL A 145 -5.82 15.16 -14.30
N GLY A 146 -5.13 16.08 -14.98
CA GLY A 146 -3.78 15.81 -15.45
C GLY A 146 -2.82 15.49 -14.33
N PHE A 147 -3.04 16.11 -13.17
CA PHE A 147 -2.18 15.89 -12.01
C PHE A 147 -2.36 14.47 -11.48
N LEU A 148 -3.61 14.01 -11.47
CA LEU A 148 -3.92 12.65 -11.01
C LEU A 148 -3.24 11.61 -11.90
N LEU A 149 -3.29 11.84 -13.21
CA LEU A 149 -2.66 10.94 -14.17
C LEU A 149 -1.15 10.94 -14.00
N ALA A 150 -0.59 12.12 -13.76
CA ALA A 150 0.84 12.26 -13.55
C ALA A 150 1.27 11.50 -12.30
N TYR A 151 0.45 11.56 -11.26
CA TYR A 151 0.74 10.86 -10.00
C TYR A 151 0.81 9.36 -10.22
N ILE A 152 -0.16 8.82 -10.97
CA ILE A 152 -0.19 7.38 -11.26
C ILE A 152 1.02 6.97 -12.09
N LEU A 153 1.29 7.71 -13.16
CA LEU A 153 2.42 7.41 -14.03
C LEU A 153 3.75 7.64 -13.30
N GLY A 154 3.77 8.63 -12.43
CA GLY A 154 4.97 8.92 -11.66
C GLY A 154 5.39 7.76 -10.78
N LEU A 155 4.42 7.14 -10.10
CA LEU A 155 4.71 5.99 -9.25
C LEU A 155 4.98 4.75 -10.11
N ALA A 156 4.39 4.72 -11.29
CA ALA A 156 4.56 3.61 -12.23
C ALA A 156 6.01 3.50 -12.69
N VAL A 157 6.68 4.65 -12.85
CA VAL A 157 8.07 4.68 -13.29
C VAL A 157 8.98 3.83 -12.37
N PRO A 158 9.12 4.17 -11.06
CA PRO A 158 9.95 3.40 -10.14
C PRO A 158 9.47 1.95 -10.00
N PHE A 159 8.14 1.76 -10.05
CA PHE A 159 7.57 0.41 -9.95
C PHE A 159 8.08 -0.48 -11.07
N PHE A 160 8.06 0.04 -12.29
CA PHE A 160 8.52 -0.73 -13.45
C PHE A 160 10.00 -1.06 -13.34
N VAL A 161 10.79 -0.10 -12.84
CA VAL A 161 12.22 -0.30 -12.66
C VAL A 161 12.47 -1.45 -11.68
N VAL A 162 11.72 -1.47 -10.59
CA VAL A 162 11.85 -2.52 -9.58
C VAL A 162 11.37 -3.86 -10.15
N ALA A 163 10.31 -3.83 -10.93
CA ALA A 163 9.76 -5.05 -11.53
C ALA A 163 10.80 -5.75 -12.40
N LEU A 164 11.62 -4.96 -13.07
CA LEU A 164 12.67 -5.50 -13.95
C LEU A 164 13.87 -5.99 -13.13
N PHE A 165 14.27 -5.19 -12.13
CA PHE A 165 15.40 -5.55 -11.29
C PHE A 165 15.06 -6.71 -10.35
N ALA A 166 13.77 -6.94 -10.15
CA ALA A 166 13.29 -8.02 -9.31
C ALA A 166 13.64 -9.38 -9.90
N ASP A 167 13.91 -9.40 -11.20
CA ASP A 167 14.27 -10.63 -11.90
C ASP A 167 15.58 -11.19 -11.37
N ARG A 168 16.54 -10.29 -11.11
CA ARG A 168 17.84 -10.69 -10.58
C ARG A 168 17.71 -11.21 -9.14
N ILE A 169 16.65 -10.77 -8.46
CA ILE A 169 16.41 -11.19 -7.08
C ILE A 169 15.68 -12.54 -7.07
N LYS A 170 15.01 -12.87 -8.17
CA LYS A 170 14.28 -14.14 -8.28
C LYS A 170 15.24 -15.33 -8.18
N GLY A 171 16.42 -15.17 -8.78
CA GLY A 171 17.42 -16.23 -8.73
C GLY A 171 18.09 -16.29 -7.38
N TRP A 172 18.32 -15.13 -6.77
CA TRP A 172 18.96 -15.05 -5.48
C TRP A 172 18.02 -15.50 -4.35
N LEU A 173 16.71 -15.36 -4.57
CA LEU A 173 15.71 -15.77 -3.60
C LEU A 173 15.85 -17.25 -3.23
N ARG A 174 16.19 -18.06 -4.24
CA ARG A 174 16.36 -19.50 -4.04
C ARG A 174 17.78 -19.83 -3.58
N ARG A 175 18.72 -18.92 -3.83
CA ARG A 175 20.11 -19.10 -3.44
C ARG A 175 20.33 -18.69 -1.98
N ALA A 176 19.60 -17.66 -1.54
CA ALA A 176 19.69 -17.16 -0.17
C ALA A 176 19.27 -18.22 0.84
N GLY A 177 18.00 -18.61 0.82
CA GLY A 177 17.52 -19.62 1.75
C GLY A 177 17.22 -19.06 3.14
N ARG A 178 18.26 -18.59 3.81
CA ARG A 178 18.11 -18.04 5.15
C ARG A 178 17.63 -16.59 5.11
N ILE A 179 18.16 -15.83 4.15
CA ILE A 179 17.80 -14.42 4.01
C ILE A 179 16.36 -14.28 3.52
N SER A 180 15.90 -15.25 2.73
CA SER A 180 14.54 -15.25 2.19
C SER A 180 13.51 -15.34 3.32
N HIS A 181 13.92 -15.94 4.44
CA HIS A 181 13.04 -16.09 5.59
C HIS A 181 13.07 -14.85 6.47
N TYR A 182 14.13 -14.05 6.35
CA TYR A 182 14.27 -12.83 7.14
C TYR A 182 13.38 -11.73 6.59
N VAL A 183 13.12 -11.78 5.28
CA VAL A 183 12.27 -10.79 4.63
C VAL A 183 10.82 -10.90 5.13
N GLU A 184 10.46 -12.07 5.62
CA GLU A 184 9.11 -12.30 6.14
C GLU A 184 9.00 -11.82 7.57
N VAL A 185 10.07 -12.04 8.35
CA VAL A 185 10.09 -11.62 9.76
C VAL A 185 10.16 -10.09 9.87
N LEU A 186 11.06 -9.48 9.09
CA LEU A 186 11.24 -8.03 9.11
C LEU A 186 9.97 -7.32 8.68
N ALA A 187 9.44 -7.69 7.51
CA ALA A 187 8.22 -7.08 6.99
C ALA A 187 7.03 -7.36 7.90
N GLY A 188 7.02 -8.55 8.49
CA GLY A 188 5.94 -8.93 9.38
C GLY A 188 5.86 -8.03 10.60
N VAL A 189 7.01 -7.84 11.27
CA VAL A 189 7.07 -6.99 12.45
C VAL A 189 6.70 -5.55 12.10
N VAL A 190 7.27 -5.03 11.02
CA VAL A 190 7.00 -3.67 10.57
C VAL A 190 5.51 -3.48 10.28
N LEU A 191 4.91 -4.47 9.61
CA LEU A 191 3.48 -4.40 9.26
C LEU A 191 2.62 -4.26 10.52
N VAL A 192 2.88 -5.12 11.51
CA VAL A 192 2.13 -5.08 12.76
C VAL A 192 2.40 -3.78 13.51
N LEU A 193 3.67 -3.35 13.51
CA LEU A 193 4.06 -2.10 14.18
C LEU A 193 3.29 -0.91 13.59
N VAL A 194 3.28 -0.80 12.26
CA VAL A 194 2.58 0.28 11.59
C VAL A 194 1.09 0.22 11.90
N GLY A 195 0.54 -0.99 11.93
CA GLY A 195 -0.88 -1.17 12.23
C GLY A 195 -1.26 -0.59 13.58
N VAL A 196 -0.48 -0.91 14.61
CA VAL A 196 -0.75 -0.40 15.95
C VAL A 196 -0.38 1.08 16.06
N LEU A 197 0.67 1.47 15.34
CA LEU A 197 1.14 2.86 15.33
C LEU A 197 0.08 3.78 14.73
N LEU A 198 -0.74 3.22 13.84
CA LEU A 198 -1.82 3.98 13.21
C LEU A 198 -3.02 4.08 14.14
N PHE A 199 -3.36 2.97 14.79
CA PHE A 199 -4.50 2.94 15.70
C PHE A 199 -4.23 3.74 16.97
N THR A 200 -3.18 3.37 17.70
CA THR A 200 -2.85 4.04 18.95
C THR A 200 -2.08 5.34 18.70
N GLY A 201 -1.67 5.54 17.46
CA GLY A 201 -0.94 6.75 17.12
C GLY A 201 -1.85 7.92 16.83
N THR A 202 -2.78 7.72 15.89
CA THR A 202 -3.74 8.76 15.50
C THR A 202 -3.05 9.91 14.77
N PHE A 203 -2.31 10.72 15.52
CA PHE A 203 -1.58 11.86 14.95
C PHE A 203 -0.52 12.35 15.94
N THR A 204 -0.93 12.57 17.18
CA THR A 204 -0.02 13.05 18.22
C THR A 204 1.13 12.06 18.44
N ALA A 205 0.80 10.79 18.54
CA ALA A 205 1.83 9.76 18.74
C ALA A 205 2.43 9.33 17.41
N LEU A 206 1.72 9.61 16.32
CA LEU A 206 2.18 9.26 14.99
C LEU A 206 3.26 10.23 14.51
N ASN A 207 3.10 11.51 14.86
CA ASN A 207 4.07 12.54 14.47
C ASN A 207 5.44 12.27 15.08
N THR A 208 5.44 11.82 16.33
CA THR A 208 6.67 11.49 17.04
C THR A 208 7.48 10.43 16.28
N PHE A 209 6.77 9.47 15.70
CA PHE A 209 7.43 8.40 14.95
C PHE A 209 7.66 8.81 13.49
N PHE A 210 6.85 9.76 13.01
CA PHE A 210 6.97 10.25 11.64
C PHE A 210 8.27 11.01 11.45
N LEU A 211 8.88 11.42 12.56
CA LEU A 211 10.14 12.16 12.51
C LEU A 211 11.24 11.31 11.87
N ARG A 212 11.14 9.99 12.04
CA ARG A 212 12.11 9.07 11.45
C ARG A 212 11.63 8.58 10.09
N ILE A 213 10.44 9.00 9.70
CA ILE A 213 9.85 8.60 8.43
C ILE A 213 9.95 9.74 7.40
N THR A 214 10.12 10.96 7.89
CA THR A 214 10.24 12.14 7.03
C THR A 214 11.44 12.01 6.10
N PRO A 215 11.20 12.02 4.78
CA PRO A 215 12.27 11.91 3.78
C PRO A 215 13.14 13.15 3.73
N GLU A 216 14.40 12.96 3.35
CA GLU A 216 15.35 14.08 3.25
C GLU A 216 14.93 15.07 2.18
N TRP A 217 14.12 14.61 1.23
CA TRP A 217 13.64 15.46 0.14
C TRP A 217 12.77 16.59 0.66
N LEU A 218 12.17 16.39 1.83
CA LEU A 218 11.32 17.40 2.43
C LEU A 218 12.14 18.33 3.33
N GLN A 219 13.24 17.80 3.86
CA GLN A 219 14.13 18.58 4.72
C GLN A 219 15.05 19.45 3.89
N ARG A 220 15.47 18.93 2.73
CA ARG A 220 16.35 19.66 1.83
C ARG A 220 15.59 20.77 1.09
N TYR A 221 14.27 20.78 1.26
CA TYR A 221 13.43 21.79 0.62
C TYR A 221 13.33 23.03 1.50
N LEU A 222 13.82 22.91 2.74
CA LEU A 222 13.79 24.02 3.67
C LEU A 222 15.05 24.86 3.54
N PRO A 223 14.89 26.20 3.40
CA PRO A 223 16.03 27.13 3.25
C PRO A 223 17.00 27.05 4.42
N SER A 224 16.46 26.89 5.62
CA SER A 224 17.28 26.80 6.82
C SER A 224 17.07 25.46 7.52
N MET A 1 8.02 18.74 -18.29
CA MET A 1 8.64 19.85 -17.51
C MET A 1 7.60 20.56 -16.65
N SER A 2 6.54 19.84 -16.32
CA SER A 2 5.46 20.39 -15.50
C SER A 2 5.72 20.12 -14.01
N LEU A 3 5.14 20.95 -13.15
CA LEU A 3 5.32 20.80 -11.71
C LEU A 3 4.49 19.64 -11.15
N SER A 4 3.46 19.26 -11.90
CA SER A 4 2.59 18.15 -11.50
C SER A 4 3.33 16.82 -11.59
N LEU A 5 4.32 16.78 -12.47
CA LEU A 5 5.12 15.57 -12.66
C LEU A 5 6.13 15.40 -11.53
N THR A 6 6.83 16.48 -11.19
CA THR A 6 7.80 16.46 -10.10
C THR A 6 7.15 16.09 -8.78
N ALA A 7 5.94 16.61 -8.56
CA ALA A 7 5.18 16.32 -7.35
C ALA A 7 4.83 14.83 -7.26
N ALA A 8 4.36 14.28 -8.39
CA ALA A 8 4.00 12.86 -8.45
C ALA A 8 5.23 11.99 -8.22
N PHE A 9 6.38 12.45 -8.71
CA PHE A 9 7.62 11.73 -8.54
C PHE A 9 8.01 11.67 -7.06
N LEU A 10 8.03 12.83 -6.41
CA LEU A 10 8.35 12.90 -4.98
C LEU A 10 7.36 12.06 -4.17
N ALA A 11 6.09 12.10 -4.59
CA ALA A 11 5.04 11.33 -3.92
C ALA A 11 5.33 9.84 -4.02
N GLY A 12 5.75 9.41 -5.21
CA GLY A 12 6.08 8.01 -5.42
C GLY A 12 7.25 7.58 -4.56
N VAL A 13 8.27 8.42 -4.48
CA VAL A 13 9.44 8.13 -3.65
C VAL A 13 9.05 8.09 -2.17
N LEU A 14 8.20 9.02 -1.76
CA LEU A 14 7.75 9.07 -0.37
C LEU A 14 6.94 7.82 -0.02
N SER A 15 6.08 7.39 -0.96
CA SER A 15 5.27 6.20 -0.75
C SER A 15 6.15 4.96 -0.64
N PHE A 16 7.23 4.94 -1.41
CA PHE A 16 8.17 3.82 -1.39
C PHE A 16 8.98 3.79 -0.09
N LEU A 17 9.32 4.97 0.41
CA LEU A 17 10.08 5.07 1.65
C LEU A 17 9.16 5.05 2.87
N SER A 18 7.85 5.04 2.61
CA SER A 18 6.85 5.00 3.68
C SER A 18 6.87 3.65 4.39
N PRO A 19 7.15 3.64 5.71
CA PRO A 19 7.21 2.42 6.51
C PRO A 19 5.85 1.74 6.65
N CYS A 20 4.80 2.43 6.19
CA CYS A 20 3.45 1.90 6.26
C CYS A 20 3.25 0.79 5.23
N VAL A 21 4.04 0.82 4.16
CA VAL A 21 3.93 -0.18 3.11
C VAL A 21 5.29 -0.76 2.75
N LEU A 22 6.32 -0.39 3.49
CA LEU A 22 7.67 -0.87 3.24
C LEU A 22 7.82 -2.36 3.62
N PRO A 23 7.48 -2.77 4.87
CA PRO A 23 7.58 -4.17 5.29
C PRO A 23 6.57 -5.07 4.57
N LEU A 24 5.58 -4.45 3.94
CA LEU A 24 4.55 -5.19 3.23
C LEU A 24 5.04 -5.61 1.83
N VAL A 25 6.11 -4.98 1.35
CA VAL A 25 6.67 -5.33 0.04
C VAL A 25 7.15 -6.79 0.01
N PRO A 26 8.06 -7.20 0.94
CA PRO A 26 8.56 -8.58 0.98
C PRO A 26 7.44 -9.61 1.15
N THR A 27 6.39 -9.22 1.86
CA THR A 27 5.26 -10.11 2.09
C THR A 27 4.41 -10.25 0.83
N TYR A 28 4.29 -9.15 0.08
CA TYR A 28 3.52 -9.15 -1.17
C TYR A 28 4.18 -10.02 -2.22
N LEU A 29 5.51 -10.14 -2.14
CA LEU A 29 6.26 -10.96 -3.09
C LEU A 29 5.86 -12.42 -2.98
N PHE A 30 5.59 -12.87 -1.75
CA PHE A 30 5.17 -14.25 -1.52
C PHE A 30 3.75 -14.45 -2.01
N TYR A 31 2.92 -13.42 -1.84
CA TYR A 31 1.53 -13.47 -2.28
C TYR A 31 1.46 -13.53 -3.80
N LEU A 32 2.37 -12.82 -4.47
CA LEU A 32 2.42 -12.82 -5.93
C LEU A 32 3.01 -14.13 -6.43
N GLY A 33 3.64 -14.87 -5.53
CA GLY A 33 4.24 -16.16 -5.89
C GLY A 33 3.17 -17.18 -6.23
N GLY A 34 1.97 -16.99 -5.69
CA GLY A 34 0.87 -17.89 -5.98
C GLY A 34 0.33 -17.68 -7.37
N ALA A 35 0.67 -16.55 -7.96
CA ALA A 35 0.24 -16.20 -9.30
C ALA A 35 1.44 -15.84 -10.17
N ARG A 36 2.43 -16.72 -10.17
CA ARG A 36 3.66 -16.50 -10.94
C ARG A 36 3.42 -16.70 -12.44
N GLY A 37 2.69 -15.78 -13.04
CA GLY A 37 2.40 -15.85 -14.45
C GLY A 37 2.32 -14.47 -15.07
N ARG A 38 3.49 -13.94 -15.46
CA ARG A 38 3.59 -12.61 -16.06
C ARG A 38 3.22 -11.51 -15.06
N PRO A 39 4.22 -10.98 -14.32
CA PRO A 39 3.99 -9.93 -13.32
C PRO A 39 3.48 -8.63 -13.95
N LEU A 40 3.89 -8.39 -15.18
CA LEU A 40 3.49 -7.18 -15.90
C LEU A 40 1.97 -7.13 -16.11
N PHE A 41 1.39 -8.28 -16.45
CA PHE A 41 -0.05 -8.37 -16.66
C PHE A 41 -0.80 -8.26 -15.34
N ASN A 42 -0.24 -8.86 -14.30
CA ASN A 42 -0.85 -8.82 -12.97
C ASN A 42 -0.83 -7.40 -12.41
N ALA A 43 0.31 -6.74 -12.57
CA ALA A 43 0.48 -5.36 -12.11
C ALA A 43 -0.46 -4.43 -12.85
N LEU A 44 -0.45 -4.50 -14.18
CA LEU A 44 -1.32 -3.67 -15.02
C LEU A 44 -2.79 -3.84 -14.64
N PHE A 45 -3.19 -5.09 -14.40
CA PHE A 45 -4.57 -5.39 -14.02
C PHE A 45 -4.90 -4.75 -12.67
N PHE A 46 -3.97 -4.82 -11.73
CA PHE A 46 -4.18 -4.23 -10.41
C PHE A 46 -4.28 -2.71 -10.52
N ILE A 47 -3.44 -2.11 -11.35
CA ILE A 47 -3.45 -0.67 -11.57
C ILE A 47 -4.79 -0.24 -12.18
N LEU A 48 -5.26 -1.03 -13.15
CA LEU A 48 -6.54 -0.76 -13.81
C LEU A 48 -7.68 -0.87 -12.81
N GLY A 49 -7.66 -1.92 -11.98
CA GLY A 49 -8.68 -2.11 -10.98
C GLY A 49 -8.74 -0.93 -10.02
N PHE A 50 -7.58 -0.46 -9.58
CA PHE A 50 -7.49 0.67 -8.67
C PHE A 50 -7.94 1.95 -9.38
N GLY A 51 -7.59 2.06 -10.65
CA GLY A 51 -7.99 3.21 -11.44
C GLY A 51 -9.49 3.29 -11.57
N ALA A 52 -10.13 2.15 -11.80
CA ALA A 52 -11.58 2.08 -11.92
C ALA A 52 -12.25 2.60 -10.65
N VAL A 53 -11.76 2.16 -9.50
CA VAL A 53 -12.29 2.59 -8.22
C VAL A 53 -12.09 4.10 -8.02
N PHE A 54 -10.92 4.59 -8.37
CA PHE A 54 -10.60 6.02 -8.24
C PHE A 54 -11.45 6.87 -9.18
N PHE A 55 -11.87 6.29 -10.30
CA PHE A 55 -12.70 7.00 -11.25
C PHE A 55 -14.16 6.94 -10.83
N LEU A 56 -14.63 5.74 -10.48
CA LEU A 56 -16.01 5.55 -10.05
C LEU A 56 -16.31 6.33 -8.78
N LEU A 57 -15.32 6.42 -7.89
CA LEU A 57 -15.48 7.18 -6.66
C LEU A 57 -15.08 8.64 -6.86
N GLY A 58 -14.32 8.88 -7.93
CA GLY A 58 -13.88 10.23 -8.24
C GLY A 58 -15.02 11.14 -8.66
N LEU A 59 -15.98 10.58 -9.37
CA LEU A 59 -17.14 11.35 -9.82
C LEU A 59 -17.97 11.87 -8.63
N PRO A 60 -18.44 10.98 -7.71
CA PRO A 60 -19.23 11.39 -6.54
C PRO A 60 -18.39 12.15 -5.51
N PHE A 61 -17.07 12.08 -5.65
CA PHE A 61 -16.15 12.77 -4.73
C PHE A 61 -16.40 14.28 -4.73
N THR A 62 -16.94 14.79 -5.84
CA THR A 62 -17.24 16.20 -5.95
C THR A 62 -18.40 16.58 -5.02
N LEU A 63 -19.34 15.66 -4.86
CA LEU A 63 -20.49 15.87 -3.99
C LEU A 63 -20.18 15.45 -2.55
N LEU A 64 -19.15 14.61 -2.41
CA LEU A 64 -18.74 14.12 -1.09
C LEU A 64 -18.16 15.26 -0.25
N GLY A 65 -17.80 16.36 -0.90
CA GLY A 65 -17.25 17.51 -0.20
C GLY A 65 -18.25 18.07 0.81
N GLY A 66 -19.53 17.88 0.53
CA GLY A 66 -20.56 18.37 1.43
C GLY A 66 -20.73 17.45 2.62
N LEU A 67 -20.30 16.19 2.47
CA LEU A 67 -20.38 15.20 3.53
C LEU A 67 -19.16 15.27 4.42
N LEU A 68 -18.07 15.86 3.90
CA LEU A 68 -16.83 16.02 4.64
C LEU A 68 -17.02 16.88 5.87
N PHE A 69 -18.11 17.66 5.87
CA PHE A 69 -18.45 18.53 7.00
C PHE A 69 -18.66 17.71 8.27
N GLU A 70 -19.05 16.45 8.09
CA GLU A 70 -19.26 15.55 9.22
C GLU A 70 -18.02 14.69 9.43
N HIS A 71 -17.48 14.72 10.65
CA HIS A 71 -16.28 13.95 10.97
C HIS A 71 -16.58 12.46 11.09
N ARG A 72 -16.31 11.71 10.03
CA ARG A 72 -16.56 10.28 10.02
C ARG A 72 -15.35 9.51 10.58
N GLN A 73 -15.06 9.73 11.85
CA GLN A 73 -13.95 9.07 12.52
C GLN A 73 -14.20 7.56 12.65
N THR A 74 -15.46 7.17 12.54
CA THR A 74 -15.85 5.77 12.65
C THR A 74 -15.38 4.98 11.43
N LEU A 75 -15.04 5.68 10.34
CA LEU A 75 -14.59 5.04 9.12
C LEU A 75 -13.09 4.75 9.18
N ALA A 76 -12.39 5.50 10.04
CA ALA A 76 -10.94 5.31 10.19
C ALA A 76 -10.64 4.14 11.13
N ARG A 77 -11.61 3.81 11.97
CA ARG A 77 -11.47 2.70 12.92
C ARG A 77 -11.39 1.36 12.18
N VAL A 78 -12.01 1.31 11.00
CA VAL A 78 -12.02 0.08 10.19
C VAL A 78 -10.59 -0.30 9.77
N GLY A 79 -9.75 0.71 9.57
CA GLY A 79 -8.37 0.46 9.19
C GLY A 79 -7.60 -0.27 10.27
N GLY A 80 -7.91 0.04 11.52
CA GLY A 80 -7.26 -0.62 12.63
C GLY A 80 -7.60 -2.09 12.71
N VAL A 81 -8.86 -2.41 12.42
CA VAL A 81 -9.33 -3.79 12.42
C VAL A 81 -8.59 -4.62 11.38
N VAL A 82 -8.38 -4.03 10.20
CA VAL A 82 -7.68 -4.69 9.11
C VAL A 82 -6.23 -4.97 9.51
N LEU A 83 -5.60 -4.01 10.19
CA LEU A 83 -4.23 -4.15 10.65
C LEU A 83 -4.11 -5.30 11.65
N VAL A 84 -5.07 -5.39 12.57
CA VAL A 84 -5.08 -6.45 13.57
C VAL A 84 -5.25 -7.81 12.90
N LEU A 85 -6.16 -7.88 11.93
CA LEU A 85 -6.42 -9.11 11.20
C LEU A 85 -5.17 -9.59 10.47
N PHE A 86 -4.45 -8.65 9.83
CA PHE A 86 -3.23 -8.99 9.11
C PHE A 86 -2.15 -9.44 10.08
N GLY A 87 -2.01 -8.74 11.20
CA GLY A 87 -1.01 -9.11 12.19
C GLY A 87 -1.28 -10.47 12.79
N LEU A 88 -2.54 -10.78 13.04
CA LEU A 88 -2.94 -12.06 13.59
C LEU A 88 -2.59 -13.19 12.63
N TYR A 89 -2.73 -12.93 11.33
CA TYR A 89 -2.40 -13.92 10.31
C TYR A 89 -0.89 -14.06 10.16
N MET A 90 -0.18 -12.96 10.43
CA MET A 90 1.29 -12.96 10.35
C MET A 90 1.87 -13.83 11.46
N LEU A 91 1.14 -13.95 12.56
CA LEU A 91 1.55 -14.78 13.68
C LEU A 91 1.56 -16.28 13.31
N GLY A 92 0.99 -16.60 12.14
CA GLY A 92 0.95 -17.97 11.70
C GLY A 92 -0.22 -18.75 12.27
N LEU A 93 -1.25 -18.05 12.72
CA LEU A 93 -2.42 -18.70 13.28
C LEU A 93 -3.32 -19.24 12.17
N ARG A 94 -3.61 -20.53 12.21
CA ARG A 94 -4.46 -21.16 11.20
C ARG A 94 -5.59 -21.94 11.86
N PRO A 95 -6.85 -21.61 11.52
CA PRO A 95 -8.02 -22.29 12.08
C PRO A 95 -8.21 -23.69 11.49
N ARG A 96 -7.87 -24.71 12.27
CA ARG A 96 -7.99 -26.10 11.83
C ARG A 96 -9.45 -26.58 11.89
N TRP A 97 -10.26 -25.88 12.71
CA TRP A 97 -11.68 -26.20 12.88
C TRP A 97 -11.88 -27.55 13.56
N GLY A 98 -11.99 -28.61 12.76
CA GLY A 98 -12.19 -29.95 13.30
C GLY A 98 -13.66 -30.22 13.56
N VAL A 99 -14.42 -30.39 12.48
CA VAL A 99 -15.86 -30.66 12.59
C VAL A 99 -16.23 -31.99 11.95
N SER A 100 -16.54 -31.95 10.65
CA SER A 100 -16.92 -33.15 9.92
C SER A 100 -15.70 -33.76 9.24
N LEU A 101 -15.72 -35.09 9.06
CA LEU A 101 -14.61 -35.77 8.41
C LEU A 101 -14.77 -35.75 6.90
N ARG A 102 -14.41 -34.62 6.29
CA ARG A 102 -14.52 -34.46 4.85
C ARG A 102 -13.19 -33.98 4.27
N TYR A 103 -13.16 -33.80 2.95
CA TYR A 103 -11.94 -33.35 2.29
C TYR A 103 -12.16 -32.00 1.61
N GLU A 104 -11.36 -31.02 1.99
CA GLU A 104 -11.49 -29.68 1.43
C GLU A 104 -10.50 -29.47 0.29
N GLY A 105 -10.80 -30.05 -0.86
CA GLY A 105 -9.93 -29.91 -2.02
C GLY A 105 -10.26 -28.66 -2.82
N GLU A 106 -9.96 -27.49 -2.25
CA GLU A 106 -10.24 -26.23 -2.91
C GLU A 106 -8.95 -25.43 -3.11
N THR A 107 -8.96 -24.56 -4.13
CA THR A 107 -7.80 -23.72 -4.44
C THR A 107 -7.81 -22.46 -3.58
N SER A 108 -7.52 -22.62 -2.29
CA SER A 108 -7.50 -21.50 -1.36
C SER A 108 -6.23 -20.67 -1.49
N ARG A 109 -5.23 -21.19 -2.19
CA ARG A 109 -3.96 -20.48 -2.38
C ARG A 109 -4.09 -19.31 -3.36
N PRO A 110 -4.52 -19.54 -4.63
CA PRO A 110 -4.66 -18.46 -5.62
C PRO A 110 -5.73 -17.46 -5.23
N LEU A 111 -6.85 -17.96 -4.71
CA LEU A 111 -7.96 -17.11 -4.29
C LEU A 111 -7.62 -16.37 -3.00
N GLY A 112 -6.80 -17.01 -2.16
CA GLY A 112 -6.40 -16.40 -0.91
C GLY A 112 -5.57 -15.15 -1.12
N ALA A 113 -4.67 -15.21 -2.10
CA ALA A 113 -3.81 -14.07 -2.42
C ALA A 113 -4.62 -12.93 -3.02
N PHE A 114 -5.69 -13.28 -3.72
CA PHE A 114 -6.55 -12.29 -4.36
C PHE A 114 -7.51 -11.68 -3.34
N LEU A 115 -8.14 -12.53 -2.52
CA LEU A 115 -9.08 -12.06 -1.51
C LEU A 115 -8.37 -11.22 -0.46
N LEU A 116 -7.20 -11.68 -0.01
CA LEU A 116 -6.42 -10.96 0.99
C LEU A 116 -5.83 -9.69 0.38
N GLY A 117 -5.69 -9.70 -0.95
CA GLY A 117 -5.17 -8.53 -1.64
C GLY A 117 -6.22 -7.46 -1.79
N ALA A 118 -7.42 -7.87 -2.20
CA ALA A 118 -8.55 -6.95 -2.36
C ALA A 118 -8.87 -6.23 -1.05
N THR A 119 -8.77 -6.96 0.06
CA THR A 119 -9.04 -6.38 1.37
C THR A 119 -7.97 -5.36 1.75
N LEU A 120 -6.73 -5.64 1.36
CA LEU A 120 -5.62 -4.74 1.65
C LEU A 120 -5.66 -3.52 0.75
N ALA A 121 -6.14 -3.72 -0.47
CA ALA A 121 -6.25 -2.63 -1.45
C ALA A 121 -7.37 -1.67 -1.05
N LEU A 122 -8.53 -2.23 -0.71
CA LEU A 122 -9.68 -1.43 -0.30
C LEU A 122 -9.46 -0.85 1.11
N GLY A 123 -8.60 -1.51 1.88
CA GLY A 123 -8.31 -1.06 3.22
C GLY A 123 -7.32 0.09 3.21
N TRP A 124 -7.84 1.31 3.12
CA TRP A 124 -7.01 2.51 3.09
C TRP A 124 -6.15 2.63 4.34
N THR A 125 -4.84 2.77 4.13
CA THR A 125 -3.90 2.91 5.22
C THR A 125 -3.99 4.28 5.89
N PRO A 126 -4.00 4.32 7.23
CA PRO A 126 -4.10 5.57 7.98
C PRO A 126 -2.91 6.50 7.78
N CYS A 127 -1.80 5.94 7.30
CA CYS A 127 -0.59 6.71 7.05
C CYS A 127 -0.74 7.59 5.82
N ILE A 128 -1.76 7.31 5.02
CA ILE A 128 -2.01 8.09 3.81
C ILE A 128 -3.08 9.16 4.08
N GLY A 129 -3.63 9.12 5.30
CA GLY A 129 -4.66 10.08 5.70
C GLY A 129 -4.26 11.52 5.44
N PRO A 130 -3.15 12.00 6.06
CA PRO A 130 -2.67 13.38 5.87
C PRO A 130 -2.42 13.71 4.40
N ILE A 131 -1.82 12.74 3.69
CA ILE A 131 -1.51 12.92 2.27
C ILE A 131 -2.79 13.04 1.44
N LEU A 132 -3.75 12.15 1.68
CA LEU A 132 -5.02 12.16 0.96
C LEU A 132 -5.77 13.46 1.24
N GLY A 133 -5.79 13.87 2.50
CA GLY A 133 -6.46 15.11 2.88
C GLY A 133 -5.88 16.30 2.15
N ALA A 134 -4.55 16.30 1.99
CA ALA A 134 -3.86 17.37 1.30
C ALA A 134 -4.24 17.39 -0.18
N ILE A 135 -4.34 16.21 -0.78
CA ILE A 135 -4.72 16.09 -2.19
C ILE A 135 -6.16 16.58 -2.40
N LEU A 136 -7.02 16.30 -1.42
CA LEU A 136 -8.42 16.72 -1.48
C LEU A 136 -8.53 18.24 -1.47
N THR A 137 -7.59 18.89 -0.79
CA THR A 137 -7.58 20.35 -0.73
C THR A 137 -7.32 20.96 -2.10
N LEU A 138 -6.56 20.24 -2.92
CA LEU A 138 -6.24 20.69 -4.27
C LEU A 138 -7.36 20.36 -5.25
N THR A 139 -7.97 19.20 -5.06
CA THR A 139 -9.07 18.77 -5.94
C THR A 139 -10.33 19.58 -5.67
N ALA A 140 -10.39 20.19 -4.48
CA ALA A 140 -11.54 21.02 -4.11
C ALA A 140 -11.58 22.29 -4.95
N VAL A 141 -10.40 22.73 -5.41
CA VAL A 141 -10.30 23.92 -6.24
C VAL A 141 -10.34 23.55 -7.71
N GLY A 142 -9.85 22.35 -8.02
CA GLY A 142 -9.83 21.88 -9.39
C GLY A 142 -8.64 21.00 -9.70
N GLY A 143 -7.58 21.60 -10.23
CA GLY A 143 -6.39 20.83 -10.55
C GLY A 143 -6.31 20.50 -12.03
N GLY A 144 -7.23 19.66 -12.50
CA GLY A 144 -7.23 19.29 -13.90
C GLY A 144 -6.90 17.82 -14.11
N VAL A 145 -7.22 17.32 -15.31
CA VAL A 145 -6.96 15.91 -15.64
C VAL A 145 -5.46 15.63 -15.74
N GLY A 146 -4.69 16.67 -16.03
CA GLY A 146 -3.24 16.53 -16.13
C GLY A 146 -2.61 16.06 -14.85
N PHE A 147 -3.17 16.47 -13.71
CA PHE A 147 -2.65 16.07 -12.41
C PHE A 147 -2.83 14.57 -12.20
N LEU A 148 -4.00 14.07 -12.58
CA LEU A 148 -4.30 12.65 -12.44
C LEU A 148 -3.37 11.82 -13.32
N LEU A 149 -3.20 12.25 -14.57
CA LEU A 149 -2.32 11.56 -15.51
C LEU A 149 -0.87 11.60 -15.04
N ALA A 150 -0.46 12.75 -14.51
CA ALA A 150 0.90 12.92 -14.00
C ALA A 150 1.17 11.95 -12.86
N TYR A 151 0.19 11.78 -11.98
CA TYR A 151 0.32 10.87 -10.84
C TYR A 151 0.48 9.43 -11.31
N ILE A 152 -0.32 9.03 -12.30
CA ILE A 152 -0.26 7.68 -12.85
C ILE A 152 1.11 7.42 -13.49
N LEU A 153 1.54 8.33 -14.36
CA LEU A 153 2.82 8.18 -15.04
C LEU A 153 3.98 8.32 -14.06
N GLY A 154 3.81 9.16 -13.05
CA GLY A 154 4.85 9.36 -12.05
C GLY A 154 5.20 8.08 -11.32
N LEU A 155 4.18 7.34 -10.91
CA LEU A 155 4.40 6.06 -10.21
C LEU A 155 4.75 4.94 -11.20
N ALA A 156 4.37 5.14 -12.46
CA ALA A 156 4.64 4.17 -13.52
C ALA A 156 6.15 4.04 -13.78
N VAL A 157 6.86 5.17 -13.71
CA VAL A 157 8.31 5.17 -13.95
C VAL A 157 9.04 4.22 -12.97
N PRO A 158 8.93 4.42 -11.64
CA PRO A 158 9.57 3.54 -10.66
C PRO A 158 9.10 2.10 -10.79
N PHE A 159 7.82 1.90 -11.09
CA PHE A 159 7.27 0.56 -11.25
C PHE A 159 7.93 -0.16 -12.42
N PHE A 160 8.20 0.57 -13.50
CA PHE A 160 8.82 -0.01 -14.68
C PHE A 160 10.25 -0.47 -14.40
N VAL A 161 11.05 0.41 -13.78
CA VAL A 161 12.43 0.05 -13.46
C VAL A 161 12.49 -1.06 -12.41
N VAL A 162 11.51 -1.08 -11.50
CA VAL A 162 11.44 -2.11 -10.47
C VAL A 162 11.12 -3.46 -11.12
N ALA A 163 10.18 -3.46 -12.07
CA ALA A 163 9.80 -4.68 -12.77
C ALA A 163 10.99 -5.28 -13.51
N LEU A 164 11.88 -4.41 -14.02
CA LEU A 164 13.06 -4.86 -14.72
C LEU A 164 14.12 -5.39 -13.75
N PHE A 165 14.34 -4.64 -12.66
CA PHE A 165 15.32 -5.04 -11.65
C PHE A 165 14.85 -6.27 -10.89
N ALA A 166 13.55 -6.55 -10.95
CA ALA A 166 12.97 -7.71 -10.29
C ALA A 166 13.51 -9.01 -10.88
N ASP A 167 14.07 -8.92 -12.08
CA ASP A 167 14.65 -10.08 -12.76
C ASP A 167 15.80 -10.65 -11.94
N ARG A 168 16.61 -9.76 -11.36
CA ARG A 168 17.74 -10.18 -10.53
C ARG A 168 17.24 -10.80 -9.23
N ILE A 169 16.15 -10.26 -8.70
CA ILE A 169 15.56 -10.75 -7.46
C ILE A 169 14.92 -12.12 -7.69
N LYS A 170 14.43 -12.34 -8.91
CA LYS A 170 13.80 -13.61 -9.28
C LYS A 170 14.80 -14.76 -9.13
N GLY A 171 16.05 -14.48 -9.47
CA GLY A 171 17.09 -15.49 -9.34
C GLY A 171 17.60 -15.60 -7.92
N TRP A 172 17.65 -14.46 -7.23
CA TRP A 172 18.11 -14.42 -5.85
C TRP A 172 17.12 -15.08 -4.90
N LEU A 173 15.85 -15.12 -5.29
CA LEU A 173 14.80 -15.74 -4.49
C LEU A 173 15.15 -17.19 -4.13
N ARG A 174 15.77 -17.89 -5.08
CA ARG A 174 16.16 -19.29 -4.86
C ARG A 174 17.54 -19.39 -4.22
N ARG A 175 18.32 -18.31 -4.32
CA ARG A 175 19.66 -18.28 -3.75
C ARG A 175 19.65 -17.85 -2.28
N ALA A 176 18.76 -16.91 -1.95
CA ALA A 176 18.63 -16.41 -0.59
C ALA A 176 18.29 -17.53 0.40
N GLY A 177 17.06 -18.05 0.30
CA GLY A 177 16.64 -19.12 1.20
C GLY A 177 16.46 -18.67 2.64
N ARG A 178 17.56 -18.63 3.38
CA ARG A 178 17.53 -18.24 4.78
C ARG A 178 17.19 -16.76 4.92
N ILE A 179 17.76 -15.93 4.05
CA ILE A 179 17.52 -14.49 4.07
C ILE A 179 16.02 -14.18 3.91
N SER A 180 15.40 -14.85 2.95
CA SER A 180 13.97 -14.65 2.67
C SER A 180 13.14 -15.03 3.89
N HIS A 181 13.50 -16.13 4.55
CA HIS A 181 12.78 -16.61 5.71
C HIS A 181 12.93 -15.63 6.88
N TYR A 182 14.07 -14.96 6.97
CA TYR A 182 14.31 -14.00 8.04
C TYR A 182 13.46 -12.75 7.85
N VAL A 183 13.37 -12.28 6.60
CA VAL A 183 12.57 -11.10 6.29
C VAL A 183 11.07 -11.40 6.41
N GLU A 184 10.73 -12.68 6.34
CA GLU A 184 9.35 -13.12 6.44
C GLU A 184 8.79 -12.85 7.84
N VAL A 185 9.51 -13.32 8.85
CA VAL A 185 9.09 -13.13 10.24
C VAL A 185 9.34 -11.69 10.69
N LEU A 186 10.38 -11.06 10.15
CA LEU A 186 10.72 -9.68 10.50
C LEU A 186 9.56 -8.74 10.21
N ALA A 187 8.99 -8.87 9.01
CA ALA A 187 7.86 -8.05 8.60
C ALA A 187 6.65 -8.31 9.49
N GLY A 188 6.51 -9.55 9.94
CA GLY A 188 5.40 -9.91 10.80
C GLY A 188 5.48 -9.25 12.16
N VAL A 189 6.68 -9.27 12.76
CA VAL A 189 6.89 -8.67 14.08
C VAL A 189 6.63 -7.16 14.03
N VAL A 190 7.19 -6.50 13.04
CA VAL A 190 7.03 -5.06 12.88
C VAL A 190 5.56 -4.71 12.65
N LEU A 191 4.88 -5.52 11.82
CA LEU A 191 3.46 -5.30 11.52
C LEU A 191 2.62 -5.30 12.79
N VAL A 192 2.84 -6.28 13.66
CA VAL A 192 2.11 -6.38 14.91
C VAL A 192 2.40 -5.18 15.81
N LEU A 193 3.67 -4.79 15.87
CA LEU A 193 4.09 -3.65 16.69
C LEU A 193 3.49 -2.35 16.17
N VAL A 194 3.51 -2.16 14.85
CA VAL A 194 2.94 -0.96 14.25
C VAL A 194 1.43 -0.90 14.49
N GLY A 195 0.78 -2.06 14.41
CA GLY A 195 -0.66 -2.12 14.65
C GLY A 195 -1.04 -1.61 16.02
N VAL A 196 -0.27 -2.02 17.04
CA VAL A 196 -0.53 -1.59 18.41
C VAL A 196 -0.11 -0.13 18.61
N LEU A 197 1.02 0.24 18.00
CA LEU A 197 1.53 1.61 18.11
C LEU A 197 0.58 2.60 17.45
N LEU A 198 -0.07 2.18 16.37
CA LEU A 198 -1.01 3.03 15.66
C LEU A 198 -2.35 3.12 16.40
N PHE A 199 -2.80 1.98 16.93
CA PHE A 199 -4.06 1.94 17.68
C PHE A 199 -3.97 2.78 18.95
N THR A 200 -2.84 2.68 19.65
CA THR A 200 -2.64 3.45 20.88
C THR A 200 -2.14 4.86 20.55
N GLY A 201 -1.73 5.06 19.31
CA GLY A 201 -1.23 6.35 18.89
C GLY A 201 -2.34 7.27 18.44
N THR A 202 -3.22 6.76 17.55
CA THR A 202 -4.35 7.53 17.02
C THR A 202 -3.88 8.62 16.06
N PHE A 203 -3.15 9.60 16.58
CA PHE A 203 -2.63 10.70 15.77
C PHE A 203 -1.38 11.27 16.42
N THR A 204 -0.58 12.00 15.64
CA THR A 204 0.67 12.62 16.12
C THR A 204 1.77 11.57 16.31
N ALA A 205 1.40 10.42 16.87
CA ALA A 205 2.34 9.33 17.10
C ALA A 205 2.95 8.84 15.80
N LEU A 206 2.14 8.84 14.74
CA LEU A 206 2.59 8.41 13.43
C LEU A 206 3.35 9.53 12.71
N ASN A 207 3.08 10.76 13.11
CA ASN A 207 3.72 11.92 12.50
C ASN A 207 5.16 12.06 12.97
N THR A 208 5.36 12.01 14.28
CA THR A 208 6.70 12.12 14.85
C THR A 208 7.59 10.98 14.37
N PHE A 209 7.00 9.81 14.18
CA PHE A 209 7.73 8.65 13.71
C PHE A 209 8.07 8.77 12.24
N PHE A 210 7.16 9.35 11.46
CA PHE A 210 7.38 9.53 10.03
C PHE A 210 8.46 10.57 9.76
N LEU A 211 8.57 11.54 10.67
CA LEU A 211 9.58 12.60 10.55
C LEU A 211 10.99 12.03 10.65
N ARG A 212 11.11 10.83 11.18
CA ARG A 212 12.40 10.16 11.31
C ARG A 212 12.68 9.29 10.10
N ILE A 213 11.69 9.18 9.21
CA ILE A 213 11.83 8.37 8.00
C ILE A 213 11.93 9.27 6.77
N THR A 214 11.63 10.55 6.94
CA THR A 214 11.72 11.52 5.85
C THR A 214 13.12 11.51 5.22
N PRO A 215 13.19 11.36 3.88
CA PRO A 215 14.47 11.34 3.16
C PRO A 215 15.31 12.58 3.42
N GLU A 216 16.62 12.39 3.50
CA GLU A 216 17.55 13.49 3.74
C GLU A 216 17.48 14.52 2.62
N TRP A 217 17.07 14.06 1.44
CA TRP A 217 16.94 14.93 0.26
C TRP A 217 15.77 15.89 0.43
N LEU A 218 14.82 15.54 1.30
CA LEU A 218 13.67 16.40 1.55
C LEU A 218 14.04 17.48 2.55
N GLN A 219 14.87 17.12 3.53
CA GLN A 219 15.31 18.06 4.55
C GLN A 219 16.31 19.05 3.96
N ARG A 220 17.06 18.60 2.96
CA ARG A 220 18.04 19.45 2.30
C ARG A 220 17.37 20.40 1.31
N TYR A 221 16.05 20.28 1.19
CA TYR A 221 15.29 21.14 0.27
C TYR A 221 14.63 22.27 1.04
N LEU A 222 15.01 22.43 2.31
CA LEU A 222 14.45 23.49 3.14
C LEU A 222 15.24 24.78 2.95
N PRO A 223 14.54 25.89 2.69
CA PRO A 223 15.19 27.20 2.47
C PRO A 223 15.93 27.71 3.70
N SER A 224 15.27 27.69 4.85
CA SER A 224 15.85 28.15 6.10
C SER A 224 16.39 29.58 5.97
N MET A 1 9.22 24.53 -10.87
CA MET A 1 8.34 24.77 -12.05
C MET A 1 7.03 24.00 -11.91
N SER A 2 5.95 24.58 -12.40
CA SER A 2 4.64 23.96 -12.34
C SER A 2 4.47 22.91 -13.44
N LEU A 3 5.23 21.84 -13.34
CA LEU A 3 5.16 20.76 -14.34
C LEU A 3 4.73 19.45 -13.70
N SER A 4 4.02 18.64 -14.47
CA SER A 4 3.54 17.34 -14.00
C SER A 4 4.70 16.36 -13.79
N LEU A 5 5.78 16.56 -14.54
CA LEU A 5 6.95 15.69 -14.44
C LEU A 5 7.60 15.80 -13.06
N THR A 6 7.80 17.03 -12.61
CA THR A 6 8.39 17.28 -11.31
C THR A 6 7.54 16.68 -10.21
N ALA A 7 6.23 16.92 -10.29
CA ALA A 7 5.28 16.40 -9.31
C ALA A 7 5.30 14.87 -9.30
N ALA A 8 5.30 14.27 -10.48
CA ALA A 8 5.34 12.81 -10.61
C ALA A 8 6.60 12.24 -9.98
N PHE A 9 7.73 12.90 -10.23
CA PHE A 9 9.02 12.47 -9.69
C PHE A 9 9.00 12.53 -8.16
N LEU A 10 8.59 13.69 -7.62
CA LEU A 10 8.51 13.86 -6.18
C LEU A 10 7.55 12.85 -5.55
N ALA A 11 6.44 12.62 -6.24
CA ALA A 11 5.44 11.64 -5.77
C ALA A 11 6.07 10.26 -5.66
N GLY A 12 6.82 9.87 -6.70
CA GLY A 12 7.48 8.58 -6.69
C GLY A 12 8.49 8.46 -5.57
N VAL A 13 9.28 9.52 -5.37
CA VAL A 13 10.29 9.53 -4.33
C VAL A 13 9.63 9.45 -2.94
N LEU A 14 8.55 10.21 -2.76
CA LEU A 14 7.81 10.21 -1.49
C LEU A 14 7.23 8.83 -1.21
N SER A 15 6.71 8.19 -2.26
CA SER A 15 6.13 6.85 -2.12
C SER A 15 7.21 5.82 -1.83
N PHE A 16 8.41 6.04 -2.37
CA PHE A 16 9.52 5.13 -2.17
C PHE A 16 10.00 5.17 -0.72
N LEU A 17 10.08 6.37 -0.16
CA LEU A 17 10.52 6.54 1.22
C LEU A 17 9.36 6.36 2.21
N SER A 18 8.15 6.30 1.68
CA SER A 18 6.97 6.11 2.51
C SER A 18 6.98 4.75 3.20
N PRO A 19 6.99 4.74 4.54
CA PRO A 19 7.01 3.50 5.32
C PRO A 19 5.65 2.81 5.36
N CYS A 20 4.63 3.49 4.85
CA CYS A 20 3.27 2.96 4.81
C CYS A 20 3.08 2.02 3.61
N VAL A 21 4.05 1.15 3.40
CA VAL A 21 4.01 0.21 2.29
C VAL A 21 3.43 -1.13 2.73
N LEU A 22 2.24 -1.09 3.33
CA LEU A 22 1.58 -2.30 3.82
C LEU A 22 1.25 -3.28 2.69
N PRO A 23 0.58 -2.84 1.59
CA PRO A 23 0.24 -3.73 0.46
C PRO A 23 1.45 -4.42 -0.15
N LEU A 24 2.60 -3.73 -0.12
CA LEU A 24 3.83 -4.28 -0.66
C LEU A 24 4.44 -5.35 0.24
N VAL A 25 3.95 -5.44 1.48
CA VAL A 25 4.45 -6.44 2.43
C VAL A 25 4.13 -7.88 1.95
N PRO A 26 2.84 -8.21 1.65
CA PRO A 26 2.48 -9.54 1.17
C PRO A 26 3.08 -9.85 -0.21
N THR A 27 3.43 -8.80 -0.95
CA THR A 27 4.01 -8.96 -2.28
C THR A 27 5.37 -9.67 -2.22
N TYR A 28 6.03 -9.56 -1.07
CA TYR A 28 7.33 -10.19 -0.87
C TYR A 28 7.22 -11.71 -0.91
N LEU A 29 6.08 -12.23 -0.46
CA LEU A 29 5.84 -13.67 -0.43
C LEU A 29 5.28 -14.14 -1.77
N PHE A 30 4.67 -13.20 -2.50
CA PHE A 30 4.06 -13.51 -3.79
C PHE A 30 5.13 -13.67 -4.87
N TYR A 31 6.32 -13.15 -4.63
CA TYR A 31 7.41 -13.25 -5.60
C TYR A 31 8.10 -14.61 -5.49
N LEU A 32 7.96 -15.26 -4.34
CA LEU A 32 8.56 -16.57 -4.12
C LEU A 32 7.63 -17.67 -4.61
N GLY A 33 6.33 -17.46 -4.42
CA GLY A 33 5.35 -18.44 -4.87
C GLY A 33 4.86 -18.15 -6.28
N GLY A 34 5.44 -17.13 -6.90
CA GLY A 34 5.05 -16.76 -8.25
C GLY A 34 5.92 -17.42 -9.31
N ALA A 35 6.04 -18.74 -9.23
CA ALA A 35 6.82 -19.49 -10.19
C ALA A 35 6.07 -19.64 -11.50
N ARG A 36 6.72 -19.24 -12.60
CA ARG A 36 6.13 -19.31 -13.94
C ARG A 36 4.88 -18.43 -14.03
N GLY A 37 4.89 -17.32 -13.29
CA GLY A 37 3.77 -16.41 -13.30
C GLY A 37 4.01 -15.19 -14.14
N ARG A 38 3.13 -14.19 -14.01
CA ARG A 38 3.25 -12.96 -14.79
C ARG A 38 3.04 -11.73 -13.90
N PRO A 39 4.12 -11.22 -13.28
CA PRO A 39 4.05 -10.04 -12.40
C PRO A 39 3.53 -8.81 -13.12
N LEU A 40 3.87 -8.69 -14.41
CA LEU A 40 3.45 -7.55 -15.22
C LEU A 40 1.93 -7.49 -15.35
N PHE A 41 1.30 -8.64 -15.61
CA PHE A 41 -0.14 -8.70 -15.76
C PHE A 41 -0.84 -8.57 -14.41
N ASN A 42 -0.28 -9.20 -13.38
CA ASN A 42 -0.85 -9.14 -12.03
C ASN A 42 -0.82 -7.71 -11.50
N ALA A 43 0.31 -7.03 -11.74
CA ALA A 43 0.48 -5.65 -11.29
C ALA A 43 -0.49 -4.73 -12.01
N LEU A 44 -0.50 -4.81 -13.34
CA LEU A 44 -1.39 -3.97 -14.16
C LEU A 44 -2.85 -4.18 -13.78
N PHE A 45 -3.24 -5.44 -13.58
CA PHE A 45 -4.62 -5.76 -13.20
C PHE A 45 -4.98 -5.14 -11.85
N PHE A 46 -4.06 -5.25 -10.89
CA PHE A 46 -4.26 -4.69 -9.57
C PHE A 46 -4.36 -3.17 -9.62
N ILE A 47 -3.48 -2.55 -10.43
CA ILE A 47 -3.50 -1.09 -10.58
C ILE A 47 -4.79 -0.64 -11.26
N LEU A 48 -5.21 -1.38 -12.29
CA LEU A 48 -6.44 -1.05 -13.00
C LEU A 48 -7.64 -1.11 -12.06
N GLY A 49 -7.75 -2.20 -11.30
CA GLY A 49 -8.84 -2.36 -10.36
C GLY A 49 -8.87 -1.25 -9.32
N PHE A 50 -7.72 -0.94 -8.74
CA PHE A 50 -7.61 0.09 -7.72
C PHE A 50 -7.85 1.47 -8.33
N GLY A 51 -7.35 1.66 -9.55
CA GLY A 51 -7.51 2.94 -10.23
C GLY A 51 -8.97 3.25 -10.48
N ALA A 52 -9.73 2.24 -10.92
CA ALA A 52 -11.16 2.40 -11.17
C ALA A 52 -11.88 2.78 -9.89
N VAL A 53 -11.54 2.11 -8.79
CA VAL A 53 -12.15 2.39 -7.50
C VAL A 53 -11.85 3.82 -7.04
N PHE A 54 -10.60 4.23 -7.19
CA PHE A 54 -10.19 5.57 -6.78
C PHE A 54 -10.86 6.65 -7.63
N PHE A 55 -11.09 6.36 -8.90
CA PHE A 55 -11.74 7.31 -9.79
C PHE A 55 -13.25 7.36 -9.54
N LEU A 56 -13.85 6.18 -9.36
CA LEU A 56 -15.28 6.08 -9.11
C LEU A 56 -15.63 6.70 -7.75
N LEU A 57 -14.69 6.65 -6.81
CA LEU A 57 -14.90 7.23 -5.49
C LEU A 57 -14.47 8.70 -5.50
N GLY A 58 -13.67 9.07 -6.51
CA GLY A 58 -13.21 10.44 -6.62
C GLY A 58 -14.30 11.37 -7.12
N LEU A 59 -15.19 10.83 -7.96
CA LEU A 59 -16.30 11.60 -8.50
C LEU A 59 -17.22 12.14 -7.39
N PRO A 60 -17.78 11.27 -6.50
CA PRO A 60 -18.66 11.71 -5.42
C PRO A 60 -17.91 12.41 -4.29
N PHE A 61 -16.57 12.28 -4.30
CA PHE A 61 -15.73 12.92 -3.28
C PHE A 61 -15.90 14.43 -3.27
N THR A 62 -16.34 14.99 -4.39
CA THR A 62 -16.56 16.43 -4.49
C THR A 62 -17.70 16.86 -3.57
N LEU A 63 -18.77 16.06 -3.54
CA LEU A 63 -19.93 16.34 -2.70
C LEU A 63 -19.75 15.73 -1.31
N LEU A 64 -18.89 14.73 -1.21
CA LEU A 64 -18.62 14.07 0.07
C LEU A 64 -17.63 14.88 0.89
N GLY A 65 -16.90 15.78 0.22
CA GLY A 65 -15.92 16.61 0.90
C GLY A 65 -16.55 17.50 1.97
N GLY A 66 -17.79 17.92 1.72
CA GLY A 66 -18.47 18.77 2.68
C GLY A 66 -18.90 18.00 3.91
N LEU A 67 -19.18 16.71 3.73
CA LEU A 67 -19.59 15.85 4.83
C LEU A 67 -18.36 15.29 5.55
N LEU A 68 -17.24 15.24 4.83
CA LEU A 68 -15.99 14.75 5.37
C LEU A 68 -15.44 15.69 6.44
N PHE A 69 -15.92 16.94 6.44
CA PHE A 69 -15.50 17.95 7.41
C PHE A 69 -15.80 17.49 8.83
N GLU A 70 -16.74 16.56 8.98
CA GLU A 70 -17.11 16.03 10.29
C GLU A 70 -17.06 14.51 10.27
N HIS A 71 -16.68 13.91 11.41
CA HIS A 71 -16.59 12.46 11.55
C HIS A 71 -15.55 11.86 10.59
N ARG A 72 -14.31 12.33 10.70
CA ARG A 72 -13.22 11.85 9.84
C ARG A 72 -12.53 10.63 10.47
N GLN A 73 -12.54 10.56 11.79
CA GLN A 73 -11.91 9.46 12.52
C GLN A 73 -12.67 8.16 12.32
N THR A 74 -13.94 8.26 11.92
CA THR A 74 -14.77 7.09 11.68
C THR A 74 -14.24 6.22 10.55
N LEU A 75 -13.61 6.88 9.57
CA LEU A 75 -13.04 6.16 8.42
C LEU A 75 -11.67 5.59 8.77
N ALA A 76 -11.04 6.17 9.79
CA ALA A 76 -9.73 5.71 10.23
C ALA A 76 -9.86 4.48 11.13
N ARG A 77 -10.99 4.39 11.82
CA ARG A 77 -11.26 3.26 12.71
C ARG A 77 -11.33 1.96 11.93
N VAL A 78 -11.93 2.01 10.75
CA VAL A 78 -12.04 0.82 9.89
C VAL A 78 -10.67 0.29 9.53
N GLY A 79 -9.72 1.20 9.30
CA GLY A 79 -8.36 0.81 8.96
C GLY A 79 -7.70 0.07 10.11
N GLY A 80 -7.94 0.54 11.32
CA GLY A 80 -7.38 -0.09 12.50
C GLY A 80 -7.91 -1.49 12.68
N VAL A 81 -9.21 -1.66 12.49
CA VAL A 81 -9.84 -2.98 12.60
C VAL A 81 -9.22 -3.96 11.62
N VAL A 82 -8.98 -3.51 10.39
CA VAL A 82 -8.38 -4.35 9.36
C VAL A 82 -6.96 -4.75 9.77
N LEU A 83 -6.23 -3.82 10.39
CA LEU A 83 -4.88 -4.09 10.84
C LEU A 83 -4.86 -5.21 11.88
N VAL A 84 -5.82 -5.17 12.80
CA VAL A 84 -5.94 -6.20 13.83
C VAL A 84 -6.27 -7.55 13.18
N LEU A 85 -7.21 -7.53 12.23
CA LEU A 85 -7.62 -8.74 11.53
C LEU A 85 -6.44 -9.33 10.75
N PHE A 86 -5.66 -8.45 10.12
CA PHE A 86 -4.49 -8.88 9.37
C PHE A 86 -3.44 -9.51 10.28
N GLY A 87 -3.31 -8.96 11.48
CA GLY A 87 -2.37 -9.49 12.45
C GLY A 87 -2.69 -10.93 12.81
N LEU A 88 -3.97 -11.20 13.01
CA LEU A 88 -4.42 -12.55 13.35
C LEU A 88 -4.18 -13.51 12.19
N TYR A 89 -4.33 -13.00 10.97
CA TYR A 89 -4.11 -13.80 9.76
C TYR A 89 -2.64 -14.14 9.59
N MET A 90 -1.77 -13.15 9.83
CA MET A 90 -0.33 -13.35 9.70
C MET A 90 0.20 -14.26 10.82
N LEU A 91 -0.53 -14.30 11.93
CA LEU A 91 -0.16 -15.15 13.08
C LEU A 91 -0.30 -16.63 12.74
N GLY A 92 -0.93 -16.93 11.59
CA GLY A 92 -1.11 -18.30 11.18
C GLY A 92 -2.44 -18.88 11.61
N LEU A 93 -3.34 -18.03 12.09
CA LEU A 93 -4.66 -18.49 12.51
C LEU A 93 -5.57 -18.73 11.31
N ARG A 94 -6.11 -19.94 11.22
CA ARG A 94 -6.99 -20.32 10.14
C ARG A 94 -8.35 -19.63 10.26
N PRO A 95 -8.95 -19.22 9.13
CA PRO A 95 -10.27 -18.56 9.15
C PRO A 95 -11.38 -19.50 9.57
N ARG A 96 -12.37 -18.97 10.28
CA ARG A 96 -13.49 -19.77 10.75
C ARG A 96 -14.56 -19.88 9.67
N TRP A 97 -15.10 -21.09 9.52
CA TRP A 97 -16.15 -21.37 8.53
C TRP A 97 -15.67 -21.06 7.11
N GLY A 98 -14.42 -21.42 6.83
CA GLY A 98 -13.85 -21.19 5.52
C GLY A 98 -12.68 -22.11 5.23
N VAL A 99 -12.99 -23.37 4.97
CA VAL A 99 -11.96 -24.36 4.68
C VAL A 99 -11.87 -24.62 3.18
N SER A 100 -10.66 -24.90 2.70
CA SER A 100 -10.43 -25.17 1.29
C SER A 100 -10.66 -26.65 0.97
N LEU A 101 -11.72 -27.22 1.57
CA LEU A 101 -12.09 -28.62 1.38
C LEU A 101 -10.95 -29.56 1.81
N ARG A 102 -10.27 -30.15 0.84
CA ARG A 102 -9.15 -31.05 1.13
C ARG A 102 -7.93 -30.66 0.30
N TYR A 103 -6.76 -31.12 0.71
CA TYR A 103 -5.52 -30.80 0.00
C TYR A 103 -5.35 -31.70 -1.22
N GLU A 104 -5.79 -31.20 -2.38
CA GLU A 104 -5.70 -31.94 -3.62
C GLU A 104 -5.17 -31.04 -4.74
N GLY A 105 -4.90 -31.62 -5.90
CA GLY A 105 -4.41 -30.85 -7.03
C GLY A 105 -5.51 -30.11 -7.76
N GLU A 106 -6.05 -29.08 -7.13
CA GLU A 106 -7.12 -28.30 -7.72
C GLU A 106 -6.69 -26.84 -7.94
N THR A 107 -5.38 -26.61 -7.91
CA THR A 107 -4.82 -25.27 -8.10
C THR A 107 -5.35 -24.28 -7.05
N SER A 108 -4.91 -24.45 -5.81
CA SER A 108 -5.35 -23.59 -4.72
C SER A 108 -4.51 -22.30 -4.64
N ARG A 109 -3.55 -22.16 -5.55
CA ARG A 109 -2.69 -20.98 -5.59
C ARG A 109 -3.48 -19.68 -5.83
N PRO A 110 -4.34 -19.62 -6.88
CA PRO A 110 -5.14 -18.42 -7.17
C PRO A 110 -6.06 -18.02 -6.01
N LEU A 111 -6.42 -18.99 -5.18
CA LEU A 111 -7.28 -18.73 -4.03
C LEU A 111 -6.55 -17.89 -2.99
N GLY A 112 -5.25 -18.10 -2.87
CA GLY A 112 -4.45 -17.35 -1.93
C GLY A 112 -4.37 -15.89 -2.32
N ALA A 113 -4.31 -15.65 -3.63
CA ALA A 113 -4.25 -14.30 -4.16
C ALA A 113 -5.61 -13.62 -4.07
N PHE A 114 -6.67 -14.40 -4.27
CA PHE A 114 -8.03 -13.89 -4.21
C PHE A 114 -8.38 -13.43 -2.81
N LEU A 115 -8.05 -14.25 -1.81
CA LEU A 115 -8.32 -13.91 -0.42
C LEU A 115 -7.51 -12.70 0.01
N LEU A 116 -6.26 -12.63 -0.45
CA LEU A 116 -5.38 -11.51 -0.13
C LEU A 116 -5.86 -10.24 -0.83
N GLY A 117 -6.46 -10.41 -2.00
CA GLY A 117 -6.98 -9.27 -2.75
C GLY A 117 -8.25 -8.74 -2.13
N ALA A 118 -9.15 -9.66 -1.77
CA ALA A 118 -10.40 -9.28 -1.13
C ALA A 118 -10.16 -8.50 0.15
N THR A 119 -9.20 -8.95 0.94
CA THR A 119 -8.85 -8.29 2.20
C THR A 119 -8.10 -6.98 1.94
N LEU A 120 -7.40 -6.90 0.82
CA LEU A 120 -6.66 -5.70 0.46
C LEU A 120 -7.59 -4.60 -0.06
N ALA A 121 -8.62 -5.01 -0.80
CA ALA A 121 -9.59 -4.06 -1.34
C ALA A 121 -10.51 -3.52 -0.25
N LEU A 122 -10.89 -4.40 0.68
CA LEU A 122 -11.76 -4.00 1.79
C LEU A 122 -10.95 -3.36 2.91
N GLY A 123 -9.65 -3.60 2.91
CA GLY A 123 -8.78 -3.04 3.92
C GLY A 123 -8.18 -1.71 3.52
N TRP A 124 -8.82 -0.63 3.94
CA TRP A 124 -8.34 0.70 3.60
C TRP A 124 -7.20 1.12 4.53
N THR A 125 -6.13 1.61 3.92
CA THR A 125 -4.96 2.06 4.66
C THR A 125 -5.18 3.46 5.24
N PRO A 126 -5.12 3.59 6.59
CA PRO A 126 -5.32 4.87 7.28
C PRO A 126 -4.22 5.89 6.98
N CYS A 127 -3.10 5.41 6.45
CA CYS A 127 -1.96 6.27 6.12
C CYS A 127 -2.31 7.30 5.06
N ILE A 128 -3.29 6.99 4.22
CA ILE A 128 -3.71 7.90 3.16
C ILE A 128 -4.76 8.89 3.67
N GLY A 129 -5.12 8.75 4.95
CA GLY A 129 -6.11 9.63 5.56
C GLY A 129 -5.68 11.09 5.51
N PRO A 130 -4.60 11.47 6.23
CA PRO A 130 -4.10 12.85 6.25
C PRO A 130 -3.70 13.35 4.86
N ILE A 131 -3.10 12.46 4.07
CA ILE A 131 -2.67 12.78 2.71
C ILE A 131 -3.87 13.18 1.84
N LEU A 132 -4.98 12.45 1.98
CA LEU A 132 -6.19 12.75 1.21
C LEU A 132 -6.73 14.14 1.56
N GLY A 133 -6.55 14.54 2.82
CA GLY A 133 -7.00 15.85 3.26
C GLY A 133 -6.31 16.97 2.51
N ALA A 134 -5.03 16.78 2.24
CA ALA A 134 -4.24 17.77 1.50
C ALA A 134 -4.69 17.79 0.04
N ILE A 135 -5.03 16.61 -0.48
CA ILE A 135 -5.50 16.48 -1.86
C ILE A 135 -6.84 17.16 -2.02
N LEU A 136 -7.73 16.97 -1.05
CA LEU A 136 -9.07 17.58 -1.08
C LEU A 136 -8.95 19.10 -1.08
N THR A 137 -7.97 19.61 -0.34
CA THR A 137 -7.72 21.06 -0.28
C THR A 137 -7.30 21.58 -1.65
N LEU A 138 -6.49 20.78 -2.37
CA LEU A 138 -6.02 21.16 -3.69
C LEU A 138 -7.17 21.11 -4.69
N THR A 139 -8.13 20.22 -4.46
CA THR A 139 -9.28 20.09 -5.34
C THR A 139 -10.32 21.18 -5.03
N ALA A 140 -10.25 21.72 -3.83
CA ALA A 140 -11.17 22.77 -3.41
C ALA A 140 -10.84 24.09 -4.10
N VAL A 141 -9.56 24.28 -4.41
CA VAL A 141 -9.11 25.49 -5.10
C VAL A 141 -8.92 25.25 -6.59
N GLY A 142 -9.27 24.05 -7.04
CA GLY A 142 -9.13 23.69 -8.43
C GLY A 142 -8.68 22.25 -8.63
N GLY A 143 -7.37 22.05 -8.72
CA GLY A 143 -6.84 20.71 -8.91
C GLY A 143 -6.71 20.33 -10.37
N GLY A 144 -7.34 19.23 -10.76
CA GLY A 144 -7.28 18.79 -12.13
C GLY A 144 -6.92 17.32 -12.26
N VAL A 145 -7.25 16.72 -13.40
CA VAL A 145 -6.96 15.31 -13.65
C VAL A 145 -5.48 15.09 -13.98
N GLY A 146 -4.82 16.14 -14.46
CA GLY A 146 -3.41 16.04 -14.81
C GLY A 146 -2.55 15.62 -13.63
N PHE A 147 -2.88 16.11 -12.44
CA PHE A 147 -2.14 15.77 -11.24
C PHE A 147 -2.35 14.30 -10.88
N LEU A 148 -3.59 13.84 -11.00
CA LEU A 148 -3.92 12.45 -10.70
C LEU A 148 -3.15 11.50 -11.61
N LEU A 149 -3.14 11.82 -12.91
CA LEU A 149 -2.42 11.00 -13.88
C LEU A 149 -0.91 11.04 -13.62
N ALA A 150 -0.41 12.22 -13.27
CA ALA A 150 1.01 12.40 -12.98
C ALA A 150 1.41 11.56 -11.77
N TYR A 151 0.55 11.54 -10.75
CA TYR A 151 0.82 10.78 -9.54
C TYR A 151 0.96 9.28 -9.85
N ILE A 152 0.05 8.76 -10.67
CA ILE A 152 0.09 7.35 -11.04
C ILE A 152 1.36 7.05 -11.84
N LEU A 153 1.69 7.93 -12.79
CA LEU A 153 2.89 7.76 -13.61
C LEU A 153 4.15 7.87 -12.75
N GLY A 154 4.10 8.74 -11.74
CA GLY A 154 5.22 8.91 -10.85
C GLY A 154 5.56 7.63 -10.11
N LEU A 155 4.54 6.96 -9.59
CA LEU A 155 4.74 5.70 -8.88
C LEU A 155 5.15 4.59 -9.85
N ALA A 156 4.69 4.71 -11.09
CA ALA A 156 4.99 3.74 -12.14
C ALA A 156 6.49 3.70 -12.44
N VAL A 157 7.15 4.87 -12.37
CA VAL A 157 8.59 4.96 -12.65
C VAL A 157 9.41 3.99 -11.77
N PRO A 158 9.41 4.16 -10.42
CA PRO A 158 10.16 3.26 -9.54
C PRO A 158 9.69 1.82 -9.63
N PHE A 159 8.37 1.63 -9.81
CA PHE A 159 7.80 0.29 -9.92
C PHE A 159 8.42 -0.48 -11.08
N PHE A 160 8.55 0.17 -12.23
CA PHE A 160 9.14 -0.47 -13.40
C PHE A 160 10.65 -0.69 -13.21
N VAL A 161 11.30 0.27 -12.55
CA VAL A 161 12.73 0.15 -12.28
C VAL A 161 13.02 -1.02 -11.35
N VAL A 162 12.24 -1.14 -10.29
CA VAL A 162 12.40 -2.22 -9.32
C VAL A 162 12.10 -3.57 -9.98
N ALA A 163 11.06 -3.58 -10.83
CA ALA A 163 10.67 -4.80 -11.54
C ALA A 163 11.79 -5.31 -12.44
N LEU A 164 12.56 -4.39 -13.01
CA LEU A 164 13.67 -4.74 -13.88
C LEU A 164 14.88 -5.21 -13.08
N PHE A 165 15.18 -4.50 -11.99
CA PHE A 165 16.31 -4.85 -11.13
C PHE A 165 16.03 -6.13 -10.33
N ALA A 166 14.76 -6.49 -10.22
CA ALA A 166 14.35 -7.69 -9.48
C ALA A 166 14.94 -8.95 -10.11
N ASP A 167 15.36 -8.85 -11.37
CA ASP A 167 15.95 -9.97 -12.08
C ASP A 167 17.26 -10.40 -11.42
N ARG A 168 18.07 -9.41 -11.04
CA ARG A 168 19.36 -9.69 -10.40
C ARG A 168 19.15 -10.16 -8.95
N ILE A 169 18.10 -9.65 -8.32
CA ILE A 169 17.78 -10.02 -6.94
C ILE A 169 17.23 -11.44 -6.87
N LYS A 170 16.63 -11.89 -7.97
CA LYS A 170 16.07 -13.24 -8.05
C LYS A 170 17.16 -14.30 -7.93
N GLY A 171 18.37 -13.96 -8.40
CA GLY A 171 19.48 -14.88 -8.33
C GLY A 171 19.98 -15.05 -6.91
N TRP A 172 20.00 -13.95 -6.17
CA TRP A 172 20.44 -13.96 -4.77
C TRP A 172 19.38 -14.60 -3.89
N LEU A 173 18.13 -14.57 -4.34
CA LEU A 173 17.01 -15.16 -3.59
C LEU A 173 17.25 -16.66 -3.37
N ARG A 174 17.82 -17.32 -4.38
CA ARG A 174 18.10 -18.75 -4.29
C ARG A 174 19.35 -19.01 -3.43
N ARG A 175 20.18 -17.98 -3.30
CA ARG A 175 21.40 -18.08 -2.50
C ARG A 175 21.11 -17.80 -1.02
N ALA A 176 20.13 -16.93 -0.78
CA ALA A 176 19.74 -16.58 0.59
C ALA A 176 19.16 -17.77 1.34
N GLY A 177 18.46 -18.64 0.61
CA GLY A 177 17.87 -19.82 1.24
C GLY A 177 16.71 -19.49 2.14
N ARG A 178 16.97 -19.43 3.45
CA ARG A 178 15.93 -19.13 4.42
C ARG A 178 16.05 -17.70 4.94
N ILE A 179 17.12 -17.02 4.54
CA ILE A 179 17.35 -15.63 4.98
C ILE A 179 16.25 -14.71 4.44
N SER A 180 15.87 -14.91 3.18
CA SER A 180 14.82 -14.11 2.55
C SER A 180 13.49 -14.27 3.29
N HIS A 181 13.25 -15.46 3.81
CA HIS A 181 12.02 -15.75 4.54
C HIS A 181 11.93 -14.94 5.83
N TYR A 182 13.08 -14.69 6.44
CA TYR A 182 13.14 -13.93 7.69
C TYR A 182 12.75 -12.48 7.45
N VAL A 183 13.24 -11.91 6.36
CA VAL A 183 12.95 -10.52 6.01
C VAL A 183 11.48 -10.35 5.63
N GLU A 184 10.83 -11.45 5.26
CA GLU A 184 9.43 -11.43 4.88
C GLU A 184 8.54 -11.30 6.12
N VAL A 185 8.82 -12.12 7.12
CA VAL A 185 8.05 -12.11 8.35
C VAL A 185 8.43 -10.93 9.24
N LEU A 186 9.71 -10.58 9.26
CA LEU A 186 10.21 -9.46 10.07
C LEU A 186 9.52 -8.15 9.68
N ALA A 187 9.48 -7.87 8.38
CA ALA A 187 8.85 -6.64 7.88
C ALA A 187 7.36 -6.64 8.19
N GLY A 188 6.75 -7.82 8.16
CA GLY A 188 5.34 -7.95 8.46
C GLY A 188 5.02 -7.60 9.89
N VAL A 189 5.85 -8.11 10.82
CA VAL A 189 5.67 -7.84 12.24
C VAL A 189 5.78 -6.34 12.52
N VAL A 190 6.77 -5.69 11.92
CA VAL A 190 6.98 -4.27 12.11
C VAL A 190 5.77 -3.46 11.64
N LEU A 191 5.28 -3.78 10.44
CA LEU A 191 4.12 -3.07 9.88
C LEU A 191 2.89 -3.26 10.77
N VAL A 192 2.67 -4.48 11.24
CA VAL A 192 1.52 -4.77 12.11
C VAL A 192 1.67 -4.02 13.44
N LEU A 193 2.88 -4.05 14.01
CA LEU A 193 3.14 -3.36 15.27
C LEU A 193 2.86 -1.87 15.14
N VAL A 194 3.33 -1.27 14.05
CA VAL A 194 3.09 0.16 13.81
C VAL A 194 1.60 0.44 13.65
N GLY A 195 0.90 -0.46 12.96
CA GLY A 195 -0.52 -0.30 12.76
C GLY A 195 -1.29 -0.23 14.07
N VAL A 196 -0.95 -1.15 14.99
CA VAL A 196 -1.60 -1.19 16.30
C VAL A 196 -1.16 -0.01 17.15
N LEU A 197 0.12 0.34 17.07
CA LEU A 197 0.67 1.46 17.84
C LEU A 197 0.15 2.80 17.32
N LEU A 198 -0.28 2.84 16.07
CA LEU A 198 -0.82 4.06 15.48
C LEU A 198 -2.31 4.21 15.81
N PHE A 199 -3.04 3.11 15.73
CA PHE A 199 -4.48 3.13 16.01
C PHE A 199 -4.75 3.39 17.50
N THR A 200 -4.18 2.55 18.36
CA THR A 200 -4.37 2.71 19.80
C THR A 200 -3.48 3.82 20.36
N GLY A 201 -2.56 4.30 19.54
CA GLY A 201 -1.66 5.36 19.96
C GLY A 201 -2.22 6.73 19.65
N THR A 202 -2.54 6.97 18.37
CA THR A 202 -3.08 8.24 17.89
C THR A 202 -2.03 9.36 17.97
N PHE A 203 -1.69 9.78 19.19
CA PHE A 203 -0.72 10.83 19.39
C PHE A 203 0.64 10.23 19.71
N THR A 204 1.71 11.03 19.53
CA THR A 204 3.08 10.58 19.76
C THR A 204 3.57 9.64 18.64
N ALA A 205 2.69 8.76 18.19
CA ALA A 205 3.02 7.81 17.14
C ALA A 205 3.05 8.50 15.76
N LEU A 206 2.15 9.45 15.57
CA LEU A 206 2.06 10.19 14.30
C LEU A 206 3.36 10.94 14.02
N ASN A 207 3.92 11.60 15.02
CA ASN A 207 5.17 12.34 14.85
C ASN A 207 6.36 11.40 14.69
N THR A 208 6.35 10.31 15.45
CA THR A 208 7.41 9.31 15.39
C THR A 208 7.46 8.65 14.02
N PHE A 209 6.30 8.31 13.48
CA PHE A 209 6.21 7.66 12.18
C PHE A 209 6.47 8.66 11.05
N PHE A 210 6.10 9.91 11.27
CA PHE A 210 6.29 10.96 10.27
C PHE A 210 7.77 11.18 9.98
N LEU A 211 8.63 10.84 10.95
CA LEU A 211 10.08 10.99 10.79
C LEU A 211 10.59 10.02 9.73
N ARG A 212 9.84 8.95 9.48
CA ARG A 212 10.21 7.96 8.49
C ARG A 212 9.63 8.30 7.12
N ILE A 213 8.78 9.32 7.08
CA ILE A 213 8.15 9.74 5.84
C ILE A 213 8.82 11.00 5.29
N THR A 214 9.87 11.44 5.94
CA THR A 214 10.60 12.63 5.51
C THR A 214 11.40 12.33 4.25
N PRO A 215 11.09 13.03 3.13
CA PRO A 215 11.79 12.84 1.87
C PRO A 215 13.20 13.42 1.90
N GLU A 216 14.19 12.56 1.67
CA GLU A 216 15.59 12.98 1.68
C GLU A 216 15.90 13.96 0.55
N TRP A 217 15.11 13.87 -0.52
CA TRP A 217 15.30 14.76 -1.67
C TRP A 217 14.83 16.18 -1.35
N LEU A 218 13.93 16.30 -0.37
CA LEU A 218 13.42 17.60 0.04
C LEU A 218 14.38 18.24 1.03
N GLN A 219 15.01 17.39 1.85
CA GLN A 219 15.97 17.85 2.84
C GLN A 219 17.21 18.43 2.16
N ARG A 220 17.52 17.90 0.98
CA ARG A 220 18.67 18.36 0.21
C ARG A 220 18.34 19.65 -0.52
N TYR A 221 17.07 20.02 -0.53
CA TYR A 221 16.62 21.24 -1.20
C TYR A 221 16.67 22.42 -0.23
N LEU A 222 16.83 22.11 1.05
CA LEU A 222 16.89 23.15 2.08
C LEU A 222 18.35 23.50 2.38
N PRO A 223 18.75 24.75 2.11
CA PRO A 223 20.14 25.21 2.36
C PRO A 223 20.53 25.12 3.82
N SER A 224 19.69 25.65 4.70
CA SER A 224 19.96 25.61 6.13
C SER A 224 18.82 24.92 6.88
N MET A 1 3.08 24.17 -17.94
CA MET A 1 3.97 23.78 -16.81
C MET A 1 3.82 22.30 -16.50
N SER A 2 4.62 21.48 -17.16
CA SER A 2 4.59 20.02 -16.97
C SER A 2 5.33 19.62 -15.69
N LEU A 3 4.90 20.17 -14.57
CA LEU A 3 5.52 19.86 -13.29
C LEU A 3 4.75 18.77 -12.53
N SER A 4 3.59 18.40 -13.08
CA SER A 4 2.76 17.38 -12.47
C SER A 4 3.49 16.03 -12.46
N LEU A 5 4.24 15.77 -13.53
CA LEU A 5 4.99 14.53 -13.64
C LEU A 5 6.15 14.52 -12.65
N THR A 6 6.87 15.63 -12.55
CA THR A 6 8.00 15.76 -11.64
C THR A 6 7.52 15.59 -10.19
N ALA A 7 6.44 16.29 -9.85
CA ALA A 7 5.87 16.22 -8.50
C ALA A 7 5.41 14.80 -8.20
N ALA A 8 4.77 14.17 -9.18
CA ALA A 8 4.28 12.81 -9.02
C ALA A 8 5.43 11.83 -8.81
N PHE A 9 6.46 11.94 -9.66
CA PHE A 9 7.64 11.09 -9.54
C PHE A 9 8.26 11.21 -8.15
N LEU A 10 8.41 12.45 -7.68
CA LEU A 10 8.97 12.68 -6.34
C LEU A 10 8.07 12.08 -5.27
N ALA A 11 6.77 12.29 -5.41
CA ALA A 11 5.80 11.74 -4.46
C ALA A 11 5.84 10.22 -4.46
N GLY A 12 5.99 9.65 -5.66
CA GLY A 12 6.06 8.19 -5.79
C GLY A 12 7.25 7.62 -5.06
N VAL A 13 8.38 8.29 -5.13
CA VAL A 13 9.59 7.85 -4.44
C VAL A 13 9.36 7.90 -2.94
N LEU A 14 8.63 8.92 -2.48
CA LEU A 14 8.34 9.08 -1.06
C LEU A 14 7.50 7.91 -0.55
N SER A 15 6.49 7.51 -1.33
CA SER A 15 5.63 6.39 -0.94
C SER A 15 6.44 5.10 -0.85
N PHE A 16 7.42 4.95 -1.73
CA PHE A 16 8.27 3.76 -1.74
C PHE A 16 9.22 3.76 -0.54
N LEU A 17 9.57 4.95 -0.07
CA LEU A 17 10.45 5.07 1.09
C LEU A 17 9.65 5.01 2.39
N SER A 18 8.34 5.13 2.26
CA SER A 18 7.44 5.07 3.41
C SER A 18 7.09 3.62 3.75
N PRO A 19 7.12 3.25 5.04
CA PRO A 19 6.80 1.87 5.47
C PRO A 19 5.32 1.52 5.30
N CYS A 20 4.49 2.53 5.10
CA CYS A 20 3.06 2.32 4.91
C CYS A 20 2.74 2.13 3.43
N VAL A 21 1.95 1.10 3.14
CA VAL A 21 1.55 0.78 1.76
C VAL A 21 2.77 0.45 0.91
N LEU A 22 3.44 -0.65 1.24
CA LEU A 22 4.61 -1.07 0.49
C LEU A 22 4.32 -2.34 -0.31
N PRO A 23 4.17 -2.19 -1.65
CA PRO A 23 3.88 -3.33 -2.54
C PRO A 23 5.01 -4.37 -2.56
N LEU A 24 6.18 -3.97 -2.06
CA LEU A 24 7.33 -4.87 -2.02
C LEU A 24 7.21 -5.87 -0.86
N VAL A 25 6.30 -5.60 0.07
CA VAL A 25 6.08 -6.49 1.20
C VAL A 25 5.37 -7.79 0.78
N PRO A 26 4.22 -7.70 0.07
CA PRO A 26 3.49 -8.90 -0.39
C PRO A 26 4.28 -9.70 -1.41
N THR A 27 4.98 -9.01 -2.31
CA THR A 27 5.76 -9.66 -3.35
C THR A 27 6.94 -10.44 -2.77
N TYR A 28 7.50 -9.93 -1.67
CA TYR A 28 8.62 -10.60 -1.01
C TYR A 28 8.21 -11.98 -0.50
N LEU A 29 6.97 -12.09 -0.03
CA LEU A 29 6.46 -13.36 0.47
C LEU A 29 5.97 -14.23 -0.68
N PHE A 30 5.27 -13.62 -1.63
CA PHE A 30 4.76 -14.34 -2.80
C PHE A 30 5.88 -15.02 -3.58
N TYR A 31 7.04 -14.37 -3.65
CA TYR A 31 8.19 -14.94 -4.36
C TYR A 31 8.78 -16.12 -3.61
N LEU A 32 8.72 -16.06 -2.28
CA LEU A 32 9.24 -17.14 -1.44
C LEU A 32 8.23 -18.28 -1.37
N GLY A 33 6.97 -17.98 -1.64
CA GLY A 33 5.93 -19.00 -1.62
C GLY A 33 5.95 -19.85 -2.87
N GLY A 34 6.47 -19.29 -3.95
CA GLY A 34 6.54 -20.03 -5.20
C GLY A 34 5.60 -19.49 -6.26
N ALA A 35 5.54 -18.17 -6.38
CA ALA A 35 4.67 -17.54 -7.38
C ALA A 35 5.34 -17.47 -8.75
N ARG A 36 5.04 -18.45 -9.59
CA ARG A 36 5.62 -18.48 -10.94
C ARG A 36 4.65 -17.90 -11.96
N GLY A 37 5.09 -16.87 -12.66
CA GLY A 37 4.27 -16.24 -13.67
C GLY A 37 4.88 -14.96 -14.18
N ARG A 38 4.07 -14.07 -14.75
CA ARG A 38 4.56 -12.81 -15.28
C ARG A 38 4.23 -11.66 -14.32
N PRO A 39 5.27 -10.98 -13.80
CA PRO A 39 5.09 -9.86 -12.87
C PRO A 39 4.42 -8.64 -13.53
N LEU A 40 4.61 -8.50 -14.84
CA LEU A 40 4.04 -7.39 -15.58
C LEU A 40 2.51 -7.50 -15.65
N PHE A 41 2.00 -8.72 -15.72
CA PHE A 41 0.55 -8.94 -15.78
C PHE A 41 -0.07 -8.63 -14.43
N ASN A 42 0.62 -9.00 -13.35
CA ASN A 42 0.15 -8.76 -12.00
C ASN A 42 0.06 -7.26 -11.74
N ALA A 43 1.10 -6.53 -12.15
CA ALA A 43 1.15 -5.09 -11.96
C ALA A 43 0.08 -4.40 -12.81
N LEU A 44 -0.09 -4.88 -14.04
CA LEU A 44 -1.09 -4.33 -14.96
C LEU A 44 -2.49 -4.41 -14.37
N PHE A 45 -2.83 -5.57 -13.83
CA PHE A 45 -4.15 -5.77 -13.22
C PHE A 45 -4.29 -4.92 -11.96
N PHE A 46 -3.21 -4.77 -11.20
CA PHE A 46 -3.23 -3.97 -9.98
C PHE A 46 -3.48 -2.51 -10.32
N ILE A 47 -2.81 -2.02 -11.36
CA ILE A 47 -2.97 -0.63 -11.79
C ILE A 47 -4.42 -0.36 -12.18
N LEU A 48 -5.00 -1.26 -12.96
CA LEU A 48 -6.38 -1.12 -13.39
C LEU A 48 -7.33 -1.20 -12.19
N GLY A 49 -7.05 -2.14 -11.29
CA GLY A 49 -7.86 -2.29 -10.09
C GLY A 49 -7.85 -1.05 -9.23
N PHE A 50 -6.66 -0.51 -8.97
CA PHE A 50 -6.55 0.69 -8.15
C PHE A 50 -7.11 1.89 -8.90
N GLY A 51 -6.94 1.90 -10.22
CA GLY A 51 -7.46 2.98 -11.03
C GLY A 51 -8.97 3.05 -10.94
N ALA A 52 -9.61 1.89 -11.06
CA ALA A 52 -11.06 1.81 -10.95
C ALA A 52 -11.52 2.29 -9.59
N VAL A 53 -10.79 1.89 -8.54
CA VAL A 53 -11.12 2.29 -7.18
C VAL A 53 -11.01 3.81 -7.02
N PHE A 54 -9.93 4.37 -7.54
CA PHE A 54 -9.69 5.82 -7.46
C PHE A 54 -10.79 6.60 -8.19
N PHE A 55 -11.30 6.04 -9.28
CA PHE A 55 -12.36 6.70 -10.05
C PHE A 55 -13.72 6.48 -9.39
N LEU A 56 -13.97 5.25 -8.94
CA LEU A 56 -15.23 4.91 -8.28
C LEU A 56 -15.42 5.70 -7.00
N LEU A 57 -14.33 5.92 -6.27
CA LEU A 57 -14.38 6.68 -5.02
C LEU A 57 -14.17 8.17 -5.29
N GLY A 58 -13.58 8.48 -6.44
CA GLY A 58 -13.32 9.86 -6.80
C GLY A 58 -14.59 10.63 -7.13
N LEU A 59 -15.55 9.97 -7.75
CA LEU A 59 -16.82 10.60 -8.11
C LEU A 59 -17.59 11.08 -6.86
N PRO A 60 -17.91 10.18 -5.90
CA PRO A 60 -18.65 10.55 -4.68
C PRO A 60 -17.82 11.44 -3.75
N PHE A 61 -16.51 11.53 -3.99
CA PHE A 61 -15.62 12.35 -3.17
C PHE A 61 -16.06 13.82 -3.16
N THR A 62 -16.85 14.22 -4.15
CA THR A 62 -17.36 15.57 -4.24
C THR A 62 -18.33 15.85 -3.09
N LEU A 63 -19.26 14.93 -2.89
CA LEU A 63 -20.26 15.04 -1.82
C LEU A 63 -19.66 14.60 -0.49
N LEU A 64 -18.58 13.84 -0.56
CA LEU A 64 -17.91 13.33 0.64
C LEU A 64 -17.10 14.44 1.31
N GLY A 65 -16.81 15.50 0.54
CA GLY A 65 -16.06 16.62 1.08
C GLY A 65 -16.85 17.41 2.10
N GLY A 66 -18.15 17.53 1.87
CA GLY A 66 -19.01 18.25 2.79
C GLY A 66 -19.32 17.43 4.02
N LEU A 67 -19.27 16.11 3.86
CA LEU A 67 -19.54 15.19 4.96
C LEU A 67 -18.36 15.12 5.92
N LEU A 68 -17.18 15.52 5.43
CA LEU A 68 -15.96 15.53 6.23
C LEU A 68 -16.08 16.50 7.41
N PHE A 69 -17.01 17.45 7.30
CA PHE A 69 -17.24 18.43 8.35
C PHE A 69 -17.88 17.77 9.58
N GLU A 70 -18.44 16.58 9.39
CA GLU A 70 -19.06 15.83 10.48
C GLU A 70 -18.08 14.82 11.07
N HIS A 71 -16.82 15.25 11.20
CA HIS A 71 -15.73 14.42 11.73
C HIS A 71 -15.30 13.36 10.72
N ARG A 72 -14.10 12.81 10.92
CA ARG A 72 -13.58 11.79 10.02
C ARG A 72 -12.86 10.69 10.80
N GLN A 73 -13.03 10.69 12.10
CA GLN A 73 -12.38 9.69 12.97
C GLN A 73 -12.97 8.30 12.75
N THR A 74 -14.27 8.24 12.51
CA THR A 74 -14.97 6.98 12.30
C THR A 74 -14.55 6.33 10.98
N LEU A 75 -14.07 7.14 10.04
CA LEU A 75 -13.64 6.63 8.75
C LEU A 75 -12.21 6.10 8.83
N ALA A 76 -11.43 6.67 9.73
CA ALA A 76 -10.04 6.25 9.92
C ALA A 76 -9.96 4.97 10.75
N ARG A 77 -10.94 4.79 11.63
CA ARG A 77 -11.01 3.60 12.49
C ARG A 77 -11.14 2.33 11.66
N VAL A 78 -11.86 2.42 10.55
CA VAL A 78 -12.07 1.27 9.67
C VAL A 78 -10.73 0.75 9.14
N GLY A 79 -9.81 1.69 8.86
CA GLY A 79 -8.50 1.30 8.37
C GLY A 79 -7.70 0.57 9.42
N GLY A 80 -7.89 0.93 10.67
CA GLY A 80 -7.18 0.28 11.76
C GLY A 80 -7.60 -1.18 11.90
N VAL A 81 -8.90 -1.43 11.83
CA VAL A 81 -9.43 -2.78 11.94
C VAL A 81 -8.90 -3.65 10.80
N VAL A 82 -8.84 -3.07 9.61
CA VAL A 82 -8.33 -3.77 8.43
C VAL A 82 -6.87 -4.14 8.61
N LEU A 83 -6.07 -3.21 9.15
CA LEU A 83 -4.65 -3.45 9.38
C LEU A 83 -4.45 -4.64 10.33
N VAL A 84 -5.29 -4.72 11.36
CA VAL A 84 -5.23 -5.82 12.32
C VAL A 84 -5.53 -7.15 11.63
N LEU A 85 -6.56 -7.14 10.78
CA LEU A 85 -6.95 -8.35 10.05
C LEU A 85 -5.86 -8.76 9.07
N PHE A 86 -5.24 -7.78 8.41
CA PHE A 86 -4.15 -8.06 7.47
C PHE A 86 -3.00 -8.74 8.20
N GLY A 87 -2.68 -8.23 9.38
CA GLY A 87 -1.62 -8.82 10.18
C GLY A 87 -1.96 -10.23 10.64
N LEU A 88 -3.23 -10.42 11.00
CA LEU A 88 -3.70 -11.73 11.46
C LEU A 88 -3.58 -12.77 10.33
N TYR A 89 -3.90 -12.36 9.11
CA TYR A 89 -3.81 -13.26 7.96
C TYR A 89 -2.36 -13.51 7.58
N MET A 90 -1.52 -12.50 7.79
CA MET A 90 -0.09 -12.62 7.49
C MET A 90 0.61 -13.50 8.53
N LEU A 91 -0.06 -13.70 9.67
CA LEU A 91 0.48 -14.54 10.76
C LEU A 91 0.55 -16.01 10.33
N GLY A 92 -0.05 -16.33 9.19
CA GLY A 92 -0.04 -17.69 8.71
C GLY A 92 -1.18 -18.54 9.25
N LEU A 93 -2.17 -17.88 9.84
CA LEU A 93 -3.31 -18.60 10.39
C LEU A 93 -4.39 -18.79 9.33
N ARG A 94 -4.76 -20.04 9.09
CA ARG A 94 -5.77 -20.36 8.10
C ARG A 94 -7.08 -20.78 8.76
N PRO A 95 -8.14 -19.97 8.63
CA PRO A 95 -9.45 -20.26 9.22
C PRO A 95 -10.06 -21.55 8.66
N ARG A 96 -10.20 -21.60 7.34
CA ARG A 96 -10.76 -22.78 6.69
C ARG A 96 -9.96 -23.13 5.45
N TRP A 97 -9.38 -24.33 5.46
CA TRP A 97 -8.57 -24.81 4.35
C TRP A 97 -9.40 -25.68 3.41
N GLY A 98 -10.66 -25.93 3.80
CA GLY A 98 -11.53 -26.75 2.99
C GLY A 98 -12.31 -25.96 1.97
N VAL A 99 -11.63 -25.06 1.26
CA VAL A 99 -12.26 -24.23 0.26
C VAL A 99 -11.83 -24.66 -1.15
N SER A 100 -10.68 -25.33 -1.24
CA SER A 100 -10.16 -25.79 -2.51
C SER A 100 -10.37 -27.28 -2.68
N LEU A 101 -9.54 -28.08 -1.99
CA LEU A 101 -9.62 -29.54 -2.06
C LEU A 101 -9.42 -30.03 -3.50
N ARG A 102 -10.51 -30.52 -4.11
CA ARG A 102 -10.48 -31.03 -5.48
C ARG A 102 -9.47 -32.16 -5.62
N TYR A 103 -8.83 -32.26 -6.78
CA TYR A 103 -7.83 -33.30 -7.01
C TYR A 103 -6.49 -32.67 -7.38
N GLU A 104 -6.48 -31.91 -8.47
CA GLU A 104 -5.26 -31.26 -8.92
C GLU A 104 -5.55 -29.81 -9.33
N GLY A 105 -4.87 -28.88 -8.69
CA GLY A 105 -5.06 -27.47 -9.00
C GLY A 105 -3.93 -26.62 -8.47
N GLU A 106 -3.89 -26.48 -7.14
CA GLU A 106 -2.84 -25.69 -6.46
C GLU A 106 -2.85 -24.23 -6.94
N THR A 107 -4.03 -23.75 -7.33
CA THR A 107 -4.19 -22.39 -7.80
C THR A 107 -4.49 -21.43 -6.65
N SER A 108 -3.63 -21.43 -5.64
CA SER A 108 -3.82 -20.57 -4.48
C SER A 108 -3.20 -19.20 -4.71
N ARG A 109 -2.41 -19.08 -5.77
CA ARG A 109 -1.75 -17.80 -6.10
C ARG A 109 -2.78 -16.69 -6.41
N PRO A 110 -3.71 -16.91 -7.39
CA PRO A 110 -4.71 -15.89 -7.73
C PRO A 110 -5.65 -15.57 -6.56
N LEU A 111 -6.02 -16.60 -5.80
CA LEU A 111 -6.90 -16.43 -4.66
C LEU A 111 -6.20 -15.69 -3.52
N GLY A 112 -4.95 -16.06 -3.28
CA GLY A 112 -4.17 -15.40 -2.23
C GLY A 112 -3.94 -13.94 -2.53
N ALA A 113 -3.64 -13.64 -3.79
CA ALA A 113 -3.40 -12.26 -4.21
C ALA A 113 -4.70 -11.46 -4.15
N PHE A 114 -5.80 -12.11 -4.49
CA PHE A 114 -7.11 -11.47 -4.48
C PHE A 114 -7.53 -11.12 -3.05
N LEU A 115 -7.33 -12.07 -2.13
CA LEU A 115 -7.70 -11.86 -0.73
C LEU A 115 -6.81 -10.79 -0.10
N LEU A 116 -5.54 -10.80 -0.44
CA LEU A 116 -4.60 -9.82 0.09
C LEU A 116 -4.95 -8.41 -0.41
N GLY A 117 -5.40 -8.34 -1.66
CA GLY A 117 -5.78 -7.07 -2.23
C GLY A 117 -7.11 -6.58 -1.69
N ALA A 118 -8.02 -7.53 -1.46
CA ALA A 118 -9.34 -7.23 -0.92
C ALA A 118 -9.24 -6.46 0.39
N THR A 119 -8.31 -6.86 1.25
CA THR A 119 -8.10 -6.19 2.53
C THR A 119 -7.64 -4.75 2.31
N LEU A 120 -6.67 -4.56 1.42
CA LEU A 120 -6.15 -3.23 1.13
C LEU A 120 -7.22 -2.34 0.49
N ALA A 121 -8.08 -2.94 -0.32
CA ALA A 121 -9.15 -2.20 -0.98
C ALA A 121 -10.25 -1.83 0.01
N LEU A 122 -10.41 -2.67 1.03
CA LEU A 122 -11.43 -2.42 2.05
C LEU A 122 -10.91 -1.43 3.10
N GLY A 123 -9.60 -1.40 3.27
CA GLY A 123 -8.99 -0.49 4.22
C GLY A 123 -8.91 0.92 3.69
N TRP A 124 -9.21 1.89 4.53
CA TRP A 124 -9.17 3.29 4.12
C TRP A 124 -7.76 3.86 4.17
N THR A 125 -6.83 3.08 4.72
CA THR A 125 -5.44 3.50 4.85
C THR A 125 -5.32 4.78 5.66
N PRO A 126 -5.25 4.65 7.00
CA PRO A 126 -5.16 5.80 7.91
C PRO A 126 -3.93 6.67 7.66
N CYS A 127 -2.94 6.12 6.95
CA CYS A 127 -1.72 6.84 6.63
C CYS A 127 -2.01 8.03 5.71
N ILE A 128 -2.85 7.81 4.71
CA ILE A 128 -3.19 8.88 3.77
C ILE A 128 -4.59 9.43 4.05
N GLY A 129 -5.20 8.96 5.13
CA GLY A 129 -6.54 9.41 5.50
C GLY A 129 -6.63 10.91 5.66
N PRO A 130 -5.98 11.49 6.68
CA PRO A 130 -6.00 12.93 6.92
C PRO A 130 -5.38 13.72 5.77
N ILE A 131 -4.36 13.13 5.13
CA ILE A 131 -3.69 13.75 4.01
C ILE A 131 -4.66 13.97 2.84
N LEU A 132 -5.53 13.00 2.60
CA LEU A 132 -6.51 13.11 1.52
C LEU A 132 -7.48 14.26 1.77
N GLY A 133 -7.72 14.56 3.04
CA GLY A 133 -8.62 15.64 3.39
C GLY A 133 -8.05 16.99 2.99
N ALA A 134 -6.73 17.09 2.99
CA ALA A 134 -6.04 18.33 2.62
C ALA A 134 -5.99 18.46 1.09
N ILE A 135 -5.82 17.32 0.43
CA ILE A 135 -5.76 17.29 -1.03
C ILE A 135 -7.11 17.66 -1.64
N LEU A 136 -8.19 17.33 -0.93
CA LEU A 136 -9.54 17.65 -1.39
C LEU A 136 -9.71 19.16 -1.60
N THR A 137 -9.22 19.94 -0.65
CA THR A 137 -9.30 21.39 -0.73
C THR A 137 -8.38 21.94 -1.81
N LEU A 138 -7.33 21.18 -2.13
CA LEU A 138 -6.37 21.58 -3.16
C LEU A 138 -6.97 21.36 -4.54
N THR A 139 -7.71 20.27 -4.69
CA THR A 139 -8.34 19.93 -5.96
C THR A 139 -9.47 20.92 -6.29
N ALA A 140 -9.93 21.64 -5.28
CA ALA A 140 -10.99 22.63 -5.46
C ALA A 140 -10.50 23.79 -6.34
N VAL A 141 -9.24 24.18 -6.13
CA VAL A 141 -8.66 25.26 -6.91
C VAL A 141 -7.74 24.73 -8.01
N GLY A 142 -7.25 23.50 -7.81
CA GLY A 142 -6.38 22.89 -8.79
C GLY A 142 -6.85 21.50 -9.17
N GLY A 143 -7.84 21.42 -10.04
CA GLY A 143 -8.36 20.13 -10.46
C GLY A 143 -8.06 19.83 -11.91
N GLY A 144 -7.36 18.73 -12.15
CA GLY A 144 -7.02 18.34 -13.51
C GLY A 144 -6.76 16.86 -13.64
N VAL A 145 -7.20 16.28 -14.74
CA VAL A 145 -7.02 14.85 -14.99
C VAL A 145 -5.54 14.50 -15.17
N GLY A 146 -4.78 15.48 -15.65
CA GLY A 146 -3.35 15.29 -15.86
C GLY A 146 -2.61 14.99 -14.57
N PHE A 147 -3.13 15.50 -13.45
CA PHE A 147 -2.51 15.28 -12.16
C PHE A 147 -2.62 13.82 -11.74
N LEU A 148 -3.85 13.29 -11.77
CA LEU A 148 -4.10 11.90 -11.41
C LEU A 148 -3.38 10.95 -12.37
N LEU A 149 -3.33 11.33 -13.65
CA LEU A 149 -2.66 10.52 -14.65
C LEU A 149 -1.15 10.47 -14.38
N ALA A 150 -0.58 11.62 -14.05
CA ALA A 150 0.84 11.71 -13.75
C ALA A 150 1.18 10.91 -12.50
N TYR A 151 0.28 10.97 -11.50
CA TYR A 151 0.49 10.23 -10.26
C TYR A 151 0.58 8.73 -10.51
N ILE A 152 -0.35 8.20 -11.30
CA ILE A 152 -0.35 6.78 -11.63
C ILE A 152 0.90 6.42 -12.43
N LEU A 153 1.23 7.24 -13.42
CA LEU A 153 2.42 7.00 -14.24
C LEU A 153 3.70 7.10 -13.41
N GLY A 154 3.68 8.02 -12.45
CA GLY A 154 4.83 8.21 -11.58
C GLY A 154 5.17 6.96 -10.79
N LEU A 155 4.15 6.27 -10.28
CA LEU A 155 4.35 5.04 -9.53
C LEU A 155 4.52 3.84 -10.47
N ALA A 156 3.93 3.94 -11.66
CA ALA A 156 4.01 2.88 -12.66
C ALA A 156 5.45 2.66 -13.12
N VAL A 157 6.21 3.75 -13.27
CA VAL A 157 7.61 3.65 -13.72
C VAL A 157 8.44 2.75 -12.78
N PRO A 158 8.53 3.06 -11.45
CA PRO A 158 9.29 2.23 -10.52
C PRO A 158 8.80 0.79 -10.49
N PHE A 159 7.48 0.61 -10.52
CA PHE A 159 6.88 -0.72 -10.50
C PHE A 159 7.36 -1.56 -11.69
N PHE A 160 7.36 -0.97 -12.87
CA PHE A 160 7.80 -1.67 -14.08
C PHE A 160 9.29 -1.99 -14.01
N VAL A 161 10.08 -1.03 -13.51
CA VAL A 161 11.52 -1.21 -13.38
C VAL A 161 11.83 -2.34 -12.40
N VAL A 162 11.16 -2.33 -11.24
CA VAL A 162 11.36 -3.36 -10.22
C VAL A 162 10.90 -4.72 -10.73
N ALA A 163 9.74 -4.75 -11.40
CA ALA A 163 9.20 -6.00 -11.95
C ALA A 163 10.14 -6.61 -12.99
N LEU A 164 10.85 -5.76 -13.73
CA LEU A 164 11.78 -6.22 -14.75
C LEU A 164 13.10 -6.66 -14.12
N PHE A 165 13.63 -5.85 -13.21
CA PHE A 165 14.89 -6.16 -12.55
C PHE A 165 14.75 -7.37 -11.62
N ALA A 166 13.51 -7.68 -11.26
CA ALA A 166 13.22 -8.82 -10.38
C ALA A 166 13.57 -10.13 -11.08
N ASP A 167 13.68 -10.09 -12.40
CA ASP A 167 14.03 -11.27 -13.19
C ASP A 167 15.38 -11.84 -12.78
N ARG A 168 16.34 -10.94 -12.52
CA ARG A 168 17.68 -11.36 -12.12
C ARG A 168 17.77 -11.52 -10.60
N ILE A 169 17.00 -10.70 -9.87
CA ILE A 169 16.98 -10.75 -8.42
C ILE A 169 16.36 -12.07 -7.92
N LYS A 170 15.41 -12.60 -8.69
CA LYS A 170 14.73 -13.84 -8.35
C LYS A 170 15.71 -15.01 -8.24
N GLY A 171 16.81 -14.92 -8.99
CA GLY A 171 17.82 -15.98 -8.97
C GLY A 171 18.59 -16.00 -7.66
N TRP A 172 18.85 -14.82 -7.12
CA TRP A 172 19.58 -14.69 -5.86
C TRP A 172 18.64 -14.78 -4.67
N LEU A 173 17.42 -14.26 -4.85
CA LEU A 173 16.40 -14.29 -3.79
C LEU A 173 16.06 -15.72 -3.37
N ARG A 174 16.32 -16.67 -4.27
CA ARG A 174 16.08 -18.08 -3.98
C ARG A 174 16.91 -18.53 -2.77
N ARG A 175 18.21 -18.28 -2.85
CA ARG A 175 19.12 -18.63 -1.76
C ARG A 175 19.03 -17.60 -0.63
N ALA A 176 18.74 -16.34 -1.01
CA ALA A 176 18.61 -15.27 -0.02
C ALA A 176 17.45 -15.55 0.93
N GLY A 177 16.34 -16.07 0.37
CA GLY A 177 15.17 -16.43 1.15
C GLY A 177 15.49 -17.15 2.46
N ARG A 178 16.58 -17.93 2.46
CA ARG A 178 17.00 -18.66 3.65
C ARG A 178 17.31 -17.68 4.79
N ILE A 179 18.23 -16.75 4.52
CA ILE A 179 18.63 -15.75 5.50
C ILE A 179 17.55 -14.67 5.65
N SER A 180 16.79 -14.45 4.59
CA SER A 180 15.72 -13.45 4.60
C SER A 180 14.55 -13.89 5.47
N HIS A 181 14.49 -15.18 5.79
CA HIS A 181 13.41 -15.72 6.63
C HIS A 181 13.31 -14.99 7.97
N TYR A 182 14.47 -14.62 8.53
CA TYR A 182 14.51 -13.92 9.80
C TYR A 182 14.05 -12.47 9.64
N VAL A 183 14.20 -11.96 8.43
CA VAL A 183 13.79 -10.58 8.12
C VAL A 183 12.29 -10.52 7.85
N GLU A 184 11.71 -11.67 7.49
CA GLU A 184 10.29 -11.76 7.21
C GLU A 184 9.48 -11.59 8.49
N VAL A 185 9.93 -12.25 9.55
CA VAL A 185 9.25 -12.18 10.83
C VAL A 185 9.42 -10.80 11.46
N LEU A 186 10.64 -10.24 11.35
CA LEU A 186 10.92 -8.92 11.90
C LEU A 186 10.03 -7.86 11.28
N ALA A 187 9.93 -7.86 9.95
CA ALA A 187 9.09 -6.91 9.25
C ALA A 187 7.62 -7.10 9.62
N GLY A 188 7.22 -8.36 9.75
CA GLY A 188 5.85 -8.67 10.11
C GLY A 188 5.49 -8.15 11.49
N VAL A 189 6.38 -8.36 12.45
CA VAL A 189 6.18 -7.90 13.81
C VAL A 189 6.04 -6.37 13.86
N VAL A 190 6.95 -5.68 13.17
CA VAL A 190 6.92 -4.23 13.13
C VAL A 190 5.63 -3.72 12.49
N LEU A 191 5.23 -4.35 11.39
CA LEU A 191 4.01 -3.97 10.68
C LEU A 191 2.80 -4.03 11.61
N VAL A 192 2.68 -5.13 12.36
CA VAL A 192 1.58 -5.31 13.29
C VAL A 192 1.69 -4.30 14.44
N LEU A 193 2.90 -4.12 14.94
CA LEU A 193 3.16 -3.18 16.04
C LEU A 193 2.72 -1.77 15.66
N VAL A 194 3.04 -1.36 14.43
CA VAL A 194 2.67 -0.04 13.94
C VAL A 194 1.15 0.10 13.91
N GLY A 195 0.47 -0.94 13.44
CA GLY A 195 -0.98 -0.92 13.38
C GLY A 195 -1.60 -0.80 14.76
N VAL A 196 -1.03 -1.52 15.73
CA VAL A 196 -1.52 -1.49 17.09
C VAL A 196 -1.26 -0.13 17.74
N LEU A 197 -0.05 0.42 17.51
CA LEU A 197 0.33 1.72 18.06
C LEU A 197 -0.55 2.83 17.49
N LEU A 198 -1.09 2.62 16.30
CA LEU A 198 -1.96 3.61 15.67
C LEU A 198 -3.38 3.49 16.22
N PHE A 199 -3.86 2.26 16.35
CA PHE A 199 -5.21 2.01 16.85
C PHE A 199 -5.35 2.30 18.33
N THR A 200 -4.41 1.78 19.14
CA THR A 200 -4.45 2.01 20.58
C THR A 200 -3.81 3.34 20.96
N GLY A 201 -3.17 3.98 19.99
CA GLY A 201 -2.53 5.25 20.22
C GLY A 201 -3.48 6.42 20.03
N THR A 202 -4.13 6.47 18.86
CA THR A 202 -5.09 7.53 18.52
C THR A 202 -4.48 8.92 18.73
N PHE A 203 -3.26 9.11 18.25
CA PHE A 203 -2.58 10.39 18.39
C PHE A 203 -1.61 10.62 17.24
N THR A 204 -0.85 11.70 17.34
CA THR A 204 0.13 12.05 16.31
C THR A 204 1.46 11.32 16.51
N ALA A 205 1.45 10.34 17.43
CA ALA A 205 2.65 9.56 17.72
C ALA A 205 3.17 8.85 16.47
N LEU A 206 2.24 8.45 15.60
CA LEU A 206 2.60 7.78 14.36
C LEU A 206 3.11 8.76 13.33
N ASN A 207 2.51 9.96 13.29
CA ASN A 207 2.91 11.00 12.34
C ASN A 207 4.28 11.56 12.70
N THR A 208 4.54 11.65 14.01
CA THR A 208 5.82 12.16 14.49
C THR A 208 6.94 11.16 14.18
N PHE A 209 6.61 9.87 14.24
CA PHE A 209 7.58 8.82 13.95
C PHE A 209 7.91 8.77 12.47
N PHE A 210 6.94 9.15 11.63
CA PHE A 210 7.13 9.14 10.19
C PHE A 210 8.12 10.21 9.75
N LEU A 211 8.29 11.23 10.59
CA LEU A 211 9.22 12.31 10.29
C LEU A 211 10.62 11.96 10.78
N ARG A 212 10.73 10.88 11.56
CA ARG A 212 12.01 10.44 12.09
C ARG A 212 12.67 9.43 11.17
N ILE A 213 11.89 8.90 10.23
CA ILE A 213 12.41 7.91 9.28
C ILE A 213 12.68 8.55 7.92
N THR A 214 12.30 9.81 7.77
CA THR A 214 12.52 10.53 6.53
C THR A 214 13.90 11.18 6.52
N PRO A 215 14.78 10.79 5.58
CA PRO A 215 16.12 11.35 5.48
C PRO A 215 16.13 12.81 5.00
N GLU A 216 17.11 13.58 5.46
CA GLU A 216 17.23 14.99 5.08
C GLU A 216 17.47 15.14 3.57
N TRP A 217 17.98 14.08 2.96
CA TRP A 217 18.25 14.10 1.53
C TRP A 217 16.97 14.19 0.71
N LEU A 218 15.83 13.87 1.32
CA LEU A 218 14.56 13.95 0.63
C LEU A 218 14.11 15.40 0.50
N GLN A 219 14.62 16.24 1.38
CA GLN A 219 14.28 17.67 1.38
C GLN A 219 15.16 18.41 0.38
N ARG A 220 16.38 17.91 0.19
CA ARG A 220 17.32 18.51 -0.75
C ARG A 220 17.13 17.95 -2.15
N TYR A 221 16.20 17.01 -2.29
CA TYR A 221 15.92 16.40 -3.59
C TYR A 221 14.76 17.11 -4.27
N LEU A 222 14.26 18.15 -3.63
CA LEU A 222 13.16 18.93 -4.17
C LEU A 222 13.69 20.12 -4.96
N PRO A 223 13.21 20.31 -6.20
CA PRO A 223 13.64 21.42 -7.07
C PRO A 223 13.46 22.78 -6.41
N SER A 224 12.29 22.99 -5.81
CA SER A 224 12.00 24.25 -5.14
C SER A 224 12.59 24.27 -3.74
N MET A 1 6.61 26.53 -15.85
CA MET A 1 7.43 25.38 -15.40
C MET A 1 6.56 24.29 -14.80
N SER A 2 6.02 23.43 -15.65
CA SER A 2 5.16 22.33 -15.21
C SER A 2 5.98 21.19 -14.60
N LEU A 3 6.51 21.42 -13.40
CA LEU A 3 7.30 20.42 -12.71
C LEU A 3 6.43 19.52 -11.83
N SER A 4 5.34 19.02 -12.40
CA SER A 4 4.42 18.16 -11.68
C SER A 4 4.99 16.75 -11.53
N LEU A 5 5.94 16.40 -12.40
CA LEU A 5 6.58 15.10 -12.37
C LEU A 5 7.39 14.93 -11.08
N THR A 6 8.06 16.01 -10.67
CA THR A 6 8.88 15.98 -9.46
C THR A 6 8.00 15.73 -8.23
N ALA A 7 6.78 16.26 -8.26
CA ALA A 7 5.83 16.09 -7.17
C ALA A 7 5.42 14.63 -7.04
N ALA A 8 5.02 14.03 -8.16
CA ALA A 8 4.60 12.63 -8.19
C ALA A 8 5.78 11.70 -7.92
N PHE A 9 6.98 12.17 -8.23
CA PHE A 9 8.19 11.38 -8.03
C PHE A 9 8.54 11.33 -6.54
N LEU A 10 8.58 12.49 -5.90
CA LEU A 10 8.88 12.57 -4.47
C LEU A 10 7.79 11.88 -3.66
N ALA A 11 6.55 11.98 -4.14
CA ALA A 11 5.42 11.34 -3.48
C ALA A 11 5.57 9.82 -3.49
N GLY A 12 5.97 9.29 -4.64
CA GLY A 12 6.19 7.85 -4.76
C GLY A 12 7.29 7.37 -3.85
N VAL A 13 8.38 8.13 -3.80
CA VAL A 13 9.52 7.77 -2.94
C VAL A 13 9.10 7.84 -1.47
N LEU A 14 8.34 8.88 -1.13
CA LEU A 14 7.86 9.05 0.25
C LEU A 14 6.95 7.89 0.65
N SER A 15 6.10 7.46 -0.27
CA SER A 15 5.18 6.34 -0.01
C SER A 15 5.95 5.04 0.21
N PHE A 16 7.04 4.87 -0.52
CA PHE A 16 7.87 3.67 -0.40
C PHE A 16 8.68 3.70 0.90
N LEU A 17 9.04 4.90 1.34
CA LEU A 17 9.80 5.07 2.57
C LEU A 17 8.88 5.06 3.79
N SER A 18 7.58 5.23 3.55
CA SER A 18 6.59 5.25 4.62
C SER A 18 6.57 3.92 5.37
N PRO A 19 6.29 3.95 6.70
CA PRO A 19 6.25 2.73 7.53
C PRO A 19 5.25 1.69 7.03
N CYS A 20 4.29 2.15 6.24
CA CYS A 20 3.26 1.26 5.69
C CYS A 20 3.81 0.42 4.56
N VAL A 21 4.66 1.03 3.72
CA VAL A 21 5.24 0.35 2.55
C VAL A 21 4.12 -0.20 1.66
N LEU A 22 4.43 -1.23 0.88
CA LEU A 22 3.45 -1.86 -0.02
C LEU A 22 4.03 -3.12 -0.68
N PRO A 23 5.18 -3.01 -1.42
CA PRO A 23 5.79 -4.17 -2.10
C PRO A 23 6.23 -5.29 -1.14
N LEU A 24 6.28 -4.98 0.15
CA LEU A 24 6.68 -5.95 1.17
C LEU A 24 5.81 -7.21 1.13
N VAL A 25 4.50 -7.03 1.06
CA VAL A 25 3.57 -8.14 1.01
C VAL A 25 3.68 -8.96 -0.30
N PRO A 26 3.55 -8.33 -1.49
CA PRO A 26 3.67 -9.03 -2.77
C PRO A 26 4.94 -9.88 -2.89
N THR A 27 6.08 -9.32 -2.47
CA THR A 27 7.35 -10.03 -2.54
C THR A 27 7.35 -11.27 -1.64
N TYR A 28 6.72 -11.16 -0.48
CA TYR A 28 6.65 -12.27 0.46
C TYR A 28 5.67 -13.33 -0.03
N LEU A 29 4.58 -12.90 -0.68
CA LEU A 29 3.59 -13.82 -1.21
C LEU A 29 4.16 -14.57 -2.42
N PHE A 30 5.04 -13.89 -3.15
CA PHE A 30 5.69 -14.50 -4.31
C PHE A 30 6.50 -15.72 -3.88
N TYR A 31 7.28 -15.56 -2.81
CA TYR A 31 8.09 -16.65 -2.28
C TYR A 31 7.19 -17.77 -1.76
N LEU A 32 6.04 -17.40 -1.19
CA LEU A 32 5.10 -18.37 -0.65
C LEU A 32 4.46 -19.17 -1.79
N GLY A 33 4.19 -18.51 -2.90
CA GLY A 33 3.60 -19.18 -4.05
C GLY A 33 4.61 -20.03 -4.78
N GLY A 34 5.87 -19.59 -4.79
CA GLY A 34 6.92 -20.33 -5.46
C GLY A 34 6.80 -20.27 -6.98
N ALA A 35 6.29 -19.16 -7.48
CA ALA A 35 6.12 -18.98 -8.92
C ALA A 35 6.63 -17.62 -9.36
N ARG A 36 7.44 -17.59 -10.41
CA ARG A 36 7.97 -16.34 -10.93
C ARG A 36 7.02 -15.73 -11.96
N GLY A 37 5.86 -15.29 -11.49
CA GLY A 37 4.89 -14.68 -12.38
C GLY A 37 5.29 -13.27 -12.78
N ARG A 38 4.87 -12.84 -13.97
CA ARG A 38 5.20 -11.52 -14.47
C ARG A 38 4.47 -10.44 -13.68
N PRO A 39 5.22 -9.58 -12.95
CA PRO A 39 4.63 -8.49 -12.13
C PRO A 39 3.84 -7.49 -12.97
N LEU A 40 4.12 -7.46 -14.27
CA LEU A 40 3.45 -6.54 -15.19
C LEU A 40 1.95 -6.83 -15.25
N PHE A 41 1.57 -8.10 -15.12
CA PHE A 41 0.16 -8.48 -15.15
C PHE A 41 -0.54 -7.99 -13.90
N ASN A 42 0.12 -8.13 -12.75
CA ASN A 42 -0.43 -7.68 -11.48
C ASN A 42 -0.54 -6.16 -11.46
N ALA A 43 0.49 -5.49 -11.97
CA ALA A 43 0.52 -4.03 -12.03
C ALA A 43 -0.58 -3.50 -12.93
N LEU A 44 -0.74 -4.12 -14.10
CA LEU A 44 -1.77 -3.71 -15.06
C LEU A 44 -3.17 -3.83 -14.44
N PHE A 45 -3.43 -4.95 -13.79
CA PHE A 45 -4.72 -5.18 -13.15
C PHE A 45 -4.96 -4.15 -12.04
N PHE A 46 -3.92 -3.83 -11.30
CA PHE A 46 -4.02 -2.86 -10.20
C PHE A 46 -4.28 -1.46 -10.75
N ILE A 47 -3.62 -1.11 -11.86
CA ILE A 47 -3.81 0.20 -12.49
C ILE A 47 -5.27 0.37 -12.93
N LEU A 48 -5.81 -0.67 -13.57
CA LEU A 48 -7.18 -0.64 -14.04
C LEU A 48 -8.15 -0.61 -12.87
N GLY A 49 -7.91 -1.50 -11.90
CA GLY A 49 -8.75 -1.56 -10.71
C GLY A 49 -8.80 -0.26 -9.94
N PHE A 50 -7.64 0.31 -9.66
CA PHE A 50 -7.57 1.58 -8.93
C PHE A 50 -8.12 2.73 -9.77
N GLY A 51 -7.89 2.66 -11.08
CA GLY A 51 -8.38 3.69 -11.97
C GLY A 51 -9.89 3.78 -11.93
N ALA A 52 -10.55 2.62 -12.04
CA ALA A 52 -12.00 2.56 -11.98
C ALA A 52 -12.52 3.08 -10.65
N VAL A 53 -11.89 2.63 -9.56
CA VAL A 53 -12.28 3.05 -8.21
C VAL A 53 -12.11 4.56 -8.03
N PHE A 54 -11.00 5.09 -8.51
CA PHE A 54 -10.73 6.52 -8.39
C PHE A 54 -11.74 7.35 -9.16
N PHE A 55 -12.15 6.86 -10.33
CA PHE A 55 -13.14 7.58 -11.13
C PHE A 55 -14.54 7.43 -10.53
N LEU A 56 -14.85 6.23 -10.05
CA LEU A 56 -16.15 5.96 -9.42
C LEU A 56 -16.31 6.79 -8.16
N LEU A 57 -15.19 7.11 -7.51
CA LEU A 57 -15.21 7.92 -6.30
C LEU A 57 -15.11 9.40 -6.66
N GLY A 58 -14.62 9.68 -7.86
CA GLY A 58 -14.49 11.06 -8.32
C GLY A 58 -15.84 11.69 -8.62
N LEU A 59 -16.76 10.88 -9.13
CA LEU A 59 -18.11 11.36 -9.46
C LEU A 59 -18.83 11.90 -8.21
N PRO A 60 -18.98 11.09 -7.13
CA PRO A 60 -19.66 11.54 -5.90
C PRO A 60 -18.83 12.55 -5.09
N PHE A 61 -17.55 12.67 -5.44
CA PHE A 61 -16.65 13.60 -4.73
C PHE A 61 -17.20 15.03 -4.77
N THR A 62 -17.90 15.37 -5.84
CA THR A 62 -18.49 16.69 -5.98
C THR A 62 -19.51 16.95 -4.87
N LEU A 63 -20.29 15.93 -4.53
CA LEU A 63 -21.28 16.03 -3.48
C LEU A 63 -20.68 15.67 -2.12
N LEU A 64 -19.55 14.97 -2.15
CA LEU A 64 -18.85 14.57 -0.93
C LEU A 64 -18.27 15.78 -0.21
N GLY A 65 -18.16 16.89 -0.92
CA GLY A 65 -17.63 18.12 -0.32
C GLY A 65 -18.49 18.57 0.85
N GLY A 66 -19.78 18.27 0.78
CA GLY A 66 -20.68 18.63 1.86
C GLY A 66 -20.54 17.70 3.05
N LEU A 67 -20.02 16.51 2.80
CA LEU A 67 -19.80 15.52 3.84
C LEU A 67 -18.62 15.91 4.72
N LEU A 68 -17.76 16.80 4.19
CA LEU A 68 -16.59 17.27 4.92
C LEU A 68 -17.00 17.96 6.23
N PHE A 69 -18.23 18.43 6.28
CA PHE A 69 -18.75 19.09 7.49
C PHE A 69 -19.08 18.06 8.57
N GLU A 70 -19.58 16.90 8.14
CA GLU A 70 -19.92 15.81 9.05
C GLU A 70 -19.15 14.56 8.67
N HIS A 71 -17.84 14.58 8.92
CA HIS A 71 -16.98 13.45 8.60
C HIS A 71 -17.39 12.19 9.38
N ARG A 72 -17.62 11.10 8.66
CA ARG A 72 -18.03 9.86 9.27
C ARG A 72 -16.85 9.12 9.88
N GLN A 73 -16.72 9.23 11.20
CA GLN A 73 -15.63 8.57 11.93
C GLN A 73 -15.82 7.06 11.93
N THR A 74 -17.04 6.62 11.66
CA THR A 74 -17.36 5.20 11.62
C THR A 74 -16.55 4.48 10.56
N LEU A 75 -16.18 5.21 9.51
CA LEU A 75 -15.39 4.65 8.41
C LEU A 75 -13.99 4.30 8.89
N ALA A 76 -13.50 5.04 9.87
CA ALA A 76 -12.17 4.80 10.43
C ALA A 76 -12.17 3.55 11.31
N ARG A 77 -13.31 3.30 11.95
CA ARG A 77 -13.44 2.13 12.81
C ARG A 77 -13.41 0.85 11.98
N VAL A 78 -14.05 0.88 10.81
CA VAL A 78 -14.07 -0.27 9.90
C VAL A 78 -12.66 -0.65 9.49
N GLY A 79 -11.82 0.35 9.24
CA GLY A 79 -10.45 0.11 8.85
C GLY A 79 -9.68 -0.59 9.95
N GLY A 80 -9.93 -0.19 11.19
CA GLY A 80 -9.25 -0.80 12.33
C GLY A 80 -9.64 -2.26 12.47
N VAL A 81 -10.93 -2.55 12.32
CA VAL A 81 -11.45 -3.91 12.41
C VAL A 81 -10.76 -4.82 11.37
N VAL A 82 -10.64 -4.31 10.15
CA VAL A 82 -9.99 -5.07 9.08
C VAL A 82 -8.51 -5.29 9.40
N LEU A 83 -7.86 -4.25 9.93
CA LEU A 83 -6.44 -4.33 10.28
C LEU A 83 -6.21 -5.43 11.33
N VAL A 84 -7.09 -5.49 12.32
CA VAL A 84 -6.99 -6.51 13.37
C VAL A 84 -7.12 -7.90 12.77
N LEU A 85 -8.12 -8.09 11.90
CA LEU A 85 -8.33 -9.37 11.24
C LEU A 85 -7.12 -9.77 10.41
N PHE A 86 -6.53 -8.79 9.71
CA PHE A 86 -5.34 -9.05 8.90
C PHE A 86 -4.17 -9.45 9.78
N GLY A 87 -3.98 -8.71 10.88
CA GLY A 87 -2.88 -9.01 11.80
C GLY A 87 -3.03 -10.38 12.41
N LEU A 88 -4.26 -10.76 12.74
CA LEU A 88 -4.55 -12.07 13.33
C LEU A 88 -4.17 -13.19 12.36
N TYR A 89 -4.50 -13.00 11.09
CA TYR A 89 -4.18 -13.99 10.06
C TYR A 89 -2.69 -14.00 9.74
N MET A 90 -2.05 -12.83 9.85
CA MET A 90 -0.61 -12.72 9.60
C MET A 90 0.20 -13.44 10.66
N LEU A 91 -0.37 -13.53 11.88
CA LEU A 91 0.28 -14.21 13.00
C LEU A 91 0.38 -15.72 12.74
N GLY A 92 -0.46 -16.23 11.84
CA GLY A 92 -0.45 -17.65 11.53
C GLY A 92 -1.19 -18.51 12.54
N LEU A 93 -1.79 -17.87 13.54
CA LEU A 93 -2.51 -18.59 14.58
C LEU A 93 -4.01 -18.61 14.29
N ARG A 94 -4.71 -19.56 14.91
CA ARG A 94 -6.15 -19.67 14.71
C ARG A 94 -6.90 -18.99 15.87
N PRO A 95 -7.71 -17.96 15.57
CA PRO A 95 -8.47 -17.24 16.59
C PRO A 95 -9.61 -18.07 17.19
N ARG A 96 -10.67 -18.29 16.42
CA ARG A 96 -11.80 -19.06 16.88
C ARG A 96 -12.25 -20.05 15.81
N TRP A 97 -13.31 -20.80 16.10
CA TRP A 97 -13.84 -21.81 15.19
C TRP A 97 -14.82 -21.19 14.19
N GLY A 98 -14.28 -20.49 13.19
CA GLY A 98 -15.12 -19.86 12.18
C GLY A 98 -15.22 -20.70 10.92
N VAL A 99 -15.69 -21.94 11.07
CA VAL A 99 -15.83 -22.85 9.94
C VAL A 99 -17.25 -22.81 9.34
N SER A 100 -17.80 -21.60 9.25
CA SER A 100 -19.15 -21.42 8.69
C SER A 100 -19.09 -20.94 7.24
N LEU A 101 -17.88 -20.84 6.70
CA LEU A 101 -17.69 -20.40 5.33
C LEU A 101 -17.28 -21.57 4.44
N ARG A 102 -17.89 -21.65 3.26
CA ARG A 102 -17.57 -22.73 2.33
C ARG A 102 -16.42 -22.33 1.41
N TYR A 103 -15.37 -23.15 1.41
CA TYR A 103 -14.21 -22.87 0.58
C TYR A 103 -14.04 -23.96 -0.48
N GLU A 104 -13.83 -23.53 -1.72
CA GLU A 104 -13.66 -24.46 -2.83
C GLU A 104 -12.57 -23.96 -3.78
N GLY A 105 -11.96 -24.89 -4.51
CA GLY A 105 -10.91 -24.52 -5.45
C GLY A 105 -9.56 -25.07 -5.05
N GLU A 106 -8.67 -25.24 -6.02
CA GLU A 106 -7.33 -25.77 -5.77
C GLU A 106 -6.27 -24.69 -5.99
N THR A 107 -6.67 -23.60 -6.62
CA THR A 107 -5.75 -22.50 -6.91
C THR A 107 -5.78 -21.46 -5.80
N SER A 108 -5.60 -21.90 -4.55
CA SER A 108 -5.63 -21.01 -3.41
C SER A 108 -4.32 -20.21 -3.29
N ARG A 109 -3.26 -20.71 -3.91
CA ARG A 109 -1.96 -20.04 -3.86
C ARG A 109 -1.97 -18.73 -4.65
N PRO A 110 -2.30 -18.74 -5.97
CA PRO A 110 -2.33 -17.52 -6.79
C PRO A 110 -3.40 -16.53 -6.31
N LEU A 111 -4.51 -17.06 -5.80
CA LEU A 111 -5.60 -16.22 -5.31
C LEU A 111 -5.25 -15.61 -3.96
N GLY A 112 -4.31 -16.23 -3.25
CA GLY A 112 -3.88 -15.72 -1.97
C GLY A 112 -3.21 -14.37 -2.09
N ALA A 113 -2.46 -14.18 -3.17
CA ALA A 113 -1.76 -12.93 -3.42
C ALA A 113 -2.75 -11.83 -3.75
N PHE A 114 -3.85 -12.19 -4.39
CA PHE A 114 -4.88 -11.22 -4.77
C PHE A 114 -5.79 -10.92 -3.59
N LEU A 115 -6.13 -11.96 -2.81
CA LEU A 115 -6.99 -11.78 -1.64
C LEU A 115 -6.27 -10.95 -0.57
N LEU A 116 -5.02 -11.30 -0.28
CA LEU A 116 -4.24 -10.56 0.71
C LEU A 116 -3.98 -9.15 0.21
N GLY A 117 -3.87 -9.00 -1.11
CA GLY A 117 -3.65 -7.69 -1.70
C GLY A 117 -4.88 -6.82 -1.60
N ALA A 118 -6.05 -7.40 -1.89
CA ALA A 118 -7.32 -6.69 -1.81
C ALA A 118 -7.61 -6.25 -0.37
N THR A 119 -7.42 -7.18 0.57
CA THR A 119 -7.66 -6.89 1.98
C THR A 119 -6.69 -5.82 2.48
N LEU A 120 -5.43 -5.92 2.06
CA LEU A 120 -4.41 -4.95 2.44
C LEU A 120 -4.72 -3.58 1.86
N ALA A 121 -5.28 -3.56 0.65
CA ALA A 121 -5.64 -2.31 -0.02
C ALA A 121 -6.73 -1.58 0.74
N LEU A 122 -7.69 -2.35 1.26
CA LEU A 122 -8.80 -1.77 2.02
C LEU A 122 -8.35 -1.42 3.43
N GLY A 123 -7.16 -1.86 3.80
CA GLY A 123 -6.62 -1.56 5.12
C GLY A 123 -5.49 -0.56 5.05
N TRP A 124 -5.17 -0.11 3.84
CA TRP A 124 -4.10 0.85 3.65
C TRP A 124 -4.64 2.26 3.60
N THR A 125 -5.97 2.37 3.62
CA THR A 125 -6.64 3.67 3.61
C THR A 125 -6.23 4.53 4.81
N PRO A 126 -6.28 3.99 6.06
CA PRO A 126 -5.88 4.76 7.25
C PRO A 126 -4.41 5.19 7.18
N CYS A 127 -3.62 4.45 6.42
CA CYS A 127 -2.20 4.75 6.27
C CYS A 127 -1.99 6.02 5.45
N ILE A 128 -2.78 6.19 4.40
CA ILE A 128 -2.67 7.36 3.54
C ILE A 128 -3.69 8.42 3.95
N GLY A 129 -4.41 8.15 5.05
CA GLY A 129 -5.41 9.07 5.55
C GLY A 129 -4.85 10.46 5.87
N PRO A 130 -3.84 10.56 6.76
CA PRO A 130 -3.23 11.84 7.13
C PRO A 130 -2.61 12.55 5.92
N ILE A 131 -2.23 11.76 4.91
CA ILE A 131 -1.63 12.30 3.70
C ILE A 131 -2.70 12.85 2.75
N LEU A 132 -3.87 12.20 2.72
CA LEU A 132 -4.97 12.64 1.86
C LEU A 132 -5.45 14.04 2.24
N GLY A 133 -5.21 14.42 3.49
CA GLY A 133 -5.60 15.74 3.95
C GLY A 133 -4.87 16.86 3.21
N ALA A 134 -3.62 16.59 2.86
CA ALA A 134 -2.80 17.56 2.12
C ALA A 134 -3.12 17.50 0.63
N ILE A 135 -3.66 16.38 0.19
CA ILE A 135 -4.02 16.20 -1.21
C ILE A 135 -5.36 16.87 -1.49
N LEU A 136 -6.25 16.87 -0.50
CA LEU A 136 -7.57 17.48 -0.64
C LEU A 136 -7.46 19.00 -0.77
N THR A 137 -6.41 19.58 -0.19
CA THR A 137 -6.20 21.02 -0.26
C THR A 137 -5.78 21.43 -1.67
N LEU A 138 -5.30 20.47 -2.45
CA LEU A 138 -4.87 20.72 -3.82
C LEU A 138 -6.06 20.75 -4.76
N THR A 139 -7.19 20.21 -4.32
CA THR A 139 -8.40 20.20 -5.14
C THR A 139 -9.14 21.52 -5.00
N ALA A 140 -8.81 22.29 -3.95
CA ALA A 140 -9.45 23.58 -3.71
C ALA A 140 -8.80 24.67 -4.55
N VAL A 141 -7.55 24.44 -4.97
CA VAL A 141 -6.83 25.41 -5.79
C VAL A 141 -6.88 25.04 -7.27
N GLY A 142 -7.62 23.97 -7.58
CA GLY A 142 -7.73 23.53 -8.96
C GLY A 142 -7.90 22.03 -9.09
N GLY A 143 -9.14 21.58 -9.24
CA GLY A 143 -9.41 20.17 -9.37
C GLY A 143 -9.20 19.65 -10.79
N GLY A 144 -7.94 19.40 -11.14
CA GLY A 144 -7.62 18.91 -12.47
C GLY A 144 -7.39 17.42 -12.50
N VAL A 145 -7.84 16.76 -13.57
CA VAL A 145 -7.67 15.32 -13.73
C VAL A 145 -6.24 14.95 -14.08
N GLY A 146 -5.48 15.95 -14.57
CA GLY A 146 -4.10 15.72 -14.94
C GLY A 146 -3.22 15.37 -13.75
N PHE A 147 -3.59 15.88 -12.57
CA PHE A 147 -2.83 15.61 -11.35
C PHE A 147 -2.95 14.14 -10.98
N LEU A 148 -4.17 13.61 -11.06
CA LEU A 148 -4.42 12.20 -10.74
C LEU A 148 -3.65 11.29 -11.69
N LEU A 149 -3.66 11.63 -12.98
CA LEU A 149 -2.94 10.85 -13.98
C LEU A 149 -1.44 10.91 -13.77
N ALA A 150 -0.94 12.11 -13.45
CA ALA A 150 0.48 12.31 -13.21
C ALA A 150 0.93 11.52 -11.99
N TYR A 151 0.06 11.46 -10.97
CA TYR A 151 0.36 10.71 -9.75
C TYR A 151 0.57 9.23 -10.05
N ILE A 152 -0.36 8.65 -10.82
CA ILE A 152 -0.27 7.24 -11.19
C ILE A 152 0.97 6.98 -12.03
N LEU A 153 1.22 7.84 -13.02
CA LEU A 153 2.39 7.70 -13.89
C LEU A 153 3.68 7.86 -13.10
N GLY A 154 3.67 8.81 -12.15
CA GLY A 154 4.84 9.05 -11.32
C GLY A 154 5.26 7.84 -10.54
N LEU A 155 4.28 7.11 -9.97
CA LEU A 155 4.57 5.90 -9.21
C LEU A 155 4.79 4.70 -10.13
N ALA A 156 4.20 4.77 -11.34
CA ALA A 156 4.34 3.71 -12.33
C ALA A 156 5.80 3.53 -12.77
N VAL A 157 6.51 4.65 -12.91
CA VAL A 157 7.91 4.61 -13.34
C VAL A 157 8.78 3.75 -12.38
N PRO A 158 8.82 4.06 -11.06
CA PRO A 158 9.61 3.27 -10.10
C PRO A 158 9.14 1.82 -10.03
N PHE A 159 7.83 1.60 -10.17
CA PHE A 159 7.27 0.26 -10.13
C PHE A 159 7.82 -0.60 -11.25
N PHE A 160 7.92 -0.03 -12.45
CA PHE A 160 8.45 -0.77 -13.60
C PHE A 160 9.93 -1.09 -13.38
N VAL A 161 10.65 -0.15 -12.78
CA VAL A 161 12.09 -0.33 -12.51
C VAL A 161 12.31 -1.54 -11.58
N VAL A 162 11.58 -1.57 -10.47
CA VAL A 162 11.72 -2.66 -9.52
C VAL A 162 11.12 -3.97 -10.06
N ALA A 163 10.01 -3.86 -10.79
CA ALA A 163 9.35 -5.03 -11.37
C ALA A 163 10.28 -5.82 -12.28
N LEU A 164 11.14 -5.11 -13.00
CA LEU A 164 12.08 -5.76 -13.91
C LEU A 164 13.29 -6.31 -13.15
N PHE A 165 13.84 -5.50 -12.24
CA PHE A 165 15.00 -5.90 -11.45
C PHE A 165 14.68 -7.07 -10.51
N ALA A 166 13.54 -7.00 -9.84
CA ALA A 166 13.13 -8.05 -8.92
C ALA A 166 12.72 -9.32 -9.66
N ASP A 167 12.41 -9.17 -10.94
CA ASP A 167 12.00 -10.30 -11.76
C ASP A 167 13.19 -11.16 -12.16
N ARG A 168 14.29 -10.51 -12.50
CA ARG A 168 15.51 -11.20 -12.90
C ARG A 168 16.15 -11.94 -11.73
N ILE A 169 16.21 -11.26 -10.58
CA ILE A 169 16.80 -11.85 -9.39
C ILE A 169 15.88 -12.88 -8.72
N LYS A 170 14.59 -12.83 -9.04
CA LYS A 170 13.61 -13.75 -8.48
C LYS A 170 13.94 -15.20 -8.81
N GLY A 171 14.51 -15.41 -9.99
CA GLY A 171 14.86 -16.75 -10.41
C GLY A 171 15.92 -17.38 -9.52
N TRP A 172 16.88 -16.58 -9.09
CA TRP A 172 17.95 -17.06 -8.23
C TRP A 172 17.56 -17.01 -6.76
N LEU A 173 16.84 -15.95 -6.38
CA LEU A 173 16.40 -15.76 -5.00
C LEU A 173 15.40 -16.83 -4.59
N ARG A 174 14.83 -17.54 -5.56
CA ARG A 174 13.87 -18.61 -5.27
C ARG A 174 14.51 -19.68 -4.40
N ARG A 175 15.68 -20.19 -4.82
CA ARG A 175 16.38 -21.21 -4.07
C ARG A 175 17.43 -20.61 -3.13
N ALA A 176 17.99 -19.47 -3.52
CA ALA A 176 19.01 -18.80 -2.70
C ALA A 176 18.39 -17.90 -1.64
N GLY A 177 17.07 -17.94 -1.53
CA GLY A 177 16.37 -17.12 -0.56
C GLY A 177 16.36 -17.72 0.84
N ARG A 178 17.44 -18.41 1.18
CA ARG A 178 17.56 -19.03 2.50
C ARG A 178 17.99 -18.01 3.54
N ILE A 179 18.88 -17.10 3.15
CA ILE A 179 19.38 -16.07 4.05
C ILE A 179 18.31 -15.00 4.29
N SER A 180 17.46 -14.78 3.29
CA SER A 180 16.40 -13.79 3.38
C SER A 180 15.34 -14.19 4.41
N HIS A 181 15.34 -15.47 4.79
CA HIS A 181 14.41 -15.99 5.77
C HIS A 181 14.58 -15.30 7.13
N TYR A 182 15.82 -15.02 7.50
CA TYR A 182 16.11 -14.36 8.77
C TYR A 182 15.79 -12.87 8.68
N VAL A 183 15.88 -12.34 7.47
CA VAL A 183 15.59 -10.93 7.22
C VAL A 183 14.08 -10.68 7.23
N GLU A 184 13.31 -11.75 7.07
CA GLU A 184 11.86 -11.66 7.05
C GLU A 184 11.30 -11.64 8.47
N VAL A 185 12.03 -12.26 9.39
CA VAL A 185 11.61 -12.32 10.79
C VAL A 185 11.56 -10.92 11.38
N LEU A 186 12.61 -10.14 11.17
CA LEU A 186 12.69 -8.78 11.69
C LEU A 186 11.57 -7.92 11.09
N ALA A 187 11.31 -8.10 9.80
CA ALA A 187 10.26 -7.35 9.11
C ALA A 187 8.90 -7.66 9.73
N GLY A 188 8.71 -8.93 10.09
CA GLY A 188 7.46 -9.35 10.70
C GLY A 188 7.28 -8.77 12.08
N VAL A 189 8.35 -8.78 12.88
CA VAL A 189 8.32 -8.24 14.23
C VAL A 189 8.00 -6.75 14.21
N VAL A 190 8.72 -6.01 13.38
CA VAL A 190 8.51 -4.57 13.25
C VAL A 190 7.11 -4.27 12.72
N LEU A 191 6.62 -5.12 11.82
CA LEU A 191 5.28 -4.97 11.24
C LEU A 191 4.23 -4.95 12.33
N VAL A 192 4.32 -5.90 13.27
CA VAL A 192 3.37 -5.99 14.37
C VAL A 192 3.45 -4.73 15.24
N LEU A 193 4.67 -4.29 15.50
CA LEU A 193 4.89 -3.09 16.32
C LEU A 193 4.32 -1.85 15.63
N VAL A 194 4.58 -1.73 14.33
CA VAL A 194 4.07 -0.60 13.56
C VAL A 194 2.54 -0.61 13.53
N GLY A 195 1.97 -1.81 13.38
CA GLY A 195 0.52 -1.94 13.36
C GLY A 195 -0.12 -1.40 14.62
N VAL A 196 0.44 -1.75 15.78
CA VAL A 196 -0.09 -1.27 17.05
C VAL A 196 0.19 0.22 17.22
N LEU A 197 1.38 0.65 16.81
CA LEU A 197 1.76 2.06 16.91
C LEU A 197 0.86 2.94 16.06
N LEU A 198 0.50 2.45 14.87
CA LEU A 198 -0.37 3.19 13.97
C LEU A 198 -1.81 3.21 14.46
N PHE A 199 -2.22 2.15 15.17
CA PHE A 199 -3.58 2.05 15.70
C PHE A 199 -3.89 3.21 16.65
N THR A 200 -3.03 3.38 17.66
CA THR A 200 -3.19 4.45 18.63
C THR A 200 -2.49 5.73 18.17
N GLY A 201 -1.73 5.61 17.08
CA GLY A 201 -1.00 6.74 16.55
C GLY A 201 -1.85 7.62 15.65
N THR A 202 -3.09 7.20 15.42
CA THR A 202 -4.04 7.95 14.60
C THR A 202 -4.46 9.26 15.27
N PHE A 203 -3.50 10.19 15.36
CA PHE A 203 -3.75 11.50 15.96
C PHE A 203 -2.62 12.46 15.60
N THR A 204 -1.46 12.27 16.21
CA THR A 204 -0.31 13.12 15.96
C THR A 204 1.01 12.41 16.32
N ALA A 205 0.93 11.10 16.55
CA ALA A 205 2.12 10.34 16.93
C ALA A 205 2.90 9.90 15.69
N LEU A 206 2.27 9.99 14.53
CA LEU A 206 2.91 9.61 13.29
C LEU A 206 3.92 10.66 12.84
N ASN A 207 3.67 11.92 13.19
CA ASN A 207 4.56 13.01 12.80
C ASN A 207 5.89 12.92 13.54
N THR A 208 5.84 12.46 14.78
CA THR A 208 7.04 12.31 15.60
C THR A 208 8.02 11.33 14.97
N PHE A 209 7.50 10.25 14.41
CA PHE A 209 8.33 9.23 13.77
C PHE A 209 8.59 9.57 12.32
N PHE A 210 7.69 10.33 11.71
CA PHE A 210 7.83 10.72 10.30
C PHE A 210 9.01 11.67 10.12
N LEU A 211 9.43 12.32 11.20
CA LEU A 211 10.56 13.25 11.17
C LEU A 211 11.85 12.52 10.78
N ARG A 212 11.90 11.22 11.09
CA ARG A 212 13.05 10.40 10.76
C ARG A 212 12.88 9.73 9.40
N ILE A 213 11.71 9.91 8.80
CA ILE A 213 11.40 9.31 7.51
C ILE A 213 11.48 10.35 6.39
N THR A 214 11.59 11.63 6.77
CA THR A 214 11.67 12.72 5.80
C THR A 214 12.92 12.56 4.92
N PRO A 215 12.73 12.41 3.59
CA PRO A 215 13.84 12.25 2.64
C PRO A 215 14.76 13.47 2.62
N GLU A 216 16.01 13.26 2.20
CA GLU A 216 17.00 14.33 2.13
C GLU A 216 16.56 15.43 1.17
N TRP A 217 15.76 15.06 0.17
CA TRP A 217 15.26 16.02 -0.81
C TRP A 217 14.27 17.00 -0.17
N LEU A 218 13.59 16.55 0.87
CA LEU A 218 12.63 17.39 1.58
C LEU A 218 13.35 18.24 2.61
N GLN A 219 14.46 17.73 3.13
CA GLN A 219 15.27 18.45 4.11
C GLN A 219 15.91 19.68 3.46
N ARG A 220 16.35 19.50 2.21
CA ARG A 220 16.97 20.58 1.46
C ARG A 220 15.93 21.47 0.80
N TYR A 221 14.66 21.10 0.94
CA TYR A 221 13.56 21.87 0.35
C TYR A 221 12.75 22.57 1.44
N LEU A 222 13.25 22.50 2.67
CA LEU A 222 12.57 23.13 3.80
C LEU A 222 13.00 24.58 3.94
N PRO A 223 12.06 25.53 3.81
CA PRO A 223 12.36 26.96 3.91
C PRO A 223 12.72 27.39 5.34
N SER A 224 13.66 28.32 5.46
CA SER A 224 14.09 28.81 6.76
C SER A 224 13.04 29.71 7.39
N MET A 1 8.75 24.33 -15.55
CA MET A 1 7.61 24.95 -16.28
C MET A 1 6.30 24.28 -15.90
N SER A 2 6.17 23.00 -16.23
CA SER A 2 4.96 22.24 -15.92
C SER A 2 5.05 21.63 -14.53
N LEU A 3 6.27 21.28 -14.12
CA LEU A 3 6.55 20.68 -12.81
C LEU A 3 5.86 19.33 -12.65
N SER A 4 5.58 18.66 -13.78
CA SER A 4 4.94 17.36 -13.77
C SER A 4 5.91 16.27 -13.36
N LEU A 5 7.21 16.52 -13.54
CA LEU A 5 8.23 15.57 -13.19
C LEU A 5 8.55 15.64 -11.70
N THR A 6 8.64 16.87 -11.18
CA THR A 6 8.91 17.08 -9.77
C THR A 6 7.74 16.61 -8.92
N ALA A 7 6.54 16.69 -9.49
CA ALA A 7 5.32 16.27 -8.81
C ALA A 7 5.30 14.76 -8.65
N ALA A 8 5.50 14.05 -9.77
CA ALA A 8 5.52 12.60 -9.77
C ALA A 8 6.67 12.06 -8.91
N PHE A 9 7.73 12.86 -8.80
CA PHE A 9 8.90 12.48 -8.01
C PHE A 9 8.56 12.48 -6.53
N LEU A 10 7.96 13.57 -6.06
CA LEU A 10 7.58 13.67 -4.66
C LEU A 10 6.51 12.64 -4.31
N ALA A 11 5.59 12.40 -5.23
CA ALA A 11 4.52 11.43 -5.02
C ALA A 11 5.10 10.01 -4.91
N GLY A 12 6.00 9.67 -5.82
CA GLY A 12 6.61 8.36 -5.80
C GLY A 12 7.47 8.14 -4.57
N VAL A 13 8.26 9.15 -4.21
CA VAL A 13 9.13 9.06 -3.04
C VAL A 13 8.31 8.99 -1.74
N LEU A 14 7.14 9.64 -1.75
CA LEU A 14 6.26 9.64 -0.59
C LEU A 14 5.68 8.26 -0.33
N SER A 15 5.12 7.64 -1.37
CA SER A 15 4.54 6.30 -1.23
C SER A 15 5.63 5.26 -0.96
N PHE A 16 6.86 5.57 -1.40
CA PHE A 16 7.99 4.68 -1.21
C PHE A 16 8.44 4.66 0.25
N LEU A 17 8.45 5.83 0.88
CA LEU A 17 8.86 5.94 2.28
C LEU A 17 7.68 5.69 3.21
N SER A 18 6.48 5.61 2.64
CA SER A 18 5.27 5.36 3.42
C SER A 18 5.36 4.01 4.12
N PRO A 19 5.09 3.99 5.44
CA PRO A 19 5.15 2.76 6.24
C PRO A 19 4.01 1.79 5.91
N CYS A 20 3.06 2.24 5.11
CA CYS A 20 1.93 1.41 4.71
C CYS A 20 2.38 0.25 3.84
N VAL A 21 1.64 -0.85 3.91
CA VAL A 21 1.96 -2.05 3.14
C VAL A 21 1.66 -1.84 1.66
N LEU A 22 2.68 -1.46 0.90
CA LEU A 22 2.55 -1.25 -0.53
C LEU A 22 3.81 -1.69 -1.29
N PRO A 23 5.01 -1.19 -0.92
CA PRO A 23 6.26 -1.57 -1.58
C PRO A 23 6.62 -3.05 -1.37
N LEU A 24 6.01 -3.64 -0.35
CA LEU A 24 6.26 -5.05 -0.04
C LEU A 24 5.32 -5.96 -0.82
N VAL A 25 4.29 -5.38 -1.41
CA VAL A 25 3.31 -6.14 -2.20
C VAL A 25 3.99 -6.93 -3.34
N PRO A 26 4.85 -6.28 -4.17
CA PRO A 26 5.53 -6.96 -5.28
C PRO A 26 6.36 -8.17 -4.81
N THR A 27 7.03 -8.03 -3.68
CA THR A 27 7.85 -9.10 -3.12
C THR A 27 6.98 -10.26 -2.63
N TYR A 28 5.83 -9.94 -2.06
CA TYR A 28 4.91 -10.95 -1.55
C TYR A 28 4.14 -11.63 -2.67
N LEU A 29 3.70 -10.83 -3.64
CA LEU A 29 2.95 -11.36 -4.77
C LEU A 29 3.82 -12.26 -5.64
N PHE A 30 5.14 -12.07 -5.55
CA PHE A 30 6.07 -12.89 -6.32
C PHE A 30 6.01 -14.34 -5.85
N TYR A 31 6.28 -14.55 -4.56
CA TYR A 31 6.23 -15.88 -3.98
C TYR A 31 4.84 -16.48 -4.08
N LEU A 32 3.83 -15.63 -4.00
CA LEU A 32 2.44 -16.08 -4.10
C LEU A 32 2.10 -16.49 -5.54
N GLY A 33 2.94 -16.08 -6.48
CA GLY A 33 2.73 -16.43 -7.87
C GLY A 33 3.50 -17.68 -8.24
N GLY A 34 4.22 -18.23 -7.27
CA GLY A 34 5.00 -19.43 -7.49
C GLY A 34 6.15 -19.22 -8.46
N ALA A 35 6.03 -19.78 -9.64
CA ALA A 35 7.06 -19.65 -10.67
C ALA A 35 6.50 -18.97 -11.91
N ARG A 36 5.29 -18.43 -11.79
CA ARG A 36 4.63 -17.75 -12.89
C ARG A 36 4.10 -16.39 -12.46
N GLY A 37 4.88 -15.68 -11.66
CA GLY A 37 4.47 -14.37 -11.19
C GLY A 37 5.12 -13.25 -11.98
N ARG A 38 4.38 -12.68 -12.93
CA ARG A 38 4.90 -11.60 -13.76
C ARG A 38 4.43 -10.25 -13.23
N PRO A 39 5.36 -9.30 -13.04
CA PRO A 39 5.04 -7.95 -12.55
C PRO A 39 4.18 -7.15 -13.51
N LEU A 40 4.23 -7.52 -14.79
CA LEU A 40 3.46 -6.83 -15.82
C LEU A 40 1.96 -7.05 -15.62
N PHE A 41 1.57 -8.29 -15.32
CA PHE A 41 0.16 -8.60 -15.10
C PHE A 41 -0.31 -8.02 -13.76
N ASN A 42 0.61 -8.00 -12.80
CA ASN A 42 0.31 -7.46 -11.48
C ASN A 42 0.04 -5.96 -11.58
N ALA A 43 0.94 -5.23 -12.24
CA ALA A 43 0.78 -3.79 -12.40
C ALA A 43 -0.45 -3.47 -13.22
N LEU A 44 -0.70 -4.27 -14.26
CA LEU A 44 -1.86 -4.08 -15.13
C LEU A 44 -3.16 -4.24 -14.34
N PHE A 45 -3.27 -5.34 -13.60
CA PHE A 45 -4.48 -5.59 -12.81
C PHE A 45 -4.62 -4.56 -11.69
N PHE A 46 -3.49 -4.17 -11.11
CA PHE A 46 -3.48 -3.18 -10.03
C PHE A 46 -4.01 -1.83 -10.51
N ILE A 47 -3.47 -1.34 -11.63
CA ILE A 47 -3.89 -0.06 -12.18
C ILE A 47 -5.34 -0.11 -12.65
N LEU A 48 -5.79 -1.30 -13.06
CA LEU A 48 -7.16 -1.48 -13.51
C LEU A 48 -8.12 -1.50 -12.33
N GLY A 49 -7.88 -2.39 -11.37
CA GLY A 49 -8.72 -2.49 -10.19
C GLY A 49 -8.79 -1.18 -9.44
N PHE A 50 -7.63 -0.53 -9.26
CA PHE A 50 -7.56 0.74 -8.55
C PHE A 50 -8.18 1.84 -9.40
N GLY A 51 -8.05 1.72 -10.72
CA GLY A 51 -8.62 2.70 -11.62
C GLY A 51 -10.14 2.76 -11.51
N ALA A 52 -10.76 1.58 -11.56
CA ALA A 52 -12.21 1.48 -11.43
C ALA A 52 -12.68 2.06 -10.10
N VAL A 53 -11.96 1.72 -9.03
CA VAL A 53 -12.30 2.21 -7.70
C VAL A 53 -12.11 3.73 -7.62
N PHE A 54 -11.01 4.23 -8.17
CA PHE A 54 -10.72 5.66 -8.15
C PHE A 54 -11.74 6.45 -8.97
N PHE A 55 -12.31 5.82 -9.98
CA PHE A 55 -13.30 6.48 -10.82
C PHE A 55 -14.69 6.37 -10.19
N LEU A 56 -15.03 5.18 -9.72
CA LEU A 56 -16.33 4.95 -9.09
C LEU A 56 -16.49 5.78 -7.81
N LEU A 57 -15.42 5.89 -7.04
CA LEU A 57 -15.46 6.68 -5.81
C LEU A 57 -15.08 8.12 -6.09
N GLY A 58 -14.43 8.34 -7.24
CA GLY A 58 -14.04 9.69 -7.63
C GLY A 58 -15.22 10.56 -7.98
N LEU A 59 -16.27 9.95 -8.53
CA LEU A 59 -17.48 10.69 -8.90
C LEU A 59 -18.19 11.26 -7.65
N PRO A 60 -18.57 10.43 -6.66
CA PRO A 60 -19.23 10.92 -5.43
C PRO A 60 -18.31 11.75 -4.56
N PHE A 61 -17.00 11.69 -4.84
CA PHE A 61 -16.01 12.45 -4.09
C PHE A 61 -16.32 13.95 -4.07
N THR A 62 -17.02 14.42 -5.11
CA THR A 62 -17.39 15.83 -5.18
C THR A 62 -18.40 16.18 -4.08
N LEU A 63 -19.23 15.21 -3.73
CA LEU A 63 -20.24 15.41 -2.69
C LEU A 63 -19.68 15.05 -1.31
N LEU A 64 -18.60 14.27 -1.32
CA LEU A 64 -17.95 13.84 -0.08
C LEU A 64 -17.35 15.03 0.67
N GLY A 65 -17.18 16.15 -0.04
CA GLY A 65 -16.64 17.34 0.58
C GLY A 65 -17.55 17.87 1.67
N GLY A 66 -18.85 17.63 1.50
CA GLY A 66 -19.82 18.07 2.50
C GLY A 66 -19.79 17.18 3.73
N LEU A 67 -19.34 15.94 3.55
CA LEU A 67 -19.25 14.99 4.65
C LEU A 67 -17.94 15.16 5.40
N LEU A 68 -16.96 15.78 4.74
CA LEU A 68 -15.64 16.01 5.34
C LEU A 68 -15.75 16.94 6.55
N PHE A 69 -16.87 17.67 6.63
CA PHE A 69 -17.12 18.59 7.73
C PHE A 69 -17.27 17.82 9.04
N GLU A 70 -17.65 16.55 8.94
CA GLU A 70 -17.81 15.70 10.12
C GLU A 70 -16.69 14.67 10.16
N HIS A 71 -15.87 14.71 11.20
CA HIS A 71 -14.76 13.78 11.33
C HIS A 71 -15.25 12.42 11.80
N ARG A 72 -15.20 11.45 10.89
CA ARG A 72 -15.63 10.09 11.19
C ARG A 72 -14.58 9.33 11.97
N GLN A 73 -14.65 9.41 13.29
CA GLN A 73 -13.70 8.72 14.16
C GLN A 73 -13.89 7.21 14.10
N THR A 74 -15.06 6.79 13.61
CA THR A 74 -15.38 5.37 13.47
C THR A 74 -14.51 4.72 12.40
N LEU A 75 -14.05 5.51 11.43
CA LEU A 75 -13.20 5.01 10.36
C LEU A 75 -11.83 4.60 10.88
N ALA A 76 -11.32 5.36 11.85
CA ALA A 76 -10.03 5.08 12.45
C ALA A 76 -10.07 3.76 13.20
N ARG A 77 -11.22 3.46 13.80
CA ARG A 77 -11.41 2.22 14.54
C ARG A 77 -11.44 1.03 13.59
N VAL A 78 -12.16 1.19 12.47
CA VAL A 78 -12.25 0.12 11.47
C VAL A 78 -10.88 -0.15 10.86
N GLY A 79 -10.18 0.93 10.50
CA GLY A 79 -8.84 0.79 9.92
C GLY A 79 -7.88 0.10 10.88
N GLY A 80 -7.98 0.44 12.16
CA GLY A 80 -7.12 -0.17 13.17
C GLY A 80 -7.39 -1.66 13.29
N VAL A 81 -8.67 -2.04 13.21
CA VAL A 81 -9.06 -3.44 13.29
C VAL A 81 -8.45 -4.25 12.14
N VAL A 82 -8.46 -3.67 10.95
CA VAL A 82 -7.89 -4.32 9.76
C VAL A 82 -6.40 -4.59 9.97
N LEU A 83 -5.70 -3.62 10.55
CA LEU A 83 -4.27 -3.75 10.81
C LEU A 83 -4.01 -4.88 11.81
N VAL A 84 -4.85 -4.95 12.85
CA VAL A 84 -4.73 -5.98 13.87
C VAL A 84 -5.04 -7.36 13.26
N LEU A 85 -6.08 -7.41 12.42
CA LEU A 85 -6.47 -8.65 11.76
C LEU A 85 -5.35 -9.16 10.86
N PHE A 86 -4.69 -8.25 10.15
CA PHE A 86 -3.58 -8.61 9.28
C PHE A 86 -2.45 -9.22 10.11
N GLY A 87 -2.20 -8.63 11.28
CA GLY A 87 -1.16 -9.13 12.16
C GLY A 87 -1.51 -10.52 12.69
N LEU A 88 -2.78 -10.71 13.02
CA LEU A 88 -3.25 -12.00 13.54
C LEU A 88 -3.07 -13.10 12.50
N TYR A 89 -3.31 -12.75 11.23
CA TYR A 89 -3.15 -13.71 10.15
C TYR A 89 -1.67 -13.90 9.80
N MET A 90 -0.88 -12.86 10.00
CA MET A 90 0.56 -12.91 9.73
C MET A 90 1.27 -13.77 10.78
N LEU A 91 0.63 -13.96 11.92
CA LEU A 91 1.19 -14.78 13.00
C LEU A 91 1.26 -16.25 12.60
N GLY A 92 0.68 -16.58 11.44
CA GLY A 92 0.69 -17.94 10.97
C GLY A 92 -0.50 -18.74 11.44
N LEU A 93 -1.56 -18.05 11.87
CA LEU A 93 -2.77 -18.71 12.34
C LEU A 93 -3.49 -19.41 11.18
N ARG A 94 -3.83 -20.68 11.38
CA ARG A 94 -4.51 -21.46 10.35
C ARG A 94 -5.96 -21.00 10.19
N PRO A 95 -6.50 -21.06 8.95
CA PRO A 95 -7.88 -20.66 8.66
C PRO A 95 -8.90 -21.54 9.38
N ARG A 96 -9.60 -20.95 10.34
CA ARG A 96 -10.60 -21.70 11.10
C ARG A 96 -12.00 -21.47 10.53
N TRP A 97 -12.38 -22.31 9.58
CA TRP A 97 -13.69 -22.20 8.96
C TRP A 97 -14.34 -23.58 8.83
N GLY A 98 -15.23 -23.88 9.76
CA GLY A 98 -15.93 -25.15 9.74
C GLY A 98 -15.04 -26.32 10.13
N VAL A 99 -15.19 -27.44 9.42
CA VAL A 99 -14.39 -28.63 9.70
C VAL A 99 -13.52 -28.97 8.49
N SER A 100 -12.38 -29.62 8.75
CA SER A 100 -11.46 -30.01 7.69
C SER A 100 -12.06 -31.08 6.80
N LEU A 101 -13.08 -31.76 7.29
CA LEU A 101 -13.76 -32.82 6.53
C LEU A 101 -14.71 -32.23 5.49
N ARG A 102 -14.89 -30.91 5.55
CA ARG A 102 -15.78 -30.22 4.61
C ARG A 102 -15.06 -29.03 4.01
N TYR A 103 -13.77 -29.19 3.76
CA TYR A 103 -12.97 -28.12 3.17
C TYR A 103 -13.26 -28.00 1.68
N GLU A 104 -13.84 -26.87 1.29
CA GLU A 104 -14.18 -26.63 -0.10
C GLU A 104 -13.35 -25.49 -0.67
N GLY A 105 -12.67 -25.76 -1.77
CA GLY A 105 -11.83 -24.76 -2.41
C GLY A 105 -10.72 -25.39 -3.20
N GLU A 106 -10.68 -25.13 -4.50
CA GLU A 106 -9.64 -25.68 -5.36
C GLU A 106 -8.72 -24.58 -5.86
N THR A 107 -7.42 -24.87 -5.90
CA THR A 107 -6.41 -23.90 -6.35
C THR A 107 -6.46 -22.63 -5.49
N SER A 108 -5.97 -22.75 -4.26
CA SER A 108 -5.96 -21.63 -3.32
C SER A 108 -4.83 -20.64 -3.61
N ARG A 109 -4.01 -20.94 -4.62
CA ARG A 109 -2.90 -20.07 -5.00
C ARG A 109 -3.38 -18.68 -5.45
N PRO A 110 -4.27 -18.58 -6.47
CA PRO A 110 -4.78 -17.28 -6.94
C PRO A 110 -5.64 -16.59 -5.89
N LEU A 111 -6.27 -17.39 -5.03
CA LEU A 111 -7.12 -16.86 -3.97
C LEU A 111 -6.29 -16.17 -2.91
N GLY A 112 -5.08 -16.67 -2.67
CA GLY A 112 -4.20 -16.07 -1.69
C GLY A 112 -3.79 -14.67 -2.10
N ALA A 113 -3.50 -14.51 -3.40
CA ALA A 113 -3.12 -13.21 -3.93
C ALA A 113 -4.33 -12.29 -4.02
N PHE A 114 -5.48 -12.87 -4.37
CA PHE A 114 -6.72 -12.10 -4.48
C PHE A 114 -7.15 -11.56 -3.13
N LEU A 115 -7.08 -12.41 -2.10
CA LEU A 115 -7.47 -12.00 -0.75
C LEU A 115 -6.55 -10.90 -0.23
N LEU A 116 -5.28 -10.95 -0.61
CA LEU A 116 -4.32 -9.94 -0.18
C LEU A 116 -4.62 -8.61 -0.86
N GLY A 117 -5.19 -8.68 -2.06
CA GLY A 117 -5.55 -7.49 -2.79
C GLY A 117 -6.88 -6.93 -2.30
N ALA A 118 -7.83 -7.83 -2.08
CA ALA A 118 -9.16 -7.45 -1.59
C ALA A 118 -9.07 -6.75 -0.24
N THR A 119 -8.23 -7.28 0.64
CA THR A 119 -8.06 -6.69 1.97
C THR A 119 -7.40 -5.32 1.89
N LEU A 120 -6.44 -5.18 0.97
CA LEU A 120 -5.73 -3.92 0.79
C LEU A 120 -6.65 -2.87 0.16
N ALA A 121 -7.62 -3.33 -0.61
CA ALA A 121 -8.57 -2.44 -1.25
C ALA A 121 -9.68 -2.04 -0.27
N LEU A 122 -10.05 -2.96 0.61
CA LEU A 122 -11.10 -2.71 1.60
C LEU A 122 -10.55 -1.88 2.75
N GLY A 123 -9.31 -2.14 3.15
CA GLY A 123 -8.71 -1.40 4.23
C GLY A 123 -8.23 -0.03 3.77
N TRP A 124 -8.80 1.02 4.35
CA TRP A 124 -8.43 2.38 3.97
C TRP A 124 -7.01 2.70 4.40
N THR A 125 -6.30 3.46 3.57
CA THR A 125 -4.93 3.84 3.84
C THR A 125 -4.86 5.16 4.62
N PRO A 126 -4.60 5.08 5.94
CA PRO A 126 -4.52 6.27 6.80
C PRO A 126 -3.23 7.05 6.61
N CYS A 127 -2.25 6.41 6.00
CA CYS A 127 -0.94 7.03 5.75
C CYS A 127 -1.08 8.20 4.77
N ILE A 128 -1.78 7.95 3.68
CA ILE A 128 -1.96 8.98 2.65
C ILE A 128 -3.34 9.62 2.75
N GLY A 129 -4.10 9.24 3.78
CA GLY A 129 -5.43 9.77 3.99
C GLY A 129 -5.45 11.29 4.12
N PRO A 130 -4.88 11.84 5.22
CA PRO A 130 -4.83 13.28 5.44
C PRO A 130 -4.05 14.01 4.35
N ILE A 131 -3.05 13.33 3.79
CA ILE A 131 -2.23 13.91 2.74
C ILE A 131 -3.03 14.16 1.47
N LEU A 132 -3.70 13.12 0.97
CA LEU A 132 -4.50 13.24 -0.24
C LEU A 132 -5.79 14.01 0.03
N GLY A 133 -6.31 13.88 1.25
CA GLY A 133 -7.53 14.58 1.61
C GLY A 133 -7.35 16.09 1.58
N ALA A 134 -6.17 16.55 1.98
CA ALA A 134 -5.86 17.98 1.99
C ALA A 134 -5.73 18.53 0.57
N ILE A 135 -5.04 17.76 -0.27
CA ILE A 135 -4.84 18.16 -1.66
C ILE A 135 -6.13 18.05 -2.47
N LEU A 136 -7.00 17.10 -2.08
CA LEU A 136 -8.28 16.90 -2.77
C LEU A 136 -9.10 18.18 -2.77
N THR A 137 -9.20 18.83 -1.62
CA THR A 137 -9.96 20.09 -1.50
C THR A 137 -9.35 21.20 -2.35
N LEU A 138 -8.07 21.05 -2.67
CA LEU A 138 -7.36 22.04 -3.49
C LEU A 138 -7.56 21.74 -4.97
N THR A 139 -7.60 20.46 -5.32
CA THR A 139 -7.78 20.06 -6.71
C THR A 139 -9.26 20.10 -7.11
N ALA A 140 -10.14 20.06 -6.12
CA ALA A 140 -11.59 20.09 -6.36
C ALA A 140 -12.08 21.52 -6.56
N VAL A 141 -11.22 22.50 -6.33
CA VAL A 141 -11.58 23.90 -6.49
C VAL A 141 -11.32 24.37 -7.92
N GLY A 142 -10.67 23.51 -8.71
CA GLY A 142 -10.37 23.85 -10.09
C GLY A 142 -10.43 22.65 -11.01
N GLY A 143 -9.53 21.70 -10.79
CA GLY A 143 -9.49 20.51 -11.62
C GLY A 143 -8.08 20.01 -11.84
N GLY A 144 -7.37 19.74 -10.76
CA GLY A 144 -6.01 19.26 -10.85
C GLY A 144 -5.92 17.77 -11.11
N VAL A 145 -6.46 17.33 -12.24
CA VAL A 145 -6.44 15.92 -12.60
C VAL A 145 -5.03 15.45 -12.95
N GLY A 146 -4.20 16.38 -13.39
CA GLY A 146 -2.83 16.05 -13.75
C GLY A 146 -2.03 15.55 -12.55
N PHE A 147 -2.37 16.05 -11.36
CA PHE A 147 -1.70 15.63 -10.14
C PHE A 147 -1.99 14.18 -9.84
N LEU A 148 -3.25 13.78 -10.01
CA LEU A 148 -3.66 12.41 -9.76
C LEU A 148 -2.93 11.46 -10.70
N LEU A 149 -2.79 11.87 -11.96
CA LEU A 149 -2.09 11.05 -12.95
C LEU A 149 -0.61 10.97 -12.62
N ALA A 150 -0.03 12.11 -12.23
CA ALA A 150 1.38 12.15 -11.87
C ALA A 150 1.65 11.34 -10.62
N TYR A 151 0.65 11.25 -9.74
CA TYR A 151 0.77 10.47 -8.51
C TYR A 151 0.95 8.99 -8.81
N ILE A 152 -0.01 8.41 -9.53
CA ILE A 152 0.04 6.99 -9.86
C ILE A 152 1.24 6.67 -10.74
N LEU A 153 1.51 7.52 -11.73
CA LEU A 153 2.63 7.32 -12.62
C LEU A 153 3.95 7.53 -11.88
N GLY A 154 3.95 8.44 -10.91
CA GLY A 154 5.15 8.71 -10.12
C GLY A 154 5.62 7.48 -9.39
N LEU A 155 4.68 6.71 -8.82
CA LEU A 155 5.03 5.48 -8.12
C LEU A 155 5.26 4.34 -9.10
N ALA A 156 4.59 4.40 -10.25
CA ALA A 156 4.73 3.38 -11.28
C ALA A 156 6.17 3.25 -11.74
N VAL A 157 6.87 4.39 -11.86
CA VAL A 157 8.27 4.40 -12.31
C VAL A 157 9.16 3.55 -11.38
N PRO A 158 9.31 3.90 -10.07
CA PRO A 158 10.14 3.11 -9.14
C PRO A 158 9.65 1.68 -8.99
N PHE A 159 8.33 1.48 -9.06
CA PHE A 159 7.74 0.16 -8.92
C PHE A 159 8.25 -0.78 -10.02
N PHE A 160 8.30 -0.29 -11.25
CA PHE A 160 8.78 -1.11 -12.36
C PHE A 160 10.28 -1.34 -12.24
N VAL A 161 10.99 -0.34 -11.72
CA VAL A 161 12.43 -0.44 -11.51
C VAL A 161 12.75 -1.56 -10.52
N VAL A 162 12.03 -1.58 -9.40
CA VAL A 162 12.22 -2.61 -8.38
C VAL A 162 11.79 -3.98 -8.91
N ALA A 163 10.66 -4.01 -9.62
CA ALA A 163 10.14 -5.25 -10.20
C ALA A 163 11.17 -5.91 -11.12
N LEU A 164 11.88 -5.09 -11.89
CA LEU A 164 12.87 -5.60 -12.82
C LEU A 164 14.17 -5.97 -12.09
N PHE A 165 14.57 -5.15 -11.12
CA PHE A 165 15.79 -5.42 -10.36
C PHE A 165 15.60 -6.62 -9.43
N ALA A 166 14.34 -6.95 -9.14
CA ALA A 166 14.01 -8.08 -8.29
C ALA A 166 14.48 -9.40 -8.91
N ASP A 167 14.58 -9.41 -10.24
CA ASP A 167 15.03 -10.60 -10.96
C ASP A 167 16.49 -10.90 -10.65
N ARG A 168 17.29 -9.85 -10.55
CA ARG A 168 18.71 -9.98 -10.23
C ARG A 168 18.91 -10.54 -8.83
N ILE A 169 18.01 -10.16 -7.92
CA ILE A 169 18.09 -10.63 -6.54
C ILE A 169 17.63 -12.09 -6.44
N LYS A 170 16.74 -12.50 -7.36
CA LYS A 170 16.23 -13.87 -7.37
C LYS A 170 17.36 -14.88 -7.54
N GLY A 171 18.36 -14.54 -8.35
CA GLY A 171 19.49 -15.43 -8.56
C GLY A 171 20.24 -15.72 -7.29
N TRP A 172 20.59 -14.67 -6.55
CA TRP A 172 21.31 -14.82 -5.29
C TRP A 172 20.40 -15.39 -4.20
N LEU A 173 19.10 -15.15 -4.34
CA LEU A 173 18.13 -15.66 -3.36
C LEU A 173 17.97 -17.17 -3.48
N ARG A 174 18.29 -17.71 -4.66
CA ARG A 174 18.19 -19.14 -4.90
C ARG A 174 19.34 -19.90 -4.22
N ARG A 175 20.40 -19.16 -3.88
CA ARG A 175 21.56 -19.75 -3.22
C ARG A 175 21.15 -20.37 -1.88
N ALA A 176 20.32 -19.65 -1.13
CA ALA A 176 19.83 -20.12 0.15
C ALA A 176 18.35 -20.49 0.05
N GLY A 177 17.50 -19.47 0.03
CA GLY A 177 16.07 -19.71 -0.09
C GLY A 177 15.35 -19.67 1.24
N ARG A 178 16.09 -19.98 2.31
CA ARG A 178 15.53 -19.98 3.65
C ARG A 178 15.53 -18.57 4.26
N ILE A 179 16.21 -17.65 3.59
CA ILE A 179 16.29 -16.27 4.04
C ILE A 179 15.00 -15.51 3.74
N SER A 180 14.21 -16.05 2.80
CA SER A 180 12.94 -15.43 2.42
C SER A 180 11.96 -15.38 3.60
N HIS A 181 12.18 -16.24 4.59
CA HIS A 181 11.31 -16.28 5.77
C HIS A 181 11.74 -15.23 6.79
N TYR A 182 13.01 -14.82 6.72
CA TYR A 182 13.54 -13.84 7.66
C TYR A 182 12.99 -12.45 7.35
N VAL A 183 12.95 -12.12 6.06
CA VAL A 183 12.44 -10.83 5.61
C VAL A 183 10.92 -10.75 5.79
N GLU A 184 10.28 -11.90 5.91
CA GLU A 184 8.83 -11.97 6.08
C GLU A 184 8.44 -11.69 7.53
N VAL A 185 9.25 -12.19 8.46
CA VAL A 185 8.99 -11.98 9.88
C VAL A 185 9.20 -10.51 10.26
N LEU A 186 10.25 -9.90 9.73
CA LEU A 186 10.55 -8.50 10.01
C LEU A 186 9.41 -7.60 9.54
N ALA A 187 8.84 -7.93 8.38
CA ALA A 187 7.73 -7.17 7.83
C ALA A 187 6.49 -7.32 8.72
N GLY A 188 6.32 -8.52 9.28
CA GLY A 188 5.20 -8.78 10.17
C GLY A 188 5.31 -7.98 11.46
N VAL A 189 6.54 -7.81 11.94
CA VAL A 189 6.79 -7.05 13.17
C VAL A 189 6.35 -5.60 12.99
N VAL A 190 6.83 -4.95 11.93
CA VAL A 190 6.48 -3.57 11.66
C VAL A 190 4.99 -3.42 11.39
N LEU A 191 4.39 -4.47 10.81
CA LEU A 191 2.97 -4.48 10.49
C LEU A 191 2.12 -4.33 11.76
N VAL A 192 2.36 -5.20 12.74
CA VAL A 192 1.60 -5.15 13.99
C VAL A 192 1.96 -3.90 14.79
N LEU A 193 3.21 -3.44 14.64
CA LEU A 193 3.69 -2.25 15.33
C LEU A 193 2.90 -1.01 14.90
N VAL A 194 2.78 -0.80 13.60
CA VAL A 194 2.04 0.36 13.08
C VAL A 194 0.56 0.23 13.42
N GLY A 195 0.04 -1.00 13.34
CA GLY A 195 -1.34 -1.25 13.65
C GLY A 195 -1.70 -0.85 15.06
N VAL A 196 -0.87 -1.27 16.02
CA VAL A 196 -1.10 -0.96 17.43
C VAL A 196 -0.82 0.52 17.71
N LEU A 197 0.20 1.08 17.05
CA LEU A 197 0.54 2.49 17.24
C LEU A 197 -0.58 3.40 16.73
N LEU A 198 -1.29 2.97 15.70
CA LEU A 198 -2.38 3.75 15.15
C LEU A 198 -3.69 3.51 15.91
N PHE A 199 -3.88 2.29 16.40
CA PHE A 199 -5.09 1.94 17.14
C PHE A 199 -5.05 2.47 18.57
N THR A 200 -3.94 2.26 19.27
CA THR A 200 -3.80 2.71 20.64
C THR A 200 -3.25 4.13 20.72
N GLY A 201 -2.37 4.48 19.79
CA GLY A 201 -1.79 5.81 19.78
C GLY A 201 -2.68 6.81 19.07
N THR A 202 -2.89 6.60 17.77
CA THR A 202 -3.72 7.47 16.96
C THR A 202 -3.25 8.93 17.06
N PHE A 203 -4.19 9.88 16.95
CA PHE A 203 -3.88 11.31 17.06
C PHE A 203 -2.69 11.70 16.17
N THR A 204 -1.57 12.05 16.80
CA THR A 204 -0.38 12.44 16.07
C THR A 204 0.79 11.51 16.38
N ALA A 205 0.47 10.24 16.67
CA ALA A 205 1.49 9.24 16.98
C ALA A 205 2.31 8.89 15.75
N LEU A 206 1.83 9.27 14.58
CA LEU A 206 2.53 9.00 13.33
C LEU A 206 3.71 9.96 13.14
N ASN A 207 3.71 11.05 13.90
CA ASN A 207 4.79 12.05 13.80
C ASN A 207 6.12 11.46 14.24
N THR A 208 6.07 10.59 15.25
CA THR A 208 7.29 9.96 15.77
C THR A 208 7.96 9.10 14.70
N PHE A 209 7.16 8.45 13.88
CA PHE A 209 7.67 7.59 12.82
C PHE A 209 7.94 8.40 11.55
N PHE A 210 7.26 9.54 11.43
CA PHE A 210 7.42 10.41 10.26
C PHE A 210 8.83 10.97 10.16
N LEU A 211 9.57 10.89 11.26
CA LEU A 211 10.95 11.37 11.28
C LEU A 211 11.84 10.53 10.38
N ARG A 212 11.48 9.25 10.21
CA ARG A 212 12.25 8.35 9.35
C ARG A 212 11.66 8.34 7.94
N ILE A 213 10.52 9.02 7.78
CA ILE A 213 9.84 9.08 6.50
C ILE A 213 10.27 10.32 5.72
N THR A 214 11.10 11.16 6.35
CA THR A 214 11.59 12.38 5.70
C THR A 214 12.44 12.03 4.49
N PRO A 215 12.01 12.44 3.28
CA PRO A 215 12.73 12.15 2.04
C PRO A 215 14.04 12.91 1.93
N GLU A 216 15.13 12.17 1.77
CA GLU A 216 16.46 12.78 1.64
C GLU A 216 16.63 13.42 0.27
N TRP A 217 15.85 12.96 -0.71
CA TRP A 217 15.92 13.48 -2.07
C TRP A 217 15.36 14.90 -2.12
N LEU A 218 14.49 15.23 -1.18
CA LEU A 218 13.90 16.56 -1.13
C LEU A 218 14.90 17.57 -0.58
N GLN A 219 15.79 17.08 0.29
CA GLN A 219 16.82 17.94 0.86
C GLN A 219 17.90 18.24 -0.17
N ARG A 220 18.00 17.36 -1.16
CA ARG A 220 18.98 17.51 -2.23
C ARG A 220 18.42 18.38 -3.35
N TYR A 221 17.18 18.82 -3.20
CA TYR A 221 16.54 19.65 -4.20
C TYR A 221 16.69 21.13 -3.85
N LEU A 222 17.40 21.40 -2.77
CA LEU A 222 17.63 22.76 -2.33
C LEU A 222 18.89 23.33 -2.98
N PRO A 223 18.82 24.60 -3.46
CA PRO A 223 19.95 25.25 -4.12
C PRO A 223 21.14 25.45 -3.19
N SER A 224 22.14 24.58 -3.33
CA SER A 224 23.33 24.64 -2.51
C SER A 224 24.46 25.38 -3.24
N MET A 1 5.89 17.62 -17.89
CA MET A 1 4.98 18.75 -18.23
C MET A 1 4.63 19.56 -16.99
N SER A 2 5.00 20.85 -17.00
CA SER A 2 4.74 21.75 -15.88
C SER A 2 5.39 21.21 -14.61
N LEU A 3 4.77 21.46 -13.46
CA LEU A 3 5.32 20.98 -12.19
C LEU A 3 4.56 19.76 -11.71
N SER A 4 3.70 19.23 -12.59
CA SER A 4 2.90 18.04 -12.27
C SER A 4 3.76 16.79 -12.30
N LEU A 5 4.63 16.69 -13.29
CA LEU A 5 5.51 15.52 -13.42
C LEU A 5 6.61 15.55 -12.36
N THR A 6 7.18 16.73 -12.13
CA THR A 6 8.23 16.89 -11.13
C THR A 6 7.69 16.57 -9.73
N ALA A 7 6.51 17.12 -9.42
CA ALA A 7 5.87 16.87 -8.13
C ALA A 7 5.63 15.38 -7.93
N ALA A 8 5.20 14.71 -9.00
CA ALA A 8 4.94 13.27 -8.96
C ALA A 8 6.21 12.50 -8.61
N PHE A 9 7.29 12.83 -9.30
CA PHE A 9 8.59 12.19 -9.05
C PHE A 9 9.01 12.37 -7.60
N LEU A 10 8.89 13.59 -7.08
CA LEU A 10 9.24 13.89 -5.70
C LEU A 10 8.36 13.08 -4.74
N ALA A 11 7.05 13.08 -5.02
CA ALA A 11 6.09 12.33 -4.22
C ALA A 11 6.44 10.84 -4.21
N GLY A 12 6.80 10.33 -5.38
CA GLY A 12 7.19 8.93 -5.50
C GLY A 12 8.39 8.60 -4.65
N VAL A 13 9.40 9.48 -4.68
CA VAL A 13 10.61 9.29 -3.89
C VAL A 13 10.28 9.32 -2.40
N LEU A 14 9.42 10.26 -1.99
CA LEU A 14 9.01 10.37 -0.60
C LEU A 14 8.27 9.12 -0.14
N SER A 15 7.33 8.65 -0.98
CA SER A 15 6.56 7.46 -0.67
C SER A 15 7.47 6.23 -0.60
N PHE A 16 8.49 6.20 -1.45
CA PHE A 16 9.44 5.09 -1.48
C PHE A 16 10.37 5.11 -0.27
N LEU A 17 10.72 6.32 0.17
CA LEU A 17 11.60 6.47 1.32
C LEU A 17 10.84 6.26 2.62
N SER A 18 9.51 6.29 2.54
CA SER A 18 8.66 6.08 3.70
C SER A 18 8.41 4.59 3.89
N PRO A 19 8.67 4.06 5.10
CA PRO A 19 8.47 2.63 5.41
C PRO A 19 7.01 2.21 5.27
N CYS A 20 6.12 3.18 5.20
CA CYS A 20 4.69 2.91 5.06
C CYS A 20 4.35 2.62 3.60
N VAL A 21 4.85 1.50 3.09
CA VAL A 21 4.59 1.09 1.73
C VAL A 21 3.34 0.23 1.64
N LEU A 22 2.80 0.12 0.44
CA LEU A 22 1.60 -0.69 0.22
C LEU A 22 1.81 -1.74 -0.86
N PRO A 23 2.23 -1.36 -2.10
CA PRO A 23 2.46 -2.32 -3.20
C PRO A 23 3.63 -3.26 -2.92
N LEU A 24 4.54 -2.84 -2.05
CA LEU A 24 5.69 -3.66 -1.70
C LEU A 24 5.29 -4.83 -0.78
N VAL A 25 4.09 -4.77 -0.22
CA VAL A 25 3.60 -5.84 0.65
C VAL A 25 3.21 -7.09 -0.15
N PRO A 26 2.29 -6.99 -1.14
CA PRO A 26 1.86 -8.13 -1.96
C PRO A 26 3.02 -8.82 -2.69
N THR A 27 4.12 -8.10 -2.92
CA THR A 27 5.27 -8.67 -3.60
C THR A 27 5.87 -9.84 -2.82
N TYR A 28 5.62 -9.86 -1.52
CA TYR A 28 6.12 -10.94 -0.66
C TYR A 28 5.28 -12.20 -0.83
N LEU A 29 3.97 -12.02 -0.98
CA LEU A 29 3.06 -13.14 -1.16
C LEU A 29 3.03 -13.58 -2.62
N PHE A 30 3.41 -12.65 -3.51
CA PHE A 30 3.47 -12.93 -4.95
C PHE A 30 4.32 -14.17 -5.25
N TYR A 31 5.30 -14.44 -4.39
CA TYR A 31 6.16 -15.61 -4.54
C TYR A 31 5.34 -16.90 -4.45
N LEU A 32 4.30 -16.88 -3.63
CA LEU A 32 3.44 -18.04 -3.43
C LEU A 32 2.33 -18.06 -4.49
N GLY A 33 2.04 -16.88 -5.05
CA GLY A 33 1.02 -16.79 -6.08
C GLY A 33 1.62 -16.88 -7.47
N GLY A 34 2.93 -17.09 -7.52
CA GLY A 34 3.64 -17.21 -8.79
C GLY A 34 3.51 -18.58 -9.40
N ALA A 35 2.29 -18.94 -9.79
CA ALA A 35 2.03 -20.24 -10.40
C ALA A 35 2.17 -20.17 -11.91
N ARG A 36 2.09 -18.96 -12.45
CA ARG A 36 2.21 -18.76 -13.90
C ARG A 36 3.53 -18.07 -14.25
N GLY A 37 3.48 -16.75 -14.42
CA GLY A 37 4.67 -16.00 -14.76
C GLY A 37 4.31 -14.61 -15.26
N ARG A 38 5.33 -13.85 -15.67
CA ARG A 38 5.14 -12.48 -16.17
C ARG A 38 4.45 -11.60 -15.13
N PRO A 39 5.16 -11.22 -14.06
CA PRO A 39 4.60 -10.38 -12.98
C PRO A 39 4.30 -8.95 -13.45
N LEU A 40 5.00 -8.53 -14.50
CA LEU A 40 4.82 -7.19 -15.05
C LEU A 40 3.43 -7.04 -15.66
N PHE A 41 2.91 -8.12 -16.25
CA PHE A 41 1.59 -8.10 -16.86
C PHE A 41 0.53 -8.09 -15.77
N ASN A 42 0.78 -8.83 -14.69
CA ASN A 42 -0.13 -8.89 -13.56
C ASN A 42 -0.23 -7.52 -12.90
N ALA A 43 0.90 -6.81 -12.85
CA ALA A 43 0.95 -5.48 -12.27
C ALA A 43 0.06 -4.52 -13.05
N LEU A 44 0.21 -4.55 -14.38
CA LEU A 44 -0.58 -3.71 -15.27
C LEU A 44 -2.08 -3.91 -15.04
N PHE A 45 -2.49 -5.17 -14.88
CA PHE A 45 -3.90 -5.48 -14.65
C PHE A 45 -4.34 -5.00 -13.27
N PHE A 46 -3.46 -5.13 -12.29
CA PHE A 46 -3.75 -4.71 -10.92
C PHE A 46 -3.94 -3.19 -10.84
N ILE A 47 -3.01 -2.44 -11.43
CA ILE A 47 -3.09 -0.98 -11.41
C ILE A 47 -4.27 -0.49 -12.25
N LEU A 48 -4.64 -1.28 -13.26
CA LEU A 48 -5.76 -0.93 -14.13
C LEU A 48 -7.07 -1.07 -13.35
N GLY A 49 -7.25 -2.24 -12.72
CA GLY A 49 -8.45 -2.48 -11.94
C GLY A 49 -8.58 -1.52 -10.78
N PHE A 50 -7.48 -1.28 -10.08
CA PHE A 50 -7.47 -0.35 -8.95
C PHE A 50 -7.70 1.07 -9.42
N GLY A 51 -7.16 1.40 -10.59
CA GLY A 51 -7.34 2.73 -11.15
C GLY A 51 -8.79 3.02 -11.42
N ALA A 52 -9.48 2.03 -11.99
CA ALA A 52 -10.91 2.15 -12.30
C ALA A 52 -11.71 2.44 -11.03
N VAL A 53 -11.41 1.71 -9.97
CA VAL A 53 -12.10 1.88 -8.70
C VAL A 53 -11.79 3.26 -8.10
N PHE A 54 -10.53 3.68 -8.18
CA PHE A 54 -10.11 4.98 -7.65
C PHE A 54 -10.79 6.11 -8.42
N PHE A 55 -10.99 5.92 -9.72
CA PHE A 55 -11.64 6.93 -10.55
C PHE A 55 -13.14 6.94 -10.31
N LEU A 56 -13.73 5.74 -10.24
CA LEU A 56 -15.17 5.61 -10.00
C LEU A 56 -15.56 6.20 -8.66
N LEU A 57 -14.66 6.12 -7.68
CA LEU A 57 -14.90 6.68 -6.36
C LEU A 57 -14.43 8.14 -6.29
N GLY A 58 -13.56 8.52 -7.22
CA GLY A 58 -13.05 9.89 -7.25
C GLY A 58 -14.10 10.89 -7.70
N LEU A 59 -15.00 10.44 -8.58
CA LEU A 59 -16.08 11.29 -9.09
C LEU A 59 -17.06 11.69 -7.97
N PRO A 60 -17.64 10.71 -7.23
CA PRO A 60 -18.58 11.01 -6.13
C PRO A 60 -17.90 11.70 -4.95
N PHE A 61 -16.57 11.68 -4.95
CA PHE A 61 -15.78 12.31 -3.87
C PHE A 61 -16.11 13.79 -3.74
N THR A 62 -16.66 14.37 -4.80
CA THR A 62 -17.06 15.77 -4.82
C THR A 62 -18.13 16.03 -3.76
N LEU A 63 -19.01 15.05 -3.58
CA LEU A 63 -20.09 15.13 -2.60
C LEU A 63 -19.63 14.62 -1.25
N LEU A 64 -18.55 13.84 -1.25
CA LEU A 64 -18.00 13.27 -0.02
C LEU A 64 -17.25 14.32 0.78
N GLY A 65 -16.90 15.43 0.12
CA GLY A 65 -16.19 16.51 0.80
C GLY A 65 -17.01 17.11 1.93
N GLY A 66 -18.33 17.10 1.75
CA GLY A 66 -19.22 17.63 2.78
C GLY A 66 -19.39 16.67 3.93
N LEU A 67 -19.28 15.38 3.65
CA LEU A 67 -19.43 14.35 4.69
C LEU A 67 -18.16 14.26 5.54
N LEU A 68 -17.03 14.68 4.96
CA LEU A 68 -15.75 14.65 5.66
C LEU A 68 -15.74 15.65 6.80
N PHE A 69 -16.65 16.63 6.74
CA PHE A 69 -16.76 17.65 7.78
C PHE A 69 -17.34 17.05 9.05
N GLU A 70 -17.95 15.88 8.93
CA GLU A 70 -18.53 15.19 10.08
C GLU A 70 -17.49 14.30 10.75
N HIS A 71 -17.74 13.91 11.99
CA HIS A 71 -16.82 13.07 12.73
C HIS A 71 -16.98 11.59 12.37
N ARG A 72 -16.46 11.22 11.22
CA ARG A 72 -16.54 9.84 10.75
C ARG A 72 -15.26 9.07 11.09
N GLN A 73 -14.85 9.17 12.35
CA GLN A 73 -13.64 8.49 12.81
C GLN A 73 -13.88 6.99 12.94
N THR A 74 -15.15 6.60 13.07
CA THR A 74 -15.53 5.20 13.20
C THR A 74 -15.21 4.43 11.92
N LEU A 75 -15.14 5.13 10.80
CA LEU A 75 -14.85 4.51 9.51
C LEU A 75 -13.35 4.26 9.37
N ALA A 76 -12.55 5.01 10.12
CA ALA A 76 -11.11 4.86 10.08
C ALA A 76 -10.68 3.74 11.02
N ARG A 77 -11.46 3.56 12.09
CA ARG A 77 -11.18 2.51 13.09
C ARG A 77 -11.20 1.13 12.47
N VAL A 78 -11.97 0.97 11.38
CA VAL A 78 -12.06 -0.31 10.68
C VAL A 78 -10.71 -0.71 10.10
N GLY A 79 -9.88 0.30 9.82
CA GLY A 79 -8.56 0.04 9.28
C GLY A 79 -7.68 -0.71 10.26
N GLY A 80 -7.85 -0.41 11.54
CA GLY A 80 -7.08 -1.08 12.57
C GLY A 80 -7.42 -2.55 12.66
N VAL A 81 -8.72 -2.85 12.53
CA VAL A 81 -9.20 -4.22 12.58
C VAL A 81 -8.60 -5.05 11.44
N VAL A 82 -8.49 -4.44 10.26
CA VAL A 82 -7.91 -5.10 9.10
C VAL A 82 -6.44 -5.43 9.35
N LEU A 83 -5.74 -4.51 10.00
CA LEU A 83 -4.32 -4.70 10.33
C LEU A 83 -4.14 -5.89 11.27
N VAL A 84 -5.05 -6.01 12.24
CA VAL A 84 -4.99 -7.11 13.19
C VAL A 84 -5.18 -8.45 12.48
N LEU A 85 -6.15 -8.49 11.56
CA LEU A 85 -6.42 -9.71 10.79
C LEU A 85 -5.19 -10.10 9.97
N PHE A 86 -4.53 -9.11 9.39
CA PHE A 86 -3.32 -9.37 8.59
C PHE A 86 -2.21 -9.90 9.49
N GLY A 87 -2.06 -9.29 10.67
CA GLY A 87 -1.04 -9.73 11.61
C GLY A 87 -1.26 -11.16 12.07
N LEU A 88 -2.51 -11.53 12.27
CA LEU A 88 -2.85 -12.89 12.71
C LEU A 88 -2.49 -13.91 11.63
N TYR A 89 -2.70 -13.54 10.37
CA TYR A 89 -2.38 -14.42 9.25
C TYR A 89 -0.86 -14.48 9.05
N MET A 90 -0.19 -13.39 9.38
CA MET A 90 1.26 -13.31 9.26
C MET A 90 1.94 -14.18 10.31
N LEU A 91 1.25 -14.38 11.43
CA LEU A 91 1.76 -15.23 12.52
C LEU A 91 1.92 -16.68 12.08
N GLY A 92 1.29 -17.03 10.95
CA GLY A 92 1.39 -18.38 10.44
C GLY A 92 0.45 -19.34 11.14
N LEU A 93 -0.54 -18.81 11.84
CA LEU A 93 -1.50 -19.63 12.55
C LEU A 93 -2.52 -20.21 11.59
N ARG A 94 -2.85 -21.48 11.77
CA ARG A 94 -3.80 -22.16 10.91
C ARG A 94 -5.13 -22.40 11.63
N PRO A 95 -6.21 -21.76 11.15
CA PRO A 95 -7.55 -21.91 11.76
C PRO A 95 -8.05 -23.35 11.66
N ARG A 96 -8.41 -23.93 12.80
CA ARG A 96 -8.91 -25.30 12.84
C ARG A 96 -10.43 -25.31 12.75
N TRP A 97 -10.96 -26.16 11.88
CA TRP A 97 -12.40 -26.28 11.72
C TRP A 97 -12.80 -27.74 11.59
N GLY A 98 -12.41 -28.37 10.49
CA GLY A 98 -12.73 -29.77 10.28
C GLY A 98 -11.52 -30.66 10.32
N VAL A 99 -11.71 -31.94 10.04
CA VAL A 99 -10.61 -32.90 10.05
C VAL A 99 -9.75 -32.74 8.80
N SER A 100 -8.65 -32.01 8.93
CA SER A 100 -7.75 -31.77 7.82
C SER A 100 -6.55 -32.72 7.89
N LEU A 101 -6.61 -33.79 7.10
CA LEU A 101 -5.53 -34.78 7.08
C LEU A 101 -4.83 -34.76 5.72
N ARG A 102 -4.80 -33.59 5.10
CA ARG A 102 -4.17 -33.43 3.80
C ARG A 102 -3.27 -32.19 3.81
N TYR A 103 -2.30 -32.16 2.90
CA TYR A 103 -1.38 -31.03 2.83
C TYR A 103 -1.76 -30.09 1.70
N GLU A 104 -2.69 -30.52 0.86
CA GLU A 104 -3.14 -29.70 -0.26
C GLU A 104 -4.66 -29.57 -0.24
N GLY A 105 -5.35 -30.60 -0.73
CA GLY A 105 -6.80 -30.58 -0.77
C GLY A 105 -7.35 -29.77 -1.93
N GLU A 106 -7.04 -28.49 -1.97
CA GLU A 106 -7.48 -27.61 -3.04
C GLU A 106 -6.30 -26.84 -3.63
N THR A 107 -6.60 -25.92 -4.55
CA THR A 107 -5.57 -25.13 -5.21
C THR A 107 -5.07 -24.00 -4.29
N SER A 108 -3.87 -24.18 -3.75
CA SER A 108 -3.27 -23.19 -2.85
C SER A 108 -2.58 -22.06 -3.61
N ARG A 109 -1.87 -22.40 -4.69
CA ARG A 109 -1.15 -21.41 -5.50
C ARG A 109 -2.09 -20.32 -6.05
N PRO A 110 -3.16 -20.70 -6.80
CA PRO A 110 -4.11 -19.71 -7.36
C PRO A 110 -4.83 -18.91 -6.26
N LEU A 111 -4.97 -19.51 -5.09
CA LEU A 111 -5.63 -18.85 -3.96
C LEU A 111 -4.77 -17.71 -3.43
N GLY A 112 -3.44 -17.85 -3.59
CA GLY A 112 -2.53 -16.81 -3.14
C GLY A 112 -2.76 -15.51 -3.89
N ALA A 113 -3.13 -15.63 -5.17
CA ALA A 113 -3.40 -14.46 -6.00
C ALA A 113 -4.76 -13.89 -5.68
N PHE A 114 -5.71 -14.76 -5.34
CA PHE A 114 -7.07 -14.33 -5.00
C PHE A 114 -7.08 -13.61 -3.65
N LEU A 115 -6.28 -14.09 -2.71
CA LEU A 115 -6.20 -13.46 -1.40
C LEU A 115 -5.46 -12.13 -1.48
N LEU A 116 -4.56 -12.02 -2.47
CA LEU A 116 -3.80 -10.79 -2.68
C LEU A 116 -4.73 -9.62 -2.95
N GLY A 117 -5.72 -9.85 -3.81
CA GLY A 117 -6.70 -8.83 -4.13
C GLY A 117 -7.63 -8.57 -2.97
N ALA A 118 -7.84 -9.60 -2.15
CA ALA A 118 -8.71 -9.48 -0.99
C ALA A 118 -8.11 -8.56 0.07
N THR A 119 -6.84 -8.77 0.37
CA THR A 119 -6.13 -7.95 1.36
C THR A 119 -5.93 -6.53 0.82
N LEU A 120 -5.75 -6.41 -0.48
CA LEU A 120 -5.54 -5.12 -1.12
C LEU A 120 -6.84 -4.33 -1.18
N ALA A 121 -7.95 -5.01 -1.47
CA ALA A 121 -9.26 -4.38 -1.52
C ALA A 121 -9.68 -3.85 -0.14
N LEU A 122 -9.11 -4.45 0.89
CA LEU A 122 -9.40 -4.06 2.26
C LEU A 122 -8.59 -2.83 2.65
N GLY A 123 -7.53 -2.56 1.89
CA GLY A 123 -6.70 -1.41 2.14
C GLY A 123 -7.10 -0.23 1.29
N TRP A 124 -8.13 0.48 1.72
CA TRP A 124 -8.65 1.64 0.99
C TRP A 124 -7.64 2.78 0.97
N THR A 125 -7.62 3.57 2.04
CA THR A 125 -6.68 4.68 2.14
C THR A 125 -6.21 4.86 3.59
N PRO A 126 -5.46 3.87 4.13
CA PRO A 126 -4.98 3.94 5.51
C PRO A 126 -3.81 4.92 5.67
N CYS A 127 -2.74 4.70 4.91
CA CYS A 127 -1.58 5.57 4.98
C CYS A 127 -1.76 6.77 4.05
N ILE A 128 -2.70 6.64 3.12
CA ILE A 128 -2.97 7.72 2.17
C ILE A 128 -4.08 8.63 2.70
N GLY A 129 -4.54 8.33 3.91
CA GLY A 129 -5.58 9.15 4.53
C GLY A 129 -5.18 10.62 4.66
N PRO A 130 -4.09 10.92 5.39
CA PRO A 130 -3.60 12.30 5.55
C PRO A 130 -3.26 12.94 4.21
N ILE A 131 -2.73 12.14 3.29
CA ILE A 131 -2.35 12.62 1.97
C ILE A 131 -3.59 13.00 1.16
N LEU A 132 -4.58 12.10 1.12
CA LEU A 132 -5.82 12.37 0.38
C LEU A 132 -6.57 13.55 0.98
N GLY A 133 -6.49 13.69 2.30
CA GLY A 133 -7.14 14.80 2.96
C GLY A 133 -6.61 16.13 2.49
N ALA A 134 -5.29 16.20 2.29
CA ALA A 134 -4.64 17.41 1.81
C ALA A 134 -4.98 17.65 0.34
N ILE A 135 -5.19 16.57 -0.41
CA ILE A 135 -5.54 16.67 -1.82
C ILE A 135 -6.97 17.18 -1.99
N LEU A 136 -7.83 16.85 -1.04
CA LEU A 136 -9.23 17.28 -1.07
C LEU A 136 -9.33 18.81 -1.06
N THR A 137 -8.41 19.45 -0.32
CA THR A 137 -8.39 20.91 -0.25
C THR A 137 -7.93 21.51 -1.58
N LEU A 138 -7.23 20.71 -2.38
CA LEU A 138 -6.76 21.14 -3.69
C LEU A 138 -7.88 21.03 -4.73
N THR A 139 -8.80 20.10 -4.50
CA THR A 139 -9.92 19.90 -5.40
C THR A 139 -10.96 20.99 -5.22
N ALA A 140 -10.89 21.70 -4.09
CA ALA A 140 -11.81 22.77 -3.77
C ALA A 140 -11.55 24.00 -4.65
N VAL A 141 -10.37 24.06 -5.24
CA VAL A 141 -9.98 25.17 -6.11
C VAL A 141 -10.71 25.09 -7.45
N GLY A 142 -11.04 23.87 -7.86
CA GLY A 142 -11.73 23.67 -9.12
C GLY A 142 -11.05 22.62 -9.98
N GLY A 143 -11.03 21.38 -9.51
CA GLY A 143 -10.40 20.32 -10.25
C GLY A 143 -9.17 19.78 -9.55
N GLY A 144 -8.23 19.25 -10.33
CA GLY A 144 -7.02 18.71 -9.75
C GLY A 144 -6.88 17.21 -9.96
N VAL A 145 -7.59 16.69 -10.96
CA VAL A 145 -7.56 15.26 -11.28
C VAL A 145 -6.16 14.86 -11.79
N GLY A 146 -5.44 15.83 -12.35
CA GLY A 146 -4.11 15.56 -12.86
C GLY A 146 -3.16 15.12 -11.76
N PHE A 147 -3.39 15.62 -10.55
CA PHE A 147 -2.55 15.27 -9.41
C PHE A 147 -2.71 13.80 -9.06
N LEU A 148 -3.95 13.32 -9.07
CA LEU A 148 -4.24 11.92 -8.76
C LEU A 148 -3.56 11.00 -9.77
N LEU A 149 -3.65 11.36 -11.05
CA LEU A 149 -3.03 10.58 -12.12
C LEU A 149 -1.51 10.64 -12.02
N ALA A 150 -0.98 11.83 -11.73
CA ALA A 150 0.46 12.01 -11.59
C ALA A 150 0.98 11.21 -10.40
N TYR A 151 0.17 11.12 -9.34
CA TYR A 151 0.55 10.38 -8.15
C TYR A 151 0.78 8.91 -8.45
N ILE A 152 -0.21 8.26 -9.06
CA ILE A 152 -0.11 6.85 -9.40
C ILE A 152 1.01 6.62 -10.41
N LEU A 153 1.08 7.49 -11.42
CA LEU A 153 2.11 7.38 -12.45
C LEU A 153 3.50 7.59 -11.86
N GLY A 154 3.62 8.55 -10.95
CA GLY A 154 4.89 8.84 -10.31
C GLY A 154 5.46 7.64 -9.57
N LEU A 155 4.60 6.91 -8.87
CA LEU A 155 5.03 5.73 -8.13
C LEU A 155 5.15 4.53 -9.05
N ALA A 156 4.39 4.54 -10.15
CA ALA A 156 4.42 3.46 -11.13
C ALA A 156 5.79 3.35 -11.78
N VAL A 157 6.43 4.50 -12.02
CA VAL A 157 7.76 4.53 -12.64
C VAL A 157 8.78 3.67 -11.86
N PRO A 158 9.10 4.00 -10.59
CA PRO A 158 10.04 3.20 -9.80
C PRO A 158 9.56 1.78 -9.56
N PHE A 159 8.25 1.61 -9.36
CA PHE A 159 7.68 0.29 -9.12
C PHE A 159 7.96 -0.66 -10.28
N PHE A 160 7.71 -0.20 -11.49
CA PHE A 160 7.95 -1.03 -12.68
C PHE A 160 9.43 -1.33 -12.85
N VAL A 161 10.28 -0.33 -12.58
CA VAL A 161 11.72 -0.51 -12.69
C VAL A 161 12.21 -1.55 -11.68
N VAL A 162 11.71 -1.45 -10.45
CA VAL A 162 12.07 -2.40 -9.40
C VAL A 162 11.54 -3.79 -9.74
N ALA A 163 10.29 -3.87 -10.18
CA ALA A 163 9.67 -5.14 -10.55
C ALA A 163 10.46 -5.85 -11.64
N LEU A 164 11.03 -5.07 -12.56
CA LEU A 164 11.82 -5.61 -13.65
C LEU A 164 13.14 -6.20 -13.14
N PHE A 165 13.82 -5.47 -12.27
CA PHE A 165 15.08 -5.94 -11.71
C PHE A 165 14.84 -7.07 -10.71
N ALA A 166 13.73 -6.99 -9.99
CA ALA A 166 13.36 -8.00 -9.01
C ALA A 166 12.97 -9.30 -9.69
N ASP A 167 12.64 -9.22 -10.99
CA ASP A 167 12.24 -10.40 -11.76
C ASP A 167 13.42 -11.37 -11.94
N ARG A 168 14.63 -10.82 -11.90
CA ARG A 168 15.84 -11.64 -12.04
C ARG A 168 16.16 -12.36 -10.75
N ILE A 169 16.12 -11.62 -9.64
CA ILE A 169 16.43 -12.17 -8.33
C ILE A 169 15.27 -13.03 -7.81
N LYS A 170 14.09 -12.84 -8.39
CA LYS A 170 12.90 -13.60 -7.99
C LYS A 170 13.13 -15.10 -8.14
N GLY A 171 13.74 -15.50 -9.27
CA GLY A 171 14.01 -16.90 -9.51
C GLY A 171 15.05 -17.47 -8.56
N TRP A 172 15.92 -16.60 -8.06
CA TRP A 172 16.98 -17.01 -7.13
C TRP A 172 16.48 -17.01 -5.69
N LEU A 173 15.70 -15.99 -5.33
CA LEU A 173 15.16 -15.87 -3.98
C LEU A 173 14.08 -16.92 -3.70
N ARG A 174 13.56 -17.53 -4.76
CA ARG A 174 12.53 -18.57 -4.63
C ARG A 174 12.97 -19.66 -3.65
N ARG A 175 14.14 -20.25 -3.91
CA ARG A 175 14.67 -21.31 -3.06
C ARG A 175 15.61 -20.75 -2.00
N ALA A 176 16.07 -19.52 -2.19
CA ALA A 176 16.99 -18.89 -1.25
C ALA A 176 16.23 -18.07 -0.20
N GLY A 177 14.92 -18.08 -0.28
CA GLY A 177 14.10 -17.33 0.66
C GLY A 177 13.82 -18.10 1.94
N ARG A 178 14.89 -18.55 2.59
CA ARG A 178 14.76 -19.30 3.83
C ARG A 178 14.99 -18.39 5.03
N ILE A 179 16.10 -17.67 5.02
CA ILE A 179 16.44 -16.76 6.11
C ILE A 179 15.58 -15.49 6.05
N SER A 180 15.05 -15.19 4.87
CA SER A 180 14.22 -14.01 4.65
C SER A 180 12.91 -14.12 5.42
N HIS A 181 12.55 -15.34 5.81
CA HIS A 181 11.31 -15.58 6.55
C HIS A 181 11.35 -14.89 7.92
N TYR A 182 12.53 -14.79 8.50
CA TYR A 182 12.70 -14.14 9.79
C TYR A 182 12.74 -12.63 9.64
N VAL A 183 13.14 -12.18 8.46
CA VAL A 183 13.22 -10.75 8.17
C VAL A 183 11.82 -10.17 7.94
N GLU A 184 10.89 -11.03 7.54
CA GLU A 184 9.51 -10.62 7.31
C GLU A 184 8.78 -10.39 8.62
N VAL A 185 9.18 -11.12 9.65
CA VAL A 185 8.57 -10.99 10.97
C VAL A 185 8.94 -9.65 11.61
N LEU A 186 10.23 -9.31 11.59
CA LEU A 186 10.71 -8.06 12.15
C LEU A 186 10.05 -6.87 11.47
N ALA A 187 9.95 -6.94 10.14
CA ALA A 187 9.32 -5.87 9.37
C ALA A 187 7.82 -5.82 9.64
N GLY A 188 7.20 -6.99 9.72
CA GLY A 188 5.78 -7.08 9.99
C GLY A 188 5.42 -6.49 11.34
N VAL A 189 6.23 -6.79 12.35
CA VAL A 189 5.99 -6.28 13.70
C VAL A 189 6.04 -4.75 13.72
N VAL A 190 7.12 -4.17 13.19
CA VAL A 190 7.26 -2.72 13.15
C VAL A 190 6.09 -2.08 12.40
N LEU A 191 5.67 -2.72 11.30
CA LEU A 191 4.56 -2.22 10.49
C LEU A 191 3.27 -2.16 11.30
N VAL A 192 2.96 -3.24 12.02
CA VAL A 192 1.75 -3.29 12.84
C VAL A 192 1.88 -2.36 14.05
N LEU A 193 3.10 -2.28 14.60
CA LEU A 193 3.37 -1.42 15.75
C LEU A 193 3.07 0.04 15.44
N VAL A 194 3.63 0.54 14.33
CA VAL A 194 3.41 1.92 13.94
C VAL A 194 1.95 2.14 13.54
N GLY A 195 1.32 1.09 13.03
CA GLY A 195 -0.08 1.19 12.65
C GLY A 195 -0.98 1.42 13.84
N VAL A 196 -0.81 0.61 14.89
CA VAL A 196 -1.62 0.75 16.09
C VAL A 196 -1.28 2.07 16.80
N LEU A 197 0.01 2.44 16.79
CA LEU A 197 0.45 3.68 17.41
C LEU A 197 -0.16 4.89 16.70
N LEU A 198 -0.40 4.77 15.40
CA LEU A 198 -1.00 5.85 14.63
C LEU A 198 -2.50 5.94 14.91
N PHE A 199 -3.10 4.80 15.23
CA PHE A 199 -4.53 4.77 15.53
C PHE A 199 -4.82 5.27 16.94
N THR A 200 -3.99 4.88 17.90
CA THR A 200 -4.19 5.30 19.29
C THR A 200 -3.53 6.66 19.57
N GLY A 201 -2.34 6.88 19.01
CA GLY A 201 -1.64 8.12 19.21
C GLY A 201 -1.96 9.16 18.15
N THR A 202 -2.76 8.76 17.16
CA THR A 202 -3.16 9.65 16.07
C THR A 202 -1.93 10.15 15.29
N PHE A 203 -1.97 11.41 14.85
CA PHE A 203 -0.86 11.99 14.10
C PHE A 203 0.21 12.51 15.05
N THR A 204 -0.11 12.58 16.33
CA THR A 204 0.83 13.04 17.34
C THR A 204 1.97 12.04 17.51
N ALA A 205 1.63 10.76 17.54
CA ALA A 205 2.63 9.70 17.67
C ALA A 205 3.39 9.50 16.36
N LEU A 206 2.72 9.78 15.24
CA LEU A 206 3.35 9.64 13.93
C LEU A 206 4.36 10.77 13.69
N ASN A 207 4.06 11.95 14.22
CA ASN A 207 4.94 13.11 14.06
C ASN A 207 6.29 12.86 14.74
N THR A 208 6.26 12.25 15.92
CA THR A 208 7.48 11.95 16.66
C THR A 208 8.24 10.79 16.01
N PHE A 209 7.51 9.94 15.30
CA PHE A 209 8.12 8.79 14.63
C PHE A 209 8.61 9.15 13.24
N PHE A 210 7.99 10.16 12.63
CA PHE A 210 8.38 10.61 11.29
C PHE A 210 9.60 11.53 11.33
N LEU A 211 9.91 12.03 12.51
CA LEU A 211 11.06 12.92 12.69
C LEU A 211 12.36 12.24 12.26
N ARG A 212 12.45 10.94 12.48
CA ARG A 212 13.63 10.17 12.11
C ARG A 212 13.52 9.61 10.69
N ILE A 213 12.34 9.78 10.09
CA ILE A 213 12.09 9.30 8.74
C ILE A 213 12.04 10.46 7.74
N THR A 214 12.39 11.66 8.22
CA THR A 214 12.40 12.84 7.38
C THR A 214 13.40 12.69 6.22
N PRO A 215 12.92 12.80 4.97
CA PRO A 215 13.78 12.67 3.78
C PRO A 215 14.89 13.71 3.77
N GLU A 216 16.05 13.31 3.24
CA GLU A 216 17.20 14.20 3.16
C GLU A 216 16.92 15.40 2.25
N TRP A 217 15.94 15.25 1.36
CA TRP A 217 15.57 16.32 0.45
C TRP A 217 14.83 17.44 1.18
N LEU A 218 14.18 17.09 2.28
CA LEU A 218 13.44 18.07 3.07
C LEU A 218 14.34 18.68 4.14
N GLN A 219 15.31 17.89 4.61
CA GLN A 219 16.25 18.35 5.62
C GLN A 219 17.20 19.39 5.03
N ARG A 220 17.35 19.36 3.71
CA ARG A 220 18.22 20.32 3.01
C ARG A 220 17.47 21.60 2.69
N TYR A 221 16.14 21.55 2.79
CA TYR A 221 15.30 22.72 2.51
C TYR A 221 14.82 23.36 3.81
N LEU A 222 15.43 22.96 4.92
CA LEU A 222 15.06 23.51 6.22
C LEU A 222 15.90 24.74 6.54
N PRO A 223 15.24 25.89 6.75
CA PRO A 223 15.93 27.14 7.07
C PRO A 223 16.37 27.21 8.54
N SER A 224 17.36 26.40 8.88
CA SER A 224 17.89 26.36 10.24
C SER A 224 18.57 27.67 10.61
#